data_8DG7
#
_entry.id   8DG7
#
_cell.length_a   1.00
_cell.length_b   1.00
_cell.length_c   1.00
_cell.angle_alpha   90.00
_cell.angle_beta   90.00
_cell.angle_gamma   90.00
#
_symmetry.space_group_name_H-M   'P 1'
#
loop_
_entity.id
_entity.type
_entity.pdbx_description
1 polymer 'Endoribonuclease Dcr-1'
2 polymer 'RNA (22-MER)'
3 polymer 'RNA (38-MER)'
4 polymer 'Loquacious, isoform B'
5 non-polymer 'MAGNESIUM ION'
6 non-polymer "URIDINE-5'-MONOPHOSPHATE"
#
loop_
_entity_poly.entity_id
_entity_poly.type
_entity_poly.pdbx_seq_one_letter_code
_entity_poly.pdbx_strand_id
1 'polypeptide(L)'
;MAFHWCDNNLHTTVFTPRDFQVELLATAYERNTIICLGHRSSKEFIALKLLQELSRRARRHGRVSVYLSCEVGTSTEPCS
IYTMLTHLTDLRVWQEQPDMQIPFDHCWTDYHVSILRPEGFLYLLETRELLLSRVELIVLEDCHDSAVYQRIRPLFENHI
MPAPPADRPRILGLAGPLHSAGCELQQLSAMLATLEQSVLCQIESASDIVTVLRYCSRPHEYIVQCAPFEMDELSLVLAD
VLNTHKSFLLDHRYDPYEIYGTDQFMDELKDIPDPKVDPLNVINSLLVVLHEMGPWCTQRAAHHFYQCNEKLKVKTPHER
HYLLYCLVSTALIQLYSLCEHAFHRHLGSGSDSRQTIERYSSPKVRRLLQTLRCFKPEEVHTQADGLRRMRHQVDQADFN
RLSHTLESKCRMVDQLDQPPTETRALVATLEQILHTTEDRQTNRSAARVTPTPTPAHAKPKPSSGANTAQPRTRRRVYTR
RHHRDHNDGSDTLCALIYCNQNHTARVLFELLAEISRRDPDLKFLRCQYTTDRVADPTTEPKEAELEHRRQEEVLKRFRM
HDCNVLIGTSVLEEGIDVPKCNLVVRWDPPTTYRSYVQCKGRARAAPAYHVILVAPSYKSPTVGSVQLTDRSHRYICATG
DTTEADSDSDDSAMPNSSGSDPYTFGTARGTVKILNPEVFSKQPPTACDIKLQEIQDELPASAQLDTSNSSDEAVSMSNT
SPSESSTEQKSRRFQCELSSLTEPEDTSDTTAEIDTAHSLASTTKDLVHQMAQYREIEQMLLSKCANTEPPEQEQCEAER
FSACLAAYRPKPHLLTGASVDLGSAIALVNKYCARLPSDTFTKLTALWRCTRNERAGVTLFQYTLRLPINSPLKHDIVGL
PMPTQTLARRLAALQACVELHRIGELDDQLQPIGKEGFRALEPDWECFELEPEDEQIVQLSDEPRPGTTKRRQYYYKRIA
SEFCDCRPVAGAPCYLYFIQLTLQCPIPEEQNTRGRKIYPPEDAQQGFGILTTKRIPKLSAFSIFTRSGEVKVSLELAKE
RVILTSEQIVCINGFLNYTFTNVLRLQKFLMLFDPDSTENCVFIVPTVKAPAGGKHIDWQFLELIQANGNTMPRAVPDEE
RQAQPFDPQRFQDAVVMPWYRNQDQPQYFYVAEICPHLSPLSCFPGDNYRTFKHYYLVKYGLTIQNTSQPLLDVDHTSAR
LNFLTPRYVNRKGVALPTSSEETKRAKRENLEQKQILVPELCTVHPFPASLWRTAVCLPCILYRINGLLLADDIRKQVSA
DLGLGRQQIEDEDFEWPMLDFGWSLSEVLKKSRESKQKESLKDDTINGKDLVDVEKKAISEETQIDKDSKDDKVEKSAIE
LIIEGEEKLQEADDFIEIGTWSNDMADDIASFNQEDDDEDDAFHLPVLPANVKFCDQQTRYGSPTFWDVSNGESGFKGPK
SSQNKQGGKGKAKGPAKPTFNYYDSDNSLGSSYDDDDNAGPLNYMHHNYSSDDDDVADDIDAGRIAFTSKNEAETIETAQ
EVEKRQKQLSIIQATNANERQYQQTKNLLIGFNFKHEDQKEPATIRYEESIAKLKTEIESGGMLVPHDQQLVLKRSDAAE
AQVAKVSMMELLKQLLPYVNEDVLAKKLGDRRELLLSDLVELNADWVARHEQETYNVMGCGDSFDNYNDHHRLNLDEKQL
KLQYERIEIEPPTSTKAITSAILPAGFSFDRQPDLVGHPGPSPSIILQALTMSNANDGINLERLETIGDSFLKYAITTYL
YITYENVHEGKLSHLRSKQVANLNLYRLGRRKRLGEYMIATKFEPHDNWLPPCYYVPKELEKALIEAKIPTHHWKLADLL
DIKNLSSVQICEMVREKADALGLEQNGGAQNGQLDDSNDSCNDFSCFIPYNLVSQHSIPDKSIADCVEALIGAYLIECGP
RGALLFMAWLGVRVLPITRQLDGGNQEQRIPGSTKPNAENVVTVYGAWPTPRSPLLHFAPNATEELDQLLSGFEEFEESL
GYKFRDRSYLLQAMTHASYTPNRLTDCYQRLEFLGDAVLDYLITRHLYEDPRQHSPGALTDLRSALVNNTIFASLAVRHG
FHKFFRHLSPGLNDVIDRFVRIQQENGHCISEEYYLLSEEECDDAEDVEVPKALGDVFESIAGAIFLDSNMSLDVVWHVY
SNMMSPEIEQFSNSVPKSPIRELLELEPETAKFGKPEKLADGRRVRVTVDVFCKGTFRGIGRNYRIAKCTAAKCALRQLK
KQGLIAKKD
;
A
2 'polyribonucleotide' GAGGUAGUAGGUUGUAUAGUA E
3 'polyribonucleotide' GUAAUUACACAUCAUACUAUACAACCUACUACCUCUCU F
4 'polypeptide(L)'
;MDQENFHGSSLPQQLQNLHIQPQQASPNPVQTGFAPRRHYNNLVGLGNGNAVSGSPVKGAPLGQRHVKLKKEKISAQVAQ
LSQPGQLQLSDVGDPALAGGSGLQGGVGLMGVILPSDEALKFVSETDANGLAMKTPVSILQELLSRRGITPGYELVQIEG
AIHEPTFRFRVSFKDKDTPFTAMGAGRSKKEAKHAAARALIDKLIGAQLPESPSSSAGPSVTGLTVAGSGGDGNANATGG
GDASDKTVGNPIGWLQEMCMQRRWPPPSYETETEVGLPHERLFTIACSILNYREMGKGKSKKIAKRLAAHRMWMRLQETP
IDSGKISDSICGELEGEPRSSENYYGELKDISVPTLTTQHSNKVSQFHKTLKNATGKKLLKLQKTCLKNNKIDYIKLLGE
IATENQFEVTYVDIEEKTFSGQFQCLVQLSTLPVGVCHGSGPTAADAQRHAAQNALEYLKIMTKK
;
K
#
# COMPACT_ATOMS: atom_id res chain seq x y z
N HIS A 11 -24.08 -15.03 -12.04
CA HIS A 11 -24.62 -14.14 -11.02
C HIS A 11 -26.07 -13.81 -11.34
N THR A 12 -26.58 -14.39 -12.43
CA THR A 12 -27.77 -13.89 -13.10
C THR A 12 -29.08 -13.94 -12.31
N THR A 13 -29.61 -15.14 -12.03
CA THR A 13 -30.99 -15.26 -11.56
C THR A 13 -31.10 -15.96 -10.21
N VAL A 14 -30.07 -15.93 -9.39
CA VAL A 14 -30.06 -16.80 -8.22
C VAL A 14 -29.64 -16.02 -6.97
N PHE A 15 -29.50 -14.71 -7.12
CA PHE A 15 -28.83 -13.76 -6.21
C PHE A 15 -27.36 -14.16 -6.15
N THR A 16 -26.68 -13.85 -5.05
CA THR A 16 -25.33 -14.33 -4.83
C THR A 16 -25.25 -14.99 -3.47
N PRO A 17 -24.62 -16.16 -3.38
CA PRO A 17 -24.63 -16.91 -2.13
C PRO A 17 -23.56 -16.42 -1.16
N ARG A 18 -23.90 -16.51 0.12
CA ARG A 18 -22.89 -16.36 1.16
C ARG A 18 -21.92 -17.53 1.08
N ASP A 19 -20.68 -17.31 1.51
CA ASP A 19 -19.77 -18.43 1.63
C ASP A 19 -20.26 -19.38 2.70
N PHE A 20 -20.03 -20.68 2.47
CA PHE A 20 -20.78 -21.73 3.14
C PHE A 20 -20.53 -21.78 4.64
N GLN A 21 -19.46 -21.16 5.13
CA GLN A 21 -19.17 -21.16 6.56
C GLN A 21 -20.24 -20.41 7.35
N VAL A 22 -20.59 -19.20 6.93
CA VAL A 22 -21.62 -18.48 7.66
C VAL A 22 -23.00 -19.00 7.34
N GLU A 23 -23.18 -19.66 6.19
CA GLU A 23 -24.44 -20.34 5.91
C GLU A 23 -24.67 -21.48 6.90
N LEU A 24 -23.64 -22.28 7.14
CA LEU A 24 -23.73 -23.33 8.15
C LEU A 24 -23.86 -22.74 9.53
N LEU A 25 -23.24 -21.59 9.77
CA LEU A 25 -23.38 -20.87 11.03
C LEU A 25 -24.82 -20.43 11.25
N ALA A 26 -25.47 -19.94 10.19
CA ALA A 26 -26.85 -19.50 10.31
C ALA A 26 -27.79 -20.68 10.51
N THR A 27 -27.56 -21.79 9.79
CA THR A 27 -28.42 -22.95 9.95
C THR A 27 -28.26 -23.59 11.31
N ALA A 28 -27.03 -23.64 11.83
CA ALA A 28 -26.80 -24.16 13.18
C ALA A 28 -27.17 -23.17 14.26
N TYR A 29 -27.30 -21.89 13.90
CA TYR A 29 -27.98 -20.92 14.76
C TYR A 29 -29.47 -21.21 14.82
N GLU A 30 -30.04 -21.63 13.70
CA GLU A 30 -31.48 -21.87 13.62
C GLU A 30 -31.88 -23.08 14.45
N ARG A 31 -31.13 -24.17 14.37
CA ARG A 31 -31.53 -25.43 14.99
C ARG A 31 -30.29 -26.24 15.32
N ASN A 32 -30.50 -27.51 15.65
CA ASN A 32 -29.40 -28.45 15.78
C ASN A 32 -28.90 -28.85 14.40
N THR A 33 -27.59 -29.02 14.26
CA THR A 33 -27.02 -29.21 12.93
C THR A 33 -25.77 -30.06 13.00
N ILE A 34 -25.73 -31.12 12.19
CA ILE A 34 -24.51 -31.91 12.00
C ILE A 34 -23.82 -31.32 10.77
N ILE A 35 -22.82 -30.47 10.99
CA ILE A 35 -22.07 -29.89 9.90
C ILE A 35 -21.19 -30.94 9.26
N CYS A 36 -21.61 -31.45 8.10
CA CYS A 36 -20.80 -32.41 7.37
C CYS A 36 -19.75 -31.67 6.53
N LEU A 37 -18.76 -31.16 7.24
CA LEU A 37 -17.65 -30.42 6.67
C LEU A 37 -16.35 -31.17 6.84
N GLY A 38 -15.60 -31.30 5.76
CA GLY A 38 -14.36 -32.03 5.80
C GLY A 38 -13.25 -31.33 6.55
N HIS A 39 -12.89 -30.12 6.10
CA HIS A 39 -11.74 -29.40 6.62
C HIS A 39 -11.95 -29.00 8.07
N ARG A 40 -10.96 -29.30 8.91
CA ARG A 40 -11.08 -28.98 10.32
C ARG A 40 -10.86 -27.50 10.61
N SER A 41 -10.20 -26.77 9.70
CA SER A 41 -9.98 -25.35 9.93
C SER A 41 -11.27 -24.55 9.78
N SER A 42 -12.03 -24.83 8.72
CA SER A 42 -13.34 -24.20 8.55
C SER A 42 -14.30 -24.65 9.64
N LYS A 43 -14.20 -25.91 10.04
CA LYS A 43 -14.98 -26.40 11.17
C LYS A 43 -14.63 -25.67 12.45
N GLU A 44 -13.37 -25.31 12.63
CA GLU A 44 -12.96 -24.60 13.85
C GLU A 44 -13.37 -23.15 13.80
N PHE A 45 -13.35 -22.54 12.60
CA PHE A 45 -13.86 -21.18 12.44
C PHE A 45 -15.36 -21.13 12.76
N ILE A 46 -16.12 -22.08 12.24
CA ILE A 46 -17.55 -22.17 12.50
C ILE A 46 -17.83 -22.43 13.97
N ALA A 47 -17.06 -23.32 14.60
CA ALA A 47 -17.22 -23.60 16.01
C ALA A 47 -16.90 -22.37 16.86
N LEU A 48 -15.85 -21.64 16.50
CA LEU A 48 -15.49 -20.40 17.17
C LEU A 48 -16.63 -19.39 17.09
N LYS A 49 -17.20 -19.26 15.90
CA LYS A 49 -18.21 -18.22 15.69
C LYS A 49 -19.51 -18.54 16.41
N LEU A 50 -20.00 -19.79 16.34
CA LEU A 50 -21.18 -20.03 17.16
C LEU A 50 -20.86 -20.04 18.65
N LEU A 51 -19.61 -20.30 19.04
CA LEU A 51 -19.28 -20.15 20.44
C LEU A 51 -19.40 -18.70 20.89
N GLN A 52 -18.95 -17.75 20.07
CA GLN A 52 -19.08 -16.36 20.51
C GLN A 52 -20.50 -15.79 20.36
N GLU A 53 -21.24 -16.14 19.30
CA GLU A 53 -22.65 -15.73 19.20
C GLU A 53 -23.52 -16.32 20.31
N LEU A 54 -23.49 -17.63 20.52
CA LEU A 54 -24.29 -18.13 21.63
C LEU A 54 -23.62 -17.91 22.99
N SER A 55 -22.41 -17.35 23.02
CA SER A 55 -21.92 -16.74 24.25
C SER A 55 -22.59 -15.40 24.49
N ARG A 56 -22.78 -14.61 23.42
CA ARG A 56 -23.49 -13.34 23.54
C ARG A 56 -24.91 -13.56 24.00
N ARG A 57 -25.57 -14.60 23.48
CA ARG A 57 -26.85 -15.00 24.05
C ARG A 57 -26.67 -15.58 25.45
N ALA A 58 -25.54 -16.26 25.69
CA ALA A 58 -25.33 -16.93 26.96
C ALA A 58 -24.86 -15.98 28.05
N ARG A 59 -24.30 -14.83 27.72
CA ARG A 59 -23.83 -13.90 28.75
C ARG A 59 -24.94 -12.98 29.23
N ARG A 60 -26.10 -13.53 29.56
CA ARG A 60 -27.23 -12.76 30.04
C ARG A 60 -27.58 -13.12 31.47
N HIS A 61 -27.84 -14.39 31.74
CA HIS A 61 -28.11 -14.89 33.08
C HIS A 61 -27.04 -15.85 33.57
N GLY A 62 -26.06 -16.18 32.72
CA GLY A 62 -24.98 -17.07 33.06
C GLY A 62 -25.21 -18.46 32.50
N ARG A 63 -24.64 -18.73 31.33
CA ARG A 63 -24.74 -20.04 30.69
C ARG A 63 -23.37 -20.42 30.15
N VAL A 64 -23.12 -21.72 30.07
CA VAL A 64 -21.82 -22.26 29.70
C VAL A 64 -22.00 -23.10 28.44
N SER A 65 -21.04 -23.03 27.53
CA SER A 65 -21.08 -23.80 26.30
C SER A 65 -19.83 -24.67 26.21
N VAL A 66 -20.01 -25.95 25.90
CA VAL A 66 -18.93 -26.93 25.99
C VAL A 66 -18.46 -27.36 24.61
N TYR A 67 -17.24 -27.88 24.58
CA TYR A 67 -16.58 -28.42 23.39
C TYR A 67 -15.96 -29.76 23.78
N LEU A 68 -16.80 -30.69 24.23
CA LEU A 68 -16.33 -32.03 24.53
C LEU A 68 -15.59 -32.64 23.34
N SER A 69 -14.39 -33.14 23.60
CA SER A 69 -13.44 -33.45 22.54
C SER A 69 -12.72 -34.75 22.86
N CYS A 70 -12.11 -35.32 21.82
CA CYS A 70 -11.48 -36.64 21.94
C CYS A 70 -9.96 -36.62 21.85
N GLU A 71 -9.36 -35.70 21.09
CA GLU A 71 -7.91 -35.57 21.08
C GLU A 71 -7.44 -34.57 22.14
N VAL A 72 -7.95 -34.74 23.36
CA VAL A 72 -7.74 -33.82 24.48
C VAL A 72 -7.75 -34.66 25.75
N GLY A 73 -6.79 -34.42 26.65
CA GLY A 73 -6.82 -35.03 27.95
C GLY A 73 -5.85 -36.16 28.17
N THR A 74 -4.89 -36.37 27.27
CA THR A 74 -3.80 -37.29 27.48
C THR A 74 -2.48 -36.55 27.63
N SER A 75 -2.12 -35.75 26.64
CA SER A 75 -0.98 -34.85 26.76
C SER A 75 -1.41 -33.59 27.51
N THR A 76 -0.45 -32.93 28.13
CA THR A 76 -0.72 -31.74 28.91
C THR A 76 -0.78 -30.47 28.08
N GLU A 77 -0.52 -30.55 26.78
CA GLU A 77 -0.53 -29.35 25.95
C GLU A 77 -1.96 -28.94 25.61
N PRO A 78 -2.25 -27.64 25.62
CA PRO A 78 -3.49 -27.14 25.02
C PRO A 78 -3.62 -27.54 23.55
N CYS A 79 -4.86 -27.80 23.14
CA CYS A 79 -5.17 -28.21 21.77
C CYS A 79 -5.23 -26.97 20.87
N SER A 80 -5.71 -27.14 19.64
CA SER A 80 -5.79 -26.01 18.72
C SER A 80 -6.96 -25.10 19.03
N ILE A 81 -8.07 -25.66 19.51
CA ILE A 81 -9.24 -24.87 19.83
C ILE A 81 -9.01 -24.01 21.08
N TYR A 82 -8.17 -24.48 22.01
CA TYR A 82 -7.77 -23.65 23.15
C TYR A 82 -7.06 -22.39 22.71
N THR A 83 -6.08 -22.52 21.80
CA THR A 83 -5.39 -21.35 21.27
C THR A 83 -6.35 -20.47 20.47
N MET A 84 -7.19 -21.11 19.64
CA MET A 84 -8.18 -20.43 18.81
C MET A 84 -9.12 -19.57 19.64
N LEU A 85 -9.49 -20.05 20.82
CA LEU A 85 -10.58 -19.49 21.60
C LEU A 85 -10.13 -18.61 22.75
N THR A 86 -8.90 -18.77 23.23
CA THR A 86 -8.38 -17.82 24.22
C THR A 86 -7.46 -16.80 23.60
N HIS A 87 -7.05 -16.99 22.34
CA HIS A 87 -6.27 -15.95 21.68
C HIS A 87 -7.18 -14.91 21.05
N LEU A 88 -8.33 -15.32 20.51
CA LEU A 88 -9.12 -14.48 19.62
C LEU A 88 -10.48 -14.08 20.20
N THR A 89 -10.81 -14.47 21.43
CA THR A 89 -12.01 -14.01 22.09
C THR A 89 -11.64 -13.47 23.45
N ASP A 90 -12.65 -13.03 24.20
CA ASP A 90 -12.48 -12.69 25.60
C ASP A 90 -12.99 -13.79 26.52
N LEU A 91 -13.30 -14.97 25.96
CA LEU A 91 -13.84 -16.07 26.73
C LEU A 91 -12.70 -16.84 27.39
N ARG A 92 -12.77 -16.97 28.71
CA ARG A 92 -11.74 -17.69 29.47
C ARG A 92 -12.06 -19.19 29.41
N VAL A 93 -11.40 -19.87 28.51
CA VAL A 93 -11.60 -21.31 28.34
C VAL A 93 -10.85 -22.06 29.43
N TRP A 94 -11.36 -23.23 29.80
CA TRP A 94 -10.78 -24.07 30.85
C TRP A 94 -10.74 -25.54 30.41
N GLN A 95 -10.05 -25.80 29.29
CA GLN A 95 -9.88 -27.16 28.80
C GLN A 95 -9.33 -28.09 29.87
N GLU A 96 -9.97 -29.24 30.01
CA GLU A 96 -9.62 -30.25 31.00
C GLU A 96 -8.25 -30.82 30.68
N GLN A 97 -7.26 -30.53 31.53
CA GLN A 97 -5.96 -31.17 31.43
C GLN A 97 -6.10 -32.62 31.87
N PRO A 98 -5.17 -33.50 31.45
CA PRO A 98 -5.21 -34.90 31.89
C PRO A 98 -5.18 -35.04 33.41
N ASP A 99 -6.24 -35.69 33.93
CA ASP A 99 -6.51 -35.85 35.36
C ASP A 99 -6.61 -34.49 36.06
N MET A 100 -7.67 -33.76 35.70
CA MET A 100 -8.08 -32.60 36.47
C MET A 100 -8.38 -32.96 37.92
N GLN A 101 -7.82 -32.17 38.82
CA GLN A 101 -8.08 -32.27 40.25
C GLN A 101 -8.97 -31.16 40.77
N ILE A 102 -9.39 -30.23 39.87
CA ILE A 102 -10.11 -28.97 40.10
C ILE A 102 -9.52 -28.26 41.33
N PRO A 103 -8.37 -27.62 41.19
CA PRO A 103 -7.63 -27.14 42.36
C PRO A 103 -8.36 -26.00 43.08
N PHE A 104 -8.47 -26.16 44.39
CA PHE A 104 -9.15 -25.25 45.34
C PHE A 104 -10.61 -25.08 44.92
N ASP A 105 -11.22 -23.94 45.26
CA ASP A 105 -12.60 -23.66 44.92
C ASP A 105 -12.62 -22.97 43.56
N HIS A 106 -12.80 -23.76 42.50
CA HIS A 106 -12.71 -23.29 41.12
C HIS A 106 -13.88 -23.84 40.30
N CYS A 107 -15.10 -23.62 40.81
CA CYS A 107 -16.31 -24.15 40.19
C CYS A 107 -16.50 -23.59 38.78
N TRP A 108 -17.15 -24.40 37.94
CA TRP A 108 -17.14 -24.23 36.49
C TRP A 108 -18.08 -23.15 35.99
N THR A 109 -18.67 -22.35 36.88
CA THR A 109 -19.57 -21.30 36.45
C THR A 109 -18.84 -20.16 35.76
N ASP A 110 -17.66 -19.78 36.27
CA ASP A 110 -16.95 -18.61 35.78
C ASP A 110 -15.97 -18.94 34.66
N TYR A 111 -16.43 -19.69 33.67
CA TYR A 111 -15.69 -19.91 32.44
C TYR A 111 -16.70 -20.07 31.31
N HIS A 112 -16.53 -19.32 30.24
CA HIS A 112 -17.54 -19.27 29.19
C HIS A 112 -17.51 -20.54 28.35
N VAL A 113 -16.44 -20.77 27.63
CA VAL A 113 -16.24 -22.04 26.97
C VAL A 113 -15.51 -22.95 27.94
N SER A 114 -15.94 -24.21 27.98
CA SER A 114 -15.54 -25.15 29.03
C SER A 114 -15.18 -26.50 28.42
N ILE A 115 -14.26 -26.47 27.45
CA ILE A 115 -13.73 -27.59 26.68
C ILE A 115 -13.50 -28.84 27.53
N LEU A 116 -13.90 -30.01 27.03
CA LEU A 116 -13.87 -31.22 27.83
C LEU A 116 -13.60 -32.40 26.92
N ARG A 117 -13.87 -33.57 27.43
CA ARG A 117 -13.98 -34.95 27.02
C ARG A 117 -15.39 -35.44 27.32
N PRO A 118 -15.91 -36.35 26.48
CA PRO A 118 -17.28 -36.86 26.72
C PRO A 118 -17.43 -37.54 28.07
N GLU A 119 -16.45 -38.37 28.45
CA GLU A 119 -16.47 -39.01 29.75
C GLU A 119 -16.35 -37.99 30.87
N GLY A 120 -15.57 -36.93 30.66
CA GLY A 120 -15.56 -35.83 31.59
C GLY A 120 -16.89 -35.10 31.65
N PHE A 121 -17.57 -35.01 30.50
CA PHE A 121 -18.86 -34.32 30.50
C PHE A 121 -19.90 -35.09 31.30
N LEU A 122 -19.96 -36.41 31.16
CA LEU A 122 -20.79 -37.18 32.08
C LEU A 122 -20.26 -37.15 33.51
N TYR A 123 -18.95 -36.94 33.68
CA TYR A 123 -18.40 -36.86 35.04
C TYR A 123 -18.94 -35.65 35.79
N LEU A 124 -18.99 -34.48 35.16
CA LEU A 124 -19.68 -33.37 35.83
C LEU A 124 -21.18 -33.37 35.63
N LEU A 125 -21.72 -34.19 34.73
CA LEU A 125 -23.17 -34.32 34.65
C LEU A 125 -23.71 -35.11 35.82
N GLU A 126 -23.00 -36.17 36.22
CA GLU A 126 -23.42 -36.95 37.39
C GLU A 126 -23.01 -36.30 38.70
N THR A 127 -22.05 -35.38 38.67
CA THR A 127 -21.68 -34.59 39.85
C THR A 127 -22.58 -33.37 39.98
N ARG A 128 -23.49 -33.16 39.02
CA ARG A 128 -24.44 -32.05 38.96
C ARG A 128 -23.73 -30.70 38.95
N GLU A 129 -22.56 -30.64 38.32
CA GLU A 129 -21.82 -29.38 38.21
C GLU A 129 -22.18 -28.63 36.94
N LEU A 130 -21.94 -29.24 35.78
CA LEU A 130 -22.38 -28.68 34.51
C LEU A 130 -23.81 -29.14 34.26
N LEU A 131 -24.77 -28.29 34.60
CA LEU A 131 -26.17 -28.64 34.40
C LEU A 131 -26.51 -28.66 32.91
N LEU A 132 -27.25 -29.68 32.49
CA LEU A 132 -27.62 -29.79 31.08
C LEU A 132 -28.68 -28.77 30.68
N SER A 133 -29.41 -28.22 31.65
CA SER A 133 -30.30 -27.10 31.35
C SER A 133 -29.50 -25.81 31.16
N ARG A 134 -28.51 -25.59 32.02
CA ARG A 134 -27.77 -24.33 32.04
C ARG A 134 -26.74 -24.22 30.93
N VAL A 135 -26.40 -25.31 30.25
CA VAL A 135 -25.51 -25.19 29.10
C VAL A 135 -26.29 -24.70 27.90
N GLU A 136 -25.68 -23.81 27.14
CA GLU A 136 -26.32 -23.19 25.99
C GLU A 136 -25.92 -23.83 24.67
N LEU A 137 -24.76 -24.47 24.61
CA LEU A 137 -24.32 -25.08 23.37
C LEU A 137 -23.48 -26.29 23.74
N ILE A 138 -23.64 -27.37 22.97
CA ILE A 138 -22.88 -28.61 23.18
C ILE A 138 -22.21 -28.92 21.84
N VAL A 139 -20.98 -28.45 21.69
CA VAL A 139 -20.27 -28.63 20.42
C VAL A 139 -19.54 -29.96 20.55
N LEU A 140 -20.25 -31.04 20.23
CA LEU A 140 -19.60 -32.34 20.19
C LEU A 140 -18.77 -32.45 18.92
N GLU A 141 -17.50 -32.81 19.07
CA GLU A 141 -16.59 -32.86 17.93
C GLU A 141 -16.81 -34.17 17.19
N ASP A 142 -15.93 -34.46 16.21
CA ASP A 142 -16.14 -35.35 15.07
C ASP A 142 -16.79 -36.68 15.39
N CYS A 143 -17.99 -36.88 14.84
CA CYS A 143 -18.92 -37.93 15.28
C CYS A 143 -19.41 -38.78 14.11
N HIS A 144 -18.67 -38.78 13.01
CA HIS A 144 -18.97 -39.67 11.89
C HIS A 144 -18.20 -40.97 11.97
N ASP A 145 -17.74 -41.35 13.17
CA ASP A 145 -16.95 -42.57 13.35
C ASP A 145 -17.54 -43.39 14.50
N SER A 146 -17.14 -44.66 14.54
CA SER A 146 -17.76 -45.62 15.44
C SER A 146 -17.35 -45.42 16.89
N ALA A 147 -16.06 -45.21 17.14
CA ALA A 147 -15.56 -45.15 18.51
C ALA A 147 -16.06 -43.90 19.22
N VAL A 148 -16.10 -42.77 18.52
CA VAL A 148 -16.62 -41.55 19.11
C VAL A 148 -18.13 -41.67 19.34
N TYR A 149 -18.83 -42.39 18.46
CA TYR A 149 -20.25 -42.68 18.68
C TYR A 149 -20.44 -43.54 19.93
N GLN A 150 -19.58 -44.53 20.14
CA GLN A 150 -19.73 -45.38 21.31
C GLN A 150 -19.38 -44.63 22.59
N ARG A 151 -18.45 -43.68 22.51
CA ARG A 151 -18.19 -42.80 23.65
C ARG A 151 -19.34 -41.83 23.86
N ILE A 152 -20.05 -41.45 22.79
CA ILE A 152 -21.09 -40.44 22.88
C ILE A 152 -22.45 -41.03 23.23
N ARG A 153 -22.61 -42.35 23.05
CA ARG A 153 -23.86 -43.03 23.40
C ARG A 153 -24.28 -42.90 24.87
N PRO A 154 -23.40 -42.99 25.89
CA PRO A 154 -23.87 -42.66 27.24
C PRO A 154 -24.27 -41.20 27.44
N LEU A 155 -23.83 -40.28 26.58
CA LEU A 155 -24.21 -38.89 26.79
C LEU A 155 -25.66 -38.65 26.38
N PHE A 156 -26.09 -39.22 25.26
CA PHE A 156 -27.40 -38.90 24.73
C PHE A 156 -28.41 -40.03 24.82
N GLU A 157 -27.99 -41.25 25.17
CA GLU A 157 -28.98 -42.24 25.56
C GLU A 157 -29.58 -41.89 26.91
N ASN A 158 -28.80 -41.26 27.79
CA ASN A 158 -29.22 -40.99 29.16
C ASN A 158 -29.61 -39.55 29.42
N HIS A 159 -29.51 -38.66 28.43
CA HIS A 159 -29.88 -37.26 28.60
C HIS A 159 -30.72 -36.78 27.43
N ILE A 160 -31.69 -37.59 27.03
CA ILE A 160 -32.75 -37.21 26.11
C ILE A 160 -34.12 -37.33 26.75
N MET A 161 -34.36 -38.43 27.45
CA MET A 161 -35.64 -38.62 28.16
C MET A 161 -35.89 -37.61 29.29
N PRO A 162 -34.96 -37.33 30.22
CA PRO A 162 -35.29 -36.31 31.23
C PRO A 162 -35.25 -34.88 30.71
N ALA A 163 -34.61 -34.65 29.56
CA ALA A 163 -34.43 -33.29 29.07
C ALA A 163 -35.41 -33.00 27.96
N PRO A 164 -36.37 -32.09 28.16
CA PRO A 164 -37.26 -31.71 27.06
C PRO A 164 -36.50 -30.94 26.00
N PRO A 165 -36.95 -30.98 24.74
CA PRO A 165 -36.33 -30.19 23.67
C PRO A 165 -36.34 -28.69 23.91
N ALA A 166 -37.26 -28.20 24.75
CA ALA A 166 -37.23 -26.79 25.16
C ALA A 166 -35.97 -26.49 25.97
N ASP A 167 -35.62 -27.37 26.90
CA ASP A 167 -34.44 -27.17 27.73
C ASP A 167 -33.17 -27.75 27.12
N ARG A 168 -33.29 -28.51 26.04
CA ARG A 168 -32.12 -29.05 25.38
C ARG A 168 -31.43 -27.95 24.58
N PRO A 169 -30.12 -27.75 24.73
CA PRO A 169 -29.44 -26.70 23.97
C PRO A 169 -29.18 -27.10 22.53
N ARG A 170 -28.47 -26.25 21.78
CA ARG A 170 -28.12 -26.60 20.42
C ARG A 170 -27.05 -27.68 20.42
N ILE A 171 -27.19 -28.63 19.50
CA ILE A 171 -26.36 -29.84 19.47
C ILE A 171 -25.57 -29.86 18.18
N LEU A 172 -24.99 -28.70 17.84
CA LEU A 172 -23.90 -28.58 16.87
C LEU A 172 -22.93 -29.74 16.99
N GLY A 173 -22.76 -30.47 15.91
CA GLY A 173 -21.86 -31.61 15.92
C GLY A 173 -21.02 -31.68 14.67
N LEU A 174 -19.70 -31.59 14.82
CA LEU A 174 -18.84 -31.36 13.67
C LEU A 174 -18.36 -32.67 13.06
N ALA A 175 -19.32 -33.45 12.56
CA ALA A 175 -18.96 -34.71 11.96
C ALA A 175 -18.28 -34.49 10.61
N GLY A 176 -17.75 -35.57 10.05
CA GLY A 176 -16.96 -35.47 8.84
C GLY A 176 -17.82 -35.28 7.62
N PRO A 177 -17.17 -35.24 6.46
CA PRO A 177 -17.91 -35.09 5.19
C PRO A 177 -18.75 -36.33 4.93
N LEU A 178 -20.06 -36.10 4.73
CA LEU A 178 -21.07 -37.17 4.76
C LEU A 178 -20.85 -38.20 3.66
N HIS A 179 -20.33 -37.76 2.52
CA HIS A 179 -20.18 -38.62 1.36
C HIS A 179 -18.97 -39.55 1.46
N SER A 180 -17.92 -39.07 2.10
CA SER A 180 -16.84 -39.97 2.51
C SER A 180 -16.89 -40.09 4.04
N ALA A 181 -17.80 -40.96 4.49
CA ALA A 181 -18.07 -41.13 5.91
C ALA A 181 -18.52 -42.56 6.16
N GLY A 182 -17.95 -43.14 7.21
CA GLY A 182 -18.37 -44.47 7.60
C GLY A 182 -17.98 -45.54 6.59
N CYS A 183 -18.98 -46.29 6.15
CA CYS A 183 -18.77 -47.37 5.21
C CYS A 183 -20.05 -47.65 4.46
N GLU A 184 -19.95 -48.57 3.48
CA GLU A 184 -20.98 -49.12 2.60
C GLU A 184 -21.87 -48.07 1.93
N LEU A 185 -22.93 -48.55 1.27
CA LEU A 185 -23.81 -47.71 0.48
C LEU A 185 -25.29 -48.00 0.68
N GLN A 186 -25.66 -49.22 1.06
CA GLN A 186 -27.06 -49.57 1.23
C GLN A 186 -27.62 -48.95 2.49
N GLN A 187 -26.92 -49.11 3.61
CA GLN A 187 -27.37 -48.62 4.89
C GLN A 187 -26.88 -47.21 5.18
N LEU A 188 -26.55 -46.44 4.15
CA LEU A 188 -26.04 -45.09 4.35
C LEU A 188 -27.10 -44.17 4.95
N SER A 189 -28.29 -44.16 4.34
CA SER A 189 -29.37 -43.31 4.82
C SER A 189 -29.84 -43.73 6.21
N ALA A 190 -29.87 -45.03 6.48
CA ALA A 190 -30.19 -45.51 7.82
C ALA A 190 -29.09 -45.15 8.82
N MET A 191 -27.84 -45.12 8.37
CA MET A 191 -26.74 -44.70 9.23
C MET A 191 -26.89 -43.24 9.65
N LEU A 192 -27.18 -42.35 8.69
CA LEU A 192 -27.44 -40.96 9.05
C LEU A 192 -28.71 -40.81 9.87
N ALA A 193 -29.73 -41.64 9.60
CA ALA A 193 -30.99 -41.57 10.35
C ALA A 193 -30.77 -41.91 11.82
N THR A 194 -30.04 -43.00 12.08
CA THR A 194 -29.67 -43.36 13.44
C THR A 194 -28.77 -42.32 14.07
N LEU A 195 -27.92 -41.67 13.26
CA LEU A 195 -27.08 -40.59 13.76
C LEU A 195 -27.91 -39.43 14.26
N GLU A 196 -28.92 -38.99 13.50
CA GLU A 196 -29.72 -37.87 14.01
C GLU A 196 -30.64 -38.30 15.15
N GLN A 197 -31.14 -39.54 15.13
CA GLN A 197 -32.00 -39.97 16.22
C GLN A 197 -31.22 -40.17 17.53
N SER A 198 -29.93 -40.47 17.46
CA SER A 198 -29.16 -40.65 18.68
C SER A 198 -28.79 -39.32 19.32
N VAL A 199 -28.15 -38.43 18.56
CA VAL A 199 -27.56 -37.22 19.13
C VAL A 199 -28.55 -36.07 19.12
N LEU A 200 -29.81 -36.36 18.72
CA LEU A 200 -30.92 -35.41 18.71
C LEU A 200 -30.62 -34.20 17.83
N CYS A 201 -30.42 -34.46 16.54
CA CYS A 201 -29.91 -33.45 15.64
C CYS A 201 -30.61 -33.59 14.29
N GLN A 202 -30.20 -32.75 13.34
CA GLN A 202 -30.62 -32.81 11.94
C GLN A 202 -29.43 -32.44 11.09
N ILE A 203 -29.04 -33.30 10.14
CA ILE A 203 -27.92 -32.98 9.28
C ILE A 203 -28.30 -31.82 8.37
N GLU A 204 -27.46 -30.79 8.35
CA GLU A 204 -27.72 -29.57 7.60
C GLU A 204 -26.53 -29.23 6.72
N SER A 205 -26.06 -30.22 5.97
CA SER A 205 -24.81 -30.12 5.23
C SER A 205 -24.89 -29.16 4.06
N ALA A 206 -24.46 -27.92 4.26
CA ALA A 206 -24.47 -26.89 3.23
C ALA A 206 -23.03 -26.39 3.05
N SER A 207 -22.26 -27.10 2.22
CA SER A 207 -20.84 -26.80 2.09
C SER A 207 -20.44 -26.63 0.64
N ASP A 208 -19.13 -26.50 0.38
CA ASP A 208 -18.63 -26.32 -0.99
C ASP A 208 -18.87 -27.55 -1.85
N ILE A 209 -19.01 -28.73 -1.24
CA ILE A 209 -19.50 -29.90 -1.96
C ILE A 209 -20.93 -29.68 -2.40
N VAL A 210 -21.72 -28.98 -1.60
CA VAL A 210 -23.14 -28.79 -1.86
C VAL A 210 -23.42 -27.48 -2.57
N THR A 211 -22.77 -26.40 -2.16
CA THR A 211 -23.07 -25.06 -2.68
C THR A 211 -22.21 -24.75 -3.92
N VAL A 212 -22.15 -25.74 -4.82
CA VAL A 212 -21.77 -25.53 -6.20
C VAL A 212 -22.89 -26.21 -6.97
N LEU A 213 -23.46 -27.24 -6.34
CA LEU A 213 -24.62 -27.90 -6.93
C LEU A 213 -25.87 -27.05 -6.75
N ARG A 214 -25.97 -26.34 -5.63
CA ARG A 214 -27.19 -25.62 -5.32
C ARG A 214 -27.24 -24.26 -6.00
N TYR A 215 -26.35 -23.35 -5.61
CA TYR A 215 -26.46 -21.96 -6.03
C TYR A 215 -25.65 -21.64 -7.26
N CYS A 216 -24.75 -22.51 -7.66
CA CYS A 216 -23.96 -22.29 -8.85
C CYS A 216 -24.52 -23.14 -9.99
N SER A 217 -23.82 -23.15 -11.12
CA SER A 217 -24.26 -23.90 -12.28
C SER A 217 -24.17 -25.39 -12.01
N ARG A 218 -25.09 -26.15 -12.59
CA ARG A 218 -25.07 -27.60 -12.52
C ARG A 218 -24.87 -28.14 -13.92
N PRO A 219 -23.65 -28.56 -14.29
CA PRO A 219 -23.41 -28.97 -15.67
C PRO A 219 -24.03 -30.33 -15.96
N HIS A 220 -24.35 -30.54 -17.22
CA HIS A 220 -24.90 -31.82 -17.68
C HIS A 220 -23.76 -32.82 -17.76
N GLU A 221 -23.71 -33.74 -16.80
CA GLU A 221 -22.62 -34.70 -16.76
C GLU A 221 -22.93 -35.88 -17.67
N TYR A 222 -21.86 -36.49 -18.18
CA TYR A 222 -21.96 -37.56 -19.16
C TYR A 222 -20.97 -38.66 -18.81
N ILE A 223 -21.47 -39.87 -18.64
CA ILE A 223 -20.64 -41.07 -18.54
C ILE A 223 -20.52 -41.71 -19.91
N VAL A 224 -19.29 -41.90 -20.38
CA VAL A 224 -19.04 -42.45 -21.70
C VAL A 224 -18.22 -43.72 -21.57
N GLN A 225 -18.73 -44.82 -22.13
CA GLN A 225 -17.93 -46.01 -22.37
C GLN A 225 -17.16 -45.81 -23.66
N CYS A 226 -15.86 -46.10 -23.64
CA CYS A 226 -15.10 -46.04 -24.89
C CYS A 226 -15.22 -47.36 -25.65
N ALA A 227 -14.56 -48.40 -25.14
CA ALA A 227 -14.56 -49.82 -25.53
C ALA A 227 -13.62 -50.55 -24.58
N PRO A 228 -13.74 -51.86 -24.41
CA PRO A 228 -12.63 -52.63 -23.85
C PRO A 228 -11.48 -52.67 -24.85
N PHE A 229 -10.26 -52.75 -24.34
CA PHE A 229 -9.07 -52.74 -25.18
C PHE A 229 -8.92 -54.13 -25.79
N GLU A 230 -9.31 -54.27 -27.05
CA GLU A 230 -9.04 -55.52 -27.76
C GLU A 230 -7.55 -55.58 -28.05
N MET A 231 -6.93 -56.67 -27.60
CA MET A 231 -5.53 -56.65 -27.24
C MET A 231 -4.68 -57.15 -28.40
N ASP A 232 -3.88 -56.25 -29.00
CA ASP A 232 -3.22 -56.51 -30.27
C ASP A 232 -1.85 -57.14 -30.05
N GLU A 233 -1.11 -57.35 -31.13
CA GLU A 233 0.13 -58.13 -31.10
C GLU A 233 1.25 -57.38 -30.38
N LEU A 234 1.34 -56.06 -30.56
CA LEU A 234 2.33 -55.26 -29.85
C LEU A 234 2.12 -55.32 -28.35
N SER A 235 0.87 -55.15 -27.92
CA SER A 235 0.58 -55.20 -26.50
C SER A 235 0.71 -56.63 -25.96
N LEU A 236 0.47 -57.63 -26.82
CA LEU A 236 0.72 -59.03 -26.42
C LEU A 236 2.21 -59.26 -26.14
N VAL A 237 3.08 -58.77 -27.03
CA VAL A 237 4.52 -58.95 -26.88
C VAL A 237 5.03 -58.18 -25.67
N LEU A 238 4.55 -56.94 -25.49
CA LEU A 238 4.94 -56.11 -24.36
C LEU A 238 4.51 -56.73 -23.03
N ALA A 239 3.28 -57.26 -22.98
CA ALA A 239 2.81 -57.92 -21.78
C ALA A 239 3.55 -59.23 -21.52
N ASP A 240 3.97 -59.92 -22.59
CA ASP A 240 4.79 -61.12 -22.44
C ASP A 240 6.13 -60.80 -21.81
N VAL A 241 6.77 -59.72 -22.27
CA VAL A 241 8.04 -59.27 -21.71
C VAL A 241 7.89 -58.85 -20.25
N LEU A 242 6.84 -58.06 -19.94
CA LEU A 242 6.68 -57.56 -18.59
C LEU A 242 6.26 -58.67 -17.62
N ASN A 243 5.49 -59.66 -18.09
CA ASN A 243 5.15 -60.79 -17.25
C ASN A 243 6.35 -61.73 -17.09
N THR A 244 7.25 -61.75 -18.07
CA THR A 244 8.50 -62.51 -17.92
C THR A 244 9.36 -61.92 -16.81
N HIS A 245 9.47 -60.61 -16.74
CA HIS A 245 10.29 -59.98 -15.71
C HIS A 245 9.57 -59.72 -14.39
N LYS A 246 8.23 -59.77 -14.35
CA LYS A 246 7.51 -59.47 -13.12
C LYS A 246 7.69 -60.55 -12.08
N SER A 247 7.56 -61.82 -12.48
CA SER A 247 7.80 -62.92 -11.55
C SER A 247 9.27 -63.00 -11.16
N PHE A 248 10.17 -62.54 -12.03
CA PHE A 248 11.58 -62.48 -11.71
C PHE A 248 11.86 -61.43 -10.65
N LEU A 249 11.23 -60.27 -10.76
CA LEU A 249 11.38 -59.24 -9.75
C LEU A 249 10.66 -59.58 -8.46
N LEU A 250 9.66 -60.46 -8.52
CA LEU A 250 8.87 -60.79 -7.34
C LEU A 250 9.68 -61.51 -6.27
N ASP A 251 10.69 -62.28 -6.67
CA ASP A 251 11.39 -63.18 -5.76
C ASP A 251 12.89 -62.88 -5.74
N HIS A 252 13.24 -61.59 -5.62
CA HIS A 252 14.64 -61.20 -5.57
C HIS A 252 15.25 -61.57 -4.22
N ARG A 253 16.59 -61.66 -4.19
CA ARG A 253 17.31 -62.07 -2.99
C ARG A 253 18.57 -61.24 -2.83
N TYR A 254 19.13 -61.32 -1.63
CA TYR A 254 20.42 -60.71 -1.30
C TYR A 254 21.31 -61.77 -0.66
N ASP A 255 22.53 -61.88 -1.17
CA ASP A 255 23.52 -62.78 -0.58
C ASP A 255 24.81 -62.00 -0.33
N PRO A 256 25.50 -62.27 0.80
CA PRO A 256 26.74 -61.55 1.10
C PRO A 256 27.92 -62.04 0.26
N ASP A 278 10.68 -51.58 -4.00
CA ASP A 278 10.87 -50.49 -4.97
C ASP A 278 10.70 -50.88 -6.46
N PRO A 279 11.44 -51.88 -7.01
CA PRO A 279 11.32 -52.10 -8.45
C PRO A 279 10.08 -52.85 -8.87
N LEU A 280 9.42 -53.57 -7.95
CA LEU A 280 8.17 -54.23 -8.27
C LEU A 280 7.04 -53.22 -8.48
N ASN A 281 7.07 -52.10 -7.76
CA ASN A 281 6.06 -51.07 -7.94
C ASN A 281 6.21 -50.39 -9.30
N VAL A 282 7.44 -50.23 -9.78
CA VAL A 282 7.68 -49.59 -11.07
C VAL A 282 7.70 -50.56 -12.23
N ILE A 283 7.65 -51.87 -11.97
CA ILE A 283 7.37 -52.83 -13.03
C ILE A 283 5.92 -53.27 -13.05
N ASN A 284 5.16 -53.00 -11.97
CA ASN A 284 3.74 -53.34 -11.91
C ASN A 284 2.87 -52.25 -12.52
N SER A 285 3.08 -50.99 -12.11
CA SER A 285 2.23 -49.89 -12.54
C SER A 285 2.49 -49.46 -13.98
N LEU A 286 3.55 -49.96 -14.61
CA LEU A 286 3.70 -49.77 -16.04
C LEU A 286 2.69 -50.59 -16.84
N LEU A 287 2.32 -51.77 -16.33
CA LEU A 287 1.43 -52.67 -17.05
C LEU A 287 0.01 -52.14 -17.13
N VAL A 288 -0.45 -51.40 -16.13
CA VAL A 288 -1.81 -50.86 -16.18
C VAL A 288 -1.93 -49.74 -17.21
N VAL A 289 -0.82 -49.05 -17.52
CA VAL A 289 -0.80 -48.09 -18.62
C VAL A 289 -1.05 -48.79 -19.94
N LEU A 290 -0.44 -49.96 -20.11
CA LEU A 290 -0.71 -50.77 -21.29
C LEU A 290 -2.13 -51.33 -21.28
N HIS A 291 -2.65 -51.63 -20.09
CA HIS A 291 -3.97 -52.23 -19.98
C HIS A 291 -5.07 -51.22 -20.27
N GLU A 292 -4.82 -49.92 -20.02
CA GLU A 292 -5.90 -48.95 -20.13
C GLU A 292 -5.62 -47.80 -21.09
N MET A 293 -4.37 -47.58 -21.51
CA MET A 293 -4.10 -46.51 -22.46
C MET A 293 -3.38 -46.93 -23.75
N GLY A 294 -2.73 -48.08 -23.79
CA GLY A 294 -2.21 -48.60 -25.02
C GLY A 294 -0.70 -48.69 -25.09
N PRO A 295 -0.18 -49.17 -26.23
CA PRO A 295 1.26 -49.45 -26.33
C PRO A 295 2.16 -48.23 -26.51
N TRP A 296 1.69 -47.25 -27.28
CA TRP A 296 2.49 -46.05 -27.49
C TRP A 296 2.55 -45.24 -26.20
N CYS A 297 1.43 -45.18 -25.47
CA CYS A 297 1.44 -44.58 -24.15
C CYS A 297 2.27 -45.40 -23.16
N THR A 298 2.33 -46.72 -23.34
CA THR A 298 3.23 -47.54 -22.53
C THR A 298 4.68 -47.15 -22.77
N GLN A 299 5.05 -46.88 -24.02
CA GLN A 299 6.39 -46.40 -24.34
C GLN A 299 6.67 -45.04 -23.71
N ARG A 300 5.71 -44.11 -23.84
CA ARG A 300 5.93 -42.76 -23.33
C ARG A 300 5.88 -42.68 -21.82
N ALA A 301 5.26 -43.66 -21.15
CA ALA A 301 5.36 -43.74 -19.69
C ALA A 301 6.58 -44.52 -19.23
N ALA A 302 7.03 -45.50 -20.01
CA ALA A 302 8.27 -46.20 -19.69
C ALA A 302 9.48 -45.32 -19.84
N HIS A 303 9.43 -44.30 -20.72
CA HIS A 303 10.50 -43.33 -20.78
C HIS A 303 10.62 -42.51 -19.51
N HIS A 304 9.47 -42.06 -18.96
CA HIS A 304 9.46 -41.35 -17.70
C HIS A 304 9.94 -42.23 -16.55
N PHE A 305 9.48 -43.48 -16.53
CA PHE A 305 9.95 -44.42 -15.52
C PHE A 305 11.43 -44.74 -15.68
N TYR A 306 11.94 -44.77 -16.91
CA TYR A 306 13.35 -45.04 -17.17
C TYR A 306 14.22 -43.87 -16.70
N GLN A 307 13.77 -42.64 -16.93
CA GLN A 307 14.52 -41.49 -16.44
C GLN A 307 14.51 -41.43 -14.91
N CYS A 308 13.36 -41.75 -14.29
CA CYS A 308 13.34 -41.81 -12.83
C CYS A 308 14.19 -42.93 -12.27
N ASN A 309 14.23 -44.09 -12.95
CA ASN A 309 15.03 -45.20 -12.47
C ASN A 309 16.53 -44.95 -12.66
N GLU A 310 16.91 -44.24 -13.72
CA GLU A 310 18.32 -43.89 -13.86
C GLU A 310 18.68 -42.74 -12.92
N LYS A 311 17.70 -41.95 -12.49
CA LYS A 311 17.95 -40.98 -11.42
C LYS A 311 18.18 -41.67 -10.09
N LEU A 312 17.41 -42.71 -9.80
CA LEU A 312 17.43 -43.37 -8.51
C LEU A 312 18.47 -44.48 -8.39
N LYS A 313 18.90 -45.07 -9.51
CA LYS A 313 19.76 -46.25 -9.48
C LYS A 313 21.23 -45.95 -9.21
N VAL A 314 21.66 -44.68 -9.37
CA VAL A 314 23.07 -44.37 -9.13
C VAL A 314 23.38 -44.34 -7.64
N LYS A 315 22.44 -43.88 -6.81
CA LYS A 315 22.68 -43.74 -5.38
C LYS A 315 22.45 -45.04 -4.61
N THR A 316 22.47 -46.18 -5.27
CA THR A 316 22.22 -47.46 -4.61
C THR A 316 23.47 -47.90 -3.83
N PRO A 317 23.37 -48.10 -2.52
CA PRO A 317 24.52 -48.62 -1.75
C PRO A 317 24.59 -50.13 -1.69
N HIS A 318 23.68 -50.83 -2.35
CA HIS A 318 23.58 -52.28 -2.29
C HIS A 318 23.86 -52.89 -3.65
N GLU A 319 24.64 -53.98 -3.65
CA GLU A 319 25.03 -54.64 -4.88
C GLU A 319 23.87 -55.35 -5.56
N ARG A 320 23.03 -56.05 -4.79
CA ARG A 320 21.91 -56.78 -5.37
C ARG A 320 20.82 -55.82 -5.85
N HIS A 321 20.54 -54.78 -5.07
CA HIS A 321 19.57 -53.77 -5.48
C HIS A 321 20.05 -53.02 -6.72
N TYR A 322 21.36 -52.85 -6.88
CA TYR A 322 21.89 -52.24 -8.08
C TYR A 322 21.59 -53.09 -9.31
N LEU A 323 21.75 -54.42 -9.17
CA LEU A 323 21.42 -55.32 -10.27
C LEU A 323 19.91 -55.31 -10.56
N LEU A 324 19.09 -55.21 -9.51
CA LEU A 324 17.64 -55.13 -9.69
C LEU A 324 17.24 -53.89 -10.48
N TYR A 325 17.78 -52.73 -10.09
CA TYR A 325 17.42 -51.49 -10.79
C TYR A 325 18.02 -51.44 -12.19
N CYS A 326 19.17 -52.11 -12.41
CA CYS A 326 19.69 -52.23 -13.77
C CYS A 326 18.79 -53.10 -14.64
N LEU A 327 18.26 -54.19 -14.06
CA LEU A 327 17.26 -55.02 -14.75
C LEU A 327 16.04 -54.20 -15.15
N VAL A 328 15.52 -53.40 -14.23
CA VAL A 328 14.34 -52.59 -14.52
C VAL A 328 14.63 -51.57 -15.60
N SER A 329 15.75 -50.83 -15.48
CA SER A 329 16.07 -49.79 -16.45
C SER A 329 16.29 -50.37 -17.83
N THR A 330 16.96 -51.52 -17.93
CA THR A 330 17.16 -52.09 -19.24
C THR A 330 15.88 -52.71 -19.81
N ALA A 331 14.96 -53.18 -18.98
CA ALA A 331 13.66 -53.63 -19.50
C ALA A 331 12.86 -52.48 -20.06
N LEU A 332 12.90 -51.33 -19.37
CA LEU A 332 12.25 -50.12 -19.88
C LEU A 332 12.90 -49.65 -21.19
N ILE A 333 14.23 -49.82 -21.29
CA ILE A 333 14.94 -49.53 -22.54
C ILE A 333 14.42 -50.38 -23.68
N GLN A 334 14.28 -51.69 -23.46
CA GLN A 334 13.89 -52.56 -24.56
C GLN A 334 12.43 -52.37 -24.94
N LEU A 335 11.57 -52.05 -23.97
CA LEU A 335 10.19 -51.71 -24.32
C LEU A 335 10.12 -50.43 -25.14
N TYR A 336 10.88 -49.40 -24.77
CA TYR A 336 10.92 -48.14 -25.52
C TYR A 336 11.40 -48.38 -26.95
N SER A 337 12.49 -49.14 -27.11
CA SER A 337 13.05 -49.35 -28.43
C SER A 337 12.18 -50.25 -29.28
N LEU A 338 11.51 -51.24 -28.66
CA LEU A 338 10.58 -52.09 -29.38
C LEU A 338 9.39 -51.29 -29.91
N CYS A 339 8.84 -50.40 -29.08
CA CYS A 339 7.72 -49.59 -29.55
C CYS A 339 8.15 -48.60 -30.64
N GLU A 340 9.34 -48.00 -30.47
CA GLU A 340 9.83 -47.03 -31.46
C GLU A 340 10.09 -47.70 -32.81
N HIS A 341 10.76 -48.86 -32.79
CA HIS A 341 10.94 -49.66 -34.00
C HIS A 341 9.61 -50.16 -34.56
N ALA A 342 8.61 -50.34 -33.71
CA ALA A 342 7.31 -50.80 -34.19
C ALA A 342 6.60 -49.71 -34.99
N PHE A 343 6.32 -48.56 -34.37
CA PHE A 343 5.49 -47.58 -35.06
C PHE A 343 6.29 -46.47 -35.74
N HIS A 344 7.61 -46.61 -35.84
CA HIS A 344 8.40 -45.64 -36.58
C HIS A 344 9.09 -46.21 -37.81
N ARG A 345 9.36 -47.51 -37.83
CA ARG A 345 9.87 -48.17 -39.03
C ARG A 345 8.75 -48.65 -39.94
N HIS A 346 7.72 -49.27 -39.37
CA HIS A 346 6.58 -49.73 -40.17
C HIS A 346 5.63 -48.59 -40.52
N LEU A 347 5.76 -47.44 -39.88
CA LEU A 347 4.96 -46.27 -40.23
C LEU A 347 5.86 -45.12 -40.65
N SER A 353 0.34 -38.46 -36.54
CA SER A 353 0.22 -39.08 -35.23
C SER A 353 -1.23 -39.33 -34.88
N ARG A 354 -2.15 -38.71 -35.64
CA ARG A 354 -3.57 -38.99 -35.46
C ARG A 354 -3.90 -40.43 -35.85
N GLN A 355 -3.42 -40.86 -37.02
CA GLN A 355 -3.60 -42.24 -37.44
C GLN A 355 -2.77 -43.20 -36.60
N THR A 356 -1.62 -42.74 -36.11
CA THR A 356 -0.79 -43.56 -35.24
C THR A 356 -1.47 -43.83 -33.91
N ILE A 357 -2.12 -42.81 -33.33
CA ILE A 357 -2.91 -43.01 -32.12
C ILE A 357 -4.15 -43.84 -32.43
N GLU A 358 -4.73 -43.63 -33.61
CA GLU A 358 -5.94 -44.35 -34.01
C GLU A 358 -5.68 -45.85 -34.15
N ARG A 359 -4.46 -46.23 -34.55
CA ARG A 359 -4.20 -47.64 -34.76
C ARG A 359 -3.50 -48.32 -33.59
N TYR A 360 -2.61 -47.61 -32.88
CA TYR A 360 -1.78 -48.21 -31.84
C TYR A 360 -2.01 -47.57 -30.47
N SER A 361 -3.28 -47.40 -30.08
CA SER A 361 -3.58 -46.95 -28.73
C SER A 361 -4.92 -47.54 -28.30
N SER A 362 -5.29 -47.26 -27.06
CA SER A 362 -6.55 -47.77 -26.54
C SER A 362 -7.71 -46.89 -27.00
N PRO A 363 -8.92 -47.46 -27.06
CA PRO A 363 -10.11 -46.64 -27.32
C PRO A 363 -10.41 -45.57 -26.28
N LYS A 364 -9.84 -45.66 -25.07
CA LYS A 364 -10.07 -44.63 -24.06
C LYS A 364 -9.49 -43.28 -24.48
N VAL A 365 -8.26 -43.27 -25.00
CA VAL A 365 -7.71 -42.02 -25.51
C VAL A 365 -8.38 -41.59 -26.81
N ARG A 366 -8.96 -42.52 -27.57
CA ARG A 366 -9.74 -42.15 -28.75
C ARG A 366 -11.02 -41.45 -28.34
N ARG A 367 -11.67 -41.93 -27.28
CA ARG A 367 -12.84 -41.26 -26.73
C ARG A 367 -12.47 -39.89 -26.15
N LEU A 368 -11.29 -39.80 -25.52
CA LEU A 368 -10.79 -38.53 -25.03
C LEU A 368 -10.59 -37.53 -26.17
N LEU A 369 -10.01 -37.98 -27.28
CA LEU A 369 -9.79 -37.09 -28.42
C LEU A 369 -11.09 -36.74 -29.11
N GLN A 370 -12.07 -37.64 -29.13
CA GLN A 370 -13.39 -37.30 -29.66
C GLN A 370 -14.06 -36.24 -28.80
N THR A 371 -13.95 -36.38 -27.47
CA THR A 371 -14.51 -35.39 -26.56
C THR A 371 -13.84 -34.03 -26.74
N LEU A 372 -12.53 -34.02 -26.91
CA LEU A 372 -11.83 -32.76 -27.11
C LEU A 372 -12.07 -32.16 -28.50
N ARG A 373 -12.34 -33.01 -29.51
CA ARG A 373 -12.63 -32.51 -30.85
C ARG A 373 -14.08 -32.07 -31.00
N CYS A 374 -14.97 -32.44 -30.07
CA CYS A 374 -16.32 -31.90 -30.10
C CYS A 374 -16.34 -30.42 -29.75
N PHE A 375 -15.32 -29.94 -29.03
CA PHE A 375 -15.23 -28.55 -28.60
C PHE A 375 -14.39 -27.77 -29.61
N LYS A 376 -14.74 -26.49 -29.78
CA LYS A 376 -14.09 -25.64 -30.76
C LYS A 376 -14.26 -24.17 -30.39
N THR A 492 -14.86 -19.38 -23.16
CA THR A 492 -13.53 -19.93 -23.33
C THR A 492 -13.47 -21.36 -22.78
N LEU A 493 -12.59 -22.18 -23.35
CA LEU A 493 -12.42 -23.56 -22.90
C LEU A 493 -11.39 -23.61 -21.77
N CYS A 494 -11.81 -24.11 -20.61
CA CYS A 494 -10.93 -24.31 -19.48
C CYS A 494 -11.10 -25.75 -19.02
N ALA A 495 -10.09 -26.58 -19.28
CA ALA A 495 -10.18 -28.03 -19.08
C ALA A 495 -9.36 -28.47 -17.88
N LEU A 496 -9.99 -29.29 -17.03
CA LEU A 496 -9.40 -29.70 -15.77
C LEU A 496 -9.38 -31.22 -15.67
N ILE A 497 -8.85 -31.88 -16.70
CA ILE A 497 -8.68 -33.33 -16.69
C ILE A 497 -7.89 -33.77 -15.48
N TYR A 498 -8.31 -34.87 -14.86
CA TYR A 498 -7.62 -35.38 -13.69
C TYR A 498 -6.97 -36.71 -14.03
N CYS A 499 -6.35 -37.31 -13.02
CA CYS A 499 -5.69 -38.60 -13.15
C CYS A 499 -5.70 -39.28 -11.79
N ASN A 500 -4.96 -40.38 -11.70
CA ASN A 500 -4.78 -41.08 -10.43
C ASN A 500 -3.34 -41.13 -9.98
N GLN A 501 -2.39 -41.26 -10.90
CA GLN A 501 -0.99 -41.42 -10.56
C GLN A 501 -0.15 -40.42 -11.36
N ASN A 502 0.98 -40.03 -10.78
CA ASN A 502 1.76 -38.90 -11.26
C ASN A 502 2.51 -39.18 -12.55
N HIS A 503 2.55 -40.43 -13.00
CA HIS A 503 3.15 -40.76 -14.29
C HIS A 503 2.14 -40.73 -15.43
N THR A 504 0.88 -41.09 -15.13
CA THR A 504 -0.19 -41.02 -16.12
C THR A 504 -0.40 -39.60 -16.62
N ALA A 505 -0.24 -38.62 -15.73
CA ALA A 505 -0.34 -37.22 -16.12
C ALA A 505 0.74 -36.84 -17.12
N ARG A 506 1.97 -37.35 -16.95
CA ARG A 506 3.03 -36.97 -17.85
C ARG A 506 2.94 -37.68 -19.20
N VAL A 507 2.49 -38.94 -19.22
CA VAL A 507 2.32 -39.57 -20.53
C VAL A 507 1.11 -38.96 -21.26
N LEU A 508 0.08 -38.53 -20.51
CA LEU A 508 -0.99 -37.74 -21.11
C LEU A 508 -0.49 -36.39 -21.59
N PHE A 509 0.51 -35.82 -20.92
CA PHE A 509 1.13 -34.57 -21.36
C PHE A 509 1.82 -34.75 -22.69
N GLU A 510 2.59 -35.83 -22.83
CA GLU A 510 3.23 -36.13 -24.11
C GLU A 510 2.21 -36.39 -25.20
N LEU A 511 1.11 -37.09 -24.87
CA LEU A 511 0.06 -37.38 -25.85
C LEU A 511 -0.62 -36.11 -26.33
N LEU A 512 -1.06 -35.26 -25.40
CA LEU A 512 -1.75 -34.03 -25.76
C LEU A 512 -0.84 -33.08 -26.52
N ALA A 513 0.44 -33.00 -26.13
CA ALA A 513 1.39 -32.17 -26.86
C ALA A 513 1.63 -32.68 -28.27
N GLU A 514 1.73 -34.01 -28.43
CA GLU A 514 1.99 -34.58 -29.75
C GLU A 514 0.79 -34.40 -30.69
N ILE A 515 -0.43 -34.60 -30.18
CA ILE A 515 -1.62 -34.35 -30.99
C ILE A 515 -1.77 -32.88 -31.31
N SER A 516 -1.51 -31.99 -30.33
CA SER A 516 -1.66 -30.56 -30.56
C SER A 516 -0.64 -30.04 -31.55
N ARG A 517 0.58 -30.59 -31.55
CA ARG A 517 1.58 -30.14 -32.49
C ARG A 517 1.54 -30.89 -33.81
N ARG A 518 0.76 -31.97 -33.90
CA ARG A 518 0.66 -32.72 -35.16
C ARG A 518 -0.70 -32.55 -35.83
N ASP A 519 -1.79 -32.78 -35.09
CA ASP A 519 -3.12 -32.65 -35.68
C ASP A 519 -3.45 -31.17 -35.92
N PRO A 520 -3.80 -30.79 -37.15
CA PRO A 520 -4.11 -29.38 -37.42
C PRO A 520 -5.41 -28.90 -36.80
N ASP A 521 -6.31 -29.81 -36.42
CA ASP A 521 -7.59 -29.39 -35.86
C ASP A 521 -7.43 -28.81 -34.47
N LEU A 522 -6.71 -29.50 -33.59
CA LEU A 522 -6.58 -29.10 -32.20
C LEU A 522 -5.30 -28.29 -31.97
N LYS A 523 -5.17 -27.19 -32.70
CA LYS A 523 -4.06 -26.27 -32.52
C LYS A 523 -4.28 -25.32 -31.36
N PHE A 524 -5.47 -25.32 -30.76
CA PHE A 524 -5.81 -24.43 -29.66
C PHE A 524 -5.62 -25.08 -28.30
N LEU A 525 -4.75 -26.09 -28.20
CA LEU A 525 -4.58 -26.85 -26.97
C LEU A 525 -3.21 -26.53 -26.37
N ARG A 526 -3.21 -25.72 -25.32
CA ARG A 526 -2.02 -25.46 -24.52
C ARG A 526 -2.05 -26.36 -23.30
N CYS A 527 -1.04 -27.23 -23.17
CA CYS A 527 -1.06 -28.29 -22.17
C CYS A 527 -0.05 -27.99 -21.06
N GLN A 528 -0.50 -28.10 -19.81
CA GLN A 528 0.36 -28.04 -18.64
C GLN A 528 -0.07 -29.13 -17.67
N TYR A 529 0.85 -29.58 -16.82
CA TYR A 529 0.55 -30.71 -15.95
C TYR A 529 1.23 -30.49 -14.60
N THR A 530 0.69 -31.16 -13.58
CA THR A 530 1.24 -31.16 -12.23
C THR A 530 1.17 -32.55 -11.64
N THR A 531 2.03 -32.82 -10.66
CA THR A 531 1.96 -34.04 -9.88
C THR A 531 1.47 -33.73 -8.46
N ASP A 532 1.45 -34.73 -7.60
CA ASP A 532 1.18 -34.53 -6.18
C ASP A 532 2.47 -34.07 -5.49
N ARG A 533 2.36 -33.82 -4.18
CA ARG A 533 3.51 -33.44 -3.37
C ARG A 533 3.69 -34.44 -2.24
N VAL A 534 4.92 -34.92 -2.05
CA VAL A 534 5.23 -35.92 -1.04
C VAL A 534 6.35 -35.48 -0.10
N ALA A 535 7.44 -34.94 -0.64
CA ALA A 535 8.66 -34.76 0.14
C ALA A 535 8.61 -33.46 0.95
N ASP A 536 9.74 -33.10 1.53
CA ASP A 536 9.87 -31.98 2.46
C ASP A 536 11.04 -31.10 2.04
N PRO A 537 11.03 -29.82 2.43
CA PRO A 537 12.22 -28.98 2.22
C PRO A 537 13.41 -29.36 3.07
N THR A 538 13.20 -30.12 4.15
CA THR A 538 14.29 -30.46 5.05
C THR A 538 15.28 -31.43 4.41
N THR A 539 14.78 -32.36 3.60
CA THR A 539 15.60 -33.34 2.92
C THR A 539 15.56 -33.07 1.43
N GLU A 540 16.76 -32.93 0.83
CA GLU A 540 16.99 -32.63 -0.59
C GLU A 540 16.23 -31.38 -1.04
N PRO A 541 16.68 -30.18 -0.65
CA PRO A 541 15.95 -28.96 -1.03
C PRO A 541 16.06 -28.60 -2.50
N LYS A 542 17.00 -29.21 -3.24
CA LYS A 542 17.13 -28.95 -4.67
C LYS A 542 15.89 -29.40 -5.43
N GLU A 543 15.44 -30.63 -5.15
CA GLU A 543 14.25 -31.16 -5.80
C GLU A 543 13.01 -30.39 -5.39
N ALA A 544 12.92 -30.00 -4.11
CA ALA A 544 11.78 -29.24 -3.61
C ALA A 544 11.69 -27.88 -4.28
N GLU A 545 12.81 -27.17 -4.40
CA GLU A 545 12.79 -25.85 -5.03
C GLU A 545 12.56 -25.96 -6.53
N LEU A 546 13.10 -27.00 -7.18
CA LEU A 546 12.86 -27.18 -8.61
C LEU A 546 11.39 -27.49 -8.88
N GLU A 547 10.77 -28.33 -8.06
CA GLU A 547 9.35 -28.64 -8.20
C GLU A 547 8.50 -27.42 -7.89
N HIS A 548 8.90 -26.62 -6.90
CA HIS A 548 8.17 -25.40 -6.56
C HIS A 548 8.17 -24.43 -7.74
N ARG A 549 9.34 -24.20 -8.33
CA ARG A 549 9.45 -23.30 -9.47
C ARG A 549 8.77 -23.84 -10.72
N ARG A 550 8.71 -25.16 -10.89
CA ARG A 550 7.97 -25.69 -12.03
C ARG A 550 6.45 -25.56 -11.85
N GLN A 551 5.94 -25.92 -10.66
CA GLN A 551 4.51 -25.94 -10.45
C GLN A 551 3.92 -24.53 -10.39
N GLU A 552 4.68 -23.56 -9.88
CA GLU A 552 4.16 -22.20 -9.85
C GLU A 552 4.07 -21.61 -11.26
N GLU A 553 5.01 -21.97 -12.14
CA GLU A 553 4.94 -21.50 -13.52
C GLU A 553 3.81 -22.19 -14.28
N VAL A 554 3.59 -23.47 -14.00
CA VAL A 554 2.49 -24.20 -14.64
C VAL A 554 1.14 -23.62 -14.23
N LEU A 555 0.97 -23.31 -12.95
CA LEU A 555 -0.29 -22.75 -12.49
C LEU A 555 -0.47 -21.30 -12.94
N LYS A 556 0.64 -20.56 -13.12
CA LYS A 556 0.54 -19.25 -13.75
C LYS A 556 0.07 -19.35 -15.20
N ARG A 557 0.61 -20.32 -15.94
CA ARG A 557 0.23 -20.50 -17.34
C ARG A 557 -1.23 -20.93 -17.46
N PHE A 558 -1.71 -21.77 -16.55
CA PHE A 558 -3.12 -22.15 -16.57
C PHE A 558 -4.02 -21.03 -16.07
N ARG A 559 -3.47 -20.13 -15.25
CA ARG A 559 -4.31 -19.26 -14.42
C ARG A 559 -5.09 -18.25 -15.25
N MET A 560 -4.41 -17.43 -16.04
CA MET A 560 -5.10 -16.28 -16.62
C MET A 560 -5.88 -16.65 -17.89
N HIS A 561 -5.19 -16.91 -19.00
CA HIS A 561 -5.89 -17.38 -20.19
C HIS A 561 -5.08 -18.29 -21.10
N ASP A 562 -3.84 -18.63 -20.75
CA ASP A 562 -2.97 -19.24 -21.76
C ASP A 562 -3.24 -20.72 -21.92
N CYS A 563 -3.17 -21.47 -20.83
CA CYS A 563 -3.27 -22.93 -20.86
C CYS A 563 -4.71 -23.35 -20.60
N ASN A 564 -5.26 -24.15 -21.51
CA ASN A 564 -6.62 -24.66 -21.32
C ASN A 564 -6.61 -26.03 -20.63
N VAL A 565 -5.95 -27.03 -21.24
CA VAL A 565 -5.96 -28.37 -20.67
C VAL A 565 -4.90 -28.48 -19.59
N LEU A 566 -5.35 -28.80 -18.37
CA LEU A 566 -4.45 -28.95 -17.22
C LEU A 566 -4.69 -30.32 -16.60
N ILE A 567 -3.82 -31.27 -16.92
CA ILE A 567 -4.08 -32.69 -16.62
C ILE A 567 -3.46 -32.96 -15.25
N GLY A 568 -4.21 -32.62 -14.21
CA GLY A 568 -3.70 -32.60 -12.85
C GLY A 568 -3.77 -33.95 -12.16
N THR A 569 -3.70 -33.89 -10.83
CA THR A 569 -3.73 -35.05 -9.95
C THR A 569 -4.47 -34.57 -8.69
N SER A 570 -4.34 -35.29 -7.58
CA SER A 570 -5.16 -35.07 -6.38
C SER A 570 -4.87 -33.76 -5.66
N VAL A 571 -3.81 -33.03 -6.01
CA VAL A 571 -3.59 -31.71 -5.42
C VAL A 571 -4.50 -30.64 -6.00
N LEU A 572 -5.22 -30.94 -7.06
CA LEU A 572 -6.08 -29.99 -7.75
C LEU A 572 -7.49 -29.92 -7.17
N GLU A 573 -7.77 -30.66 -6.10
CA GLU A 573 -9.11 -30.70 -5.54
C GLU A 573 -9.29 -29.69 -4.41
N GLU A 574 -8.51 -29.84 -3.34
CA GLU A 574 -8.51 -28.84 -2.28
C GLU A 574 -7.43 -27.81 -2.54
N GLY A 575 -7.54 -26.67 -1.85
CA GLY A 575 -6.44 -25.73 -1.94
C GLY A 575 -6.52 -24.80 -3.12
N ILE A 576 -5.90 -25.24 -4.22
CA ILE A 576 -5.60 -24.42 -5.38
C ILE A 576 -6.84 -23.74 -5.95
N ASP A 577 -6.74 -22.43 -6.17
CA ASP A 577 -7.80 -21.65 -6.82
C ASP A 577 -7.47 -21.53 -8.30
N VAL A 578 -8.46 -21.85 -9.14
CA VAL A 578 -8.24 -22.01 -10.57
C VAL A 578 -9.36 -21.27 -11.30
N PRO A 579 -9.17 -20.92 -12.58
CA PRO A 579 -10.24 -20.27 -13.33
C PRO A 579 -11.46 -21.17 -13.54
N LYS A 580 -12.56 -20.53 -13.92
CA LYS A 580 -13.83 -21.21 -14.11
C LYS A 580 -13.76 -22.16 -15.30
N CYS A 581 -14.01 -23.44 -15.05
CA CYS A 581 -13.80 -24.51 -16.01
C CYS A 581 -15.01 -24.65 -16.94
N ASN A 582 -14.72 -25.00 -18.19
CA ASN A 582 -15.73 -25.19 -19.21
C ASN A 582 -16.06 -26.66 -19.44
N LEU A 583 -15.07 -27.46 -19.83
CA LEU A 583 -15.22 -28.90 -20.03
C LEU A 583 -14.31 -29.64 -19.08
N VAL A 584 -14.86 -30.57 -18.32
CA VAL A 584 -14.06 -31.35 -17.37
C VAL A 584 -14.12 -32.80 -17.78
N VAL A 585 -12.96 -33.45 -17.90
CA VAL A 585 -12.88 -34.84 -18.33
C VAL A 585 -12.19 -35.62 -17.22
N ARG A 586 -12.97 -36.29 -16.37
CA ARG A 586 -12.38 -37.14 -15.34
C ARG A 586 -11.90 -38.42 -16.00
N TRP A 587 -10.58 -38.55 -16.15
CA TRP A 587 -10.00 -39.71 -16.82
C TRP A 587 -10.19 -40.97 -16.00
N ASP A 588 -9.83 -40.92 -14.74
CA ASP A 588 -10.12 -42.07 -13.91
C ASP A 588 -11.57 -42.03 -13.41
N PRO A 589 -12.16 -43.18 -13.15
CA PRO A 589 -13.36 -43.22 -12.34
C PRO A 589 -13.11 -42.66 -10.96
N PRO A 590 -14.05 -41.90 -10.41
CA PRO A 590 -13.83 -41.32 -9.08
C PRO A 590 -13.80 -42.36 -7.98
N THR A 591 -12.92 -42.14 -7.02
CA THR A 591 -12.83 -43.02 -5.86
C THR A 591 -14.04 -42.88 -4.97
N THR A 592 -14.52 -41.66 -4.78
CA THR A 592 -15.73 -41.39 -4.01
C THR A 592 -16.42 -40.18 -4.64
N TYR A 593 -17.36 -39.59 -3.92
CA TYR A 593 -18.09 -38.48 -4.50
C TYR A 593 -17.23 -37.23 -4.37
N ARG A 594 -16.22 -37.28 -3.47
CA ARG A 594 -15.28 -36.19 -3.24
C ARG A 594 -14.48 -35.87 -4.49
N SER A 595 -13.85 -36.87 -5.10
CA SER A 595 -13.11 -36.61 -6.32
C SER A 595 -14.03 -36.52 -7.53
N TYR A 596 -15.30 -36.84 -7.35
CA TYR A 596 -16.27 -36.67 -8.42
C TYR A 596 -16.67 -35.20 -8.56
N VAL A 597 -16.89 -34.50 -7.45
CA VAL A 597 -17.28 -33.08 -7.52
C VAL A 597 -16.28 -32.13 -6.91
N GLN A 598 -15.08 -32.56 -6.60
CA GLN A 598 -13.98 -31.63 -6.51
C GLN A 598 -13.19 -31.61 -7.79
N CYS A 599 -13.75 -32.18 -8.83
CA CYS A 599 -13.40 -32.06 -10.23
C CYS A 599 -14.58 -31.69 -11.10
N LYS A 600 -15.77 -32.23 -10.81
CA LYS A 600 -16.98 -31.85 -11.54
C LYS A 600 -17.55 -30.56 -10.98
N GLY A 601 -17.74 -30.49 -9.66
CA GLY A 601 -18.29 -29.31 -9.00
C GLY A 601 -17.29 -28.19 -8.82
N ARG A 602 -16.54 -27.90 -9.89
CA ARG A 602 -15.75 -26.69 -10.01
C ARG A 602 -16.03 -25.98 -11.31
N ALA A 603 -16.56 -26.66 -12.33
CA ALA A 603 -16.84 -26.06 -13.63
C ALA A 603 -18.08 -25.20 -13.51
N ARG A 604 -17.88 -23.89 -13.42
CA ARG A 604 -18.98 -22.93 -13.35
C ARG A 604 -18.86 -21.96 -14.52
N ALA A 605 -19.33 -22.40 -15.68
CA ALA A 605 -19.63 -21.48 -16.78
C ALA A 605 -20.96 -21.75 -17.48
N ALA A 606 -21.41 -23.01 -17.49
CA ALA A 606 -22.62 -23.61 -18.05
C ALA A 606 -22.91 -23.46 -19.55
N PRO A 607 -21.91 -23.51 -20.45
CA PRO A 607 -22.01 -24.46 -21.57
C PRO A 607 -21.23 -25.71 -21.22
N ALA A 608 -21.46 -26.28 -20.05
CA ALA A 608 -20.45 -27.09 -19.39
C ALA A 608 -20.81 -28.57 -19.35
N TYR A 609 -19.80 -29.39 -19.56
CA TYR A 609 -19.97 -30.84 -19.54
C TYR A 609 -18.87 -31.49 -18.70
N HIS A 610 -19.29 -32.38 -17.81
CA HIS A 610 -18.38 -33.18 -16.97
C HIS A 610 -18.46 -34.61 -17.48
N VAL A 611 -17.46 -35.03 -18.23
CA VAL A 611 -17.46 -36.31 -18.92
C VAL A 611 -16.50 -37.25 -18.22
N ILE A 612 -16.97 -38.47 -17.91
CA ILE A 612 -16.13 -39.51 -17.33
C ILE A 612 -16.01 -40.64 -18.34
N LEU A 613 -14.80 -40.84 -18.84
CA LEU A 613 -14.51 -42.00 -19.69
C LEU A 613 -14.32 -43.21 -18.80
N VAL A 614 -14.98 -44.32 -19.16
CA VAL A 614 -14.90 -45.54 -18.36
C VAL A 614 -14.48 -46.71 -19.26
N ALA A 615 -14.04 -47.77 -18.62
CA ALA A 615 -13.32 -48.85 -19.26
C ALA A 615 -13.43 -50.10 -18.37
N PRO A 616 -12.86 -51.24 -18.76
CA PRO A 616 -12.64 -52.32 -17.78
C PRO A 616 -11.82 -51.84 -16.59
N SER A 617 -12.21 -52.30 -15.41
CA SER A 617 -11.68 -51.78 -14.15
C SER A 617 -10.24 -52.23 -13.94
N TYR A 618 -9.68 -51.80 -12.80
CA TYR A 618 -8.29 -52.17 -12.48
C TYR A 618 -8.23 -53.64 -12.10
N LYS A 619 -7.99 -54.50 -13.07
CA LYS A 619 -7.83 -55.93 -12.80
C LYS A 619 -6.60 -56.42 -13.53
N SER A 620 -6.03 -57.51 -13.01
CA SER A 620 -4.75 -58.01 -13.50
C SER A 620 -4.94 -58.74 -14.83
N PRO A 621 -4.27 -58.32 -15.89
CA PRO A 621 -4.24 -59.11 -17.13
C PRO A 621 -3.08 -60.09 -17.21
N THR A 622 -2.38 -60.34 -16.11
CA THR A 622 -1.21 -61.19 -16.11
C THR A 622 -1.59 -62.66 -16.30
N VAL A 623 -0.64 -63.44 -16.78
CA VAL A 623 -0.88 -64.85 -17.07
C VAL A 623 -0.11 -65.79 -16.16
N GLY A 624 0.97 -65.34 -15.53
CA GLY A 624 1.75 -66.17 -14.65
C GLY A 624 3.23 -65.94 -14.88
N SER A 625 4.03 -66.91 -14.44
CA SER A 625 5.48 -66.82 -14.52
C SER A 625 6.06 -67.42 -15.80
N VAL A 626 5.27 -67.45 -16.87
CA VAL A 626 5.72 -68.06 -18.12
C VAL A 626 6.72 -67.14 -18.81
N GLN A 627 7.52 -67.74 -19.69
CA GLN A 627 8.47 -66.99 -20.52
C GLN A 627 7.79 -66.53 -21.80
N LEU A 628 8.58 -66.12 -22.80
CA LEU A 628 8.03 -65.65 -24.05
C LEU A 628 7.26 -66.75 -24.77
N THR A 629 6.22 -66.34 -25.50
CA THR A 629 5.35 -67.27 -26.19
C THR A 629 5.81 -67.46 -27.63
N ASP A 630 5.19 -68.42 -28.33
CA ASP A 630 5.52 -68.68 -29.72
C ASP A 630 5.08 -67.53 -30.62
N ARG A 631 3.92 -66.94 -30.31
CA ARG A 631 3.45 -65.79 -31.07
C ARG A 631 4.34 -64.58 -30.88
N SER A 632 4.86 -64.39 -29.65
CA SER A 632 5.80 -63.30 -29.40
C SER A 632 7.10 -63.53 -30.14
N HIS A 633 7.55 -64.79 -30.24
CA HIS A 633 8.73 -65.12 -31.02
C HIS A 633 8.50 -64.85 -32.50
N ARG A 634 7.30 -65.15 -33.00
CA ARG A 634 6.96 -64.85 -34.39
C ARG A 634 6.93 -63.36 -34.67
N TYR A 635 6.39 -62.58 -33.72
CA TYR A 635 6.36 -61.13 -33.88
C TYR A 635 7.76 -60.54 -33.79
N ILE A 636 8.63 -61.12 -32.96
CA ILE A 636 9.99 -60.62 -32.84
C ILE A 636 10.79 -60.94 -34.12
N CYS A 637 10.67 -62.17 -34.62
CA CYS A 637 11.46 -62.58 -35.78
C CYS A 637 10.95 -61.91 -37.06
N ALA A 638 9.63 -61.90 -37.28
CA ALA A 638 9.09 -61.32 -38.49
C ALA A 638 9.17 -59.79 -38.47
N THR A 639 8.81 -59.18 -37.34
CA THR A 639 8.84 -57.72 -37.23
C THR A 639 9.87 -57.28 -36.19
N SER A 759 -15.28 -57.51 -21.06
CA SER A 759 -16.23 -57.46 -19.95
C SER A 759 -16.62 -56.02 -19.64
N LEU A 760 -17.14 -55.31 -20.66
CA LEU A 760 -17.58 -53.94 -20.45
C LEU A 760 -18.81 -53.87 -19.55
N ALA A 761 -19.69 -54.86 -19.65
CA ALA A 761 -21.00 -54.78 -19.02
C ALA A 761 -20.89 -54.89 -17.51
N SER A 762 -19.97 -55.72 -17.00
CA SER A 762 -19.83 -55.89 -15.56
C SER A 762 -19.33 -54.62 -14.88
N THR A 763 -18.23 -54.06 -15.39
CA THR A 763 -17.67 -52.86 -14.79
C THR A 763 -18.58 -51.65 -15.02
N THR A 764 -19.23 -51.58 -16.17
CA THR A 764 -20.14 -50.46 -16.42
C THR A 764 -21.40 -50.57 -15.58
N LYS A 765 -21.92 -51.78 -15.35
CA LYS A 765 -23.06 -51.96 -14.47
C LYS A 765 -22.71 -51.59 -13.04
N ASP A 766 -21.54 -52.05 -12.57
CA ASP A 766 -21.14 -51.72 -11.20
C ASP A 766 -20.82 -50.24 -11.04
N LEU A 767 -20.30 -49.60 -12.08
CA LEU A 767 -19.95 -48.20 -11.92
C LEU A 767 -21.16 -47.29 -12.19
N VAL A 768 -22.13 -47.74 -12.98
CA VAL A 768 -23.40 -47.03 -13.07
C VAL A 768 -24.16 -47.15 -11.78
N HIS A 769 -24.04 -48.30 -11.09
CA HIS A 769 -24.53 -48.41 -9.73
C HIS A 769 -23.77 -47.46 -8.80
N GLN A 770 -22.48 -47.30 -9.04
CA GLN A 770 -21.68 -46.35 -8.27
C GLN A 770 -22.12 -44.91 -8.53
N MET A 771 -22.42 -44.58 -9.79
CA MET A 771 -22.90 -43.24 -10.11
C MET A 771 -24.29 -42.99 -9.56
N ALA A 772 -25.14 -44.02 -9.57
CA ALA A 772 -26.44 -43.91 -8.94
C ALA A 772 -26.30 -43.74 -7.43
N GLN A 773 -25.27 -44.35 -6.85
CA GLN A 773 -24.99 -44.13 -5.44
C GLN A 773 -24.50 -42.70 -5.18
N TYR A 774 -23.67 -42.15 -6.08
CA TYR A 774 -23.29 -40.74 -5.97
C TYR A 774 -24.47 -39.80 -6.13
N ARG A 775 -25.38 -40.10 -7.05
CA ARG A 775 -26.55 -39.25 -7.21
C ARG A 775 -27.51 -39.41 -6.05
N GLU A 776 -27.58 -40.59 -5.44
CA GLU A 776 -28.30 -40.76 -4.19
C GLU A 776 -27.67 -39.95 -3.08
N ILE A 777 -26.33 -39.89 -3.07
CA ILE A 777 -25.60 -39.07 -2.11
C ILE A 777 -25.94 -37.60 -2.31
N GLU A 778 -25.95 -37.13 -3.55
CA GLU A 778 -26.19 -35.72 -3.80
C GLU A 778 -27.66 -35.36 -3.59
N GLN A 779 -28.58 -36.29 -3.85
CA GLN A 779 -29.97 -36.05 -3.51
C GLN A 779 -30.19 -36.06 -2.01
N MET A 780 -29.42 -36.88 -1.30
CA MET A 780 -29.46 -36.88 0.16
C MET A 780 -28.95 -35.56 0.71
N LEU A 781 -27.86 -35.05 0.13
CA LEU A 781 -27.29 -33.77 0.54
C LEU A 781 -28.25 -32.61 0.27
N LEU A 782 -28.89 -32.60 -0.90
CA LEU A 782 -29.87 -31.57 -1.22
C LEU A 782 -31.10 -31.69 -0.34
N SER A 783 -31.50 -32.92 0.01
CA SER A 783 -32.60 -33.13 0.93
C SER A 783 -32.27 -32.67 2.33
N LYS A 784 -30.99 -32.62 2.70
CA LYS A 784 -30.64 -32.09 4.00
C LYS A 784 -30.34 -30.59 3.98
N CYS A 785 -30.46 -29.93 2.83
CA CYS A 785 -30.30 -28.48 2.80
C CYS A 785 -31.50 -27.78 3.41
N ALA A 786 -31.24 -26.71 4.16
CA ALA A 786 -32.33 -25.97 4.78
C ALA A 786 -33.09 -25.14 3.76
N ASN A 787 -32.39 -24.54 2.81
CA ASN A 787 -33.01 -23.66 1.83
C ASN A 787 -33.23 -24.40 0.52
N THR A 788 -34.49 -24.56 0.15
CA THR A 788 -34.90 -25.31 -1.01
C THR A 788 -34.87 -24.43 -2.25
N GLU A 789 -34.63 -25.06 -3.41
CA GLU A 789 -34.50 -24.33 -4.65
C GLU A 789 -35.59 -24.71 -5.64
N PRO A 790 -36.21 -23.73 -6.28
CA PRO A 790 -37.13 -24.04 -7.37
C PRO A 790 -36.39 -24.58 -8.57
N PRO A 791 -37.03 -25.39 -9.40
CA PRO A 791 -36.36 -25.89 -10.61
C PRO A 791 -36.23 -24.80 -11.67
N GLU A 792 -35.37 -25.07 -12.65
CA GLU A 792 -35.16 -24.12 -13.75
C GLU A 792 -36.36 -24.05 -14.70
N GLN A 793 -37.21 -25.08 -14.70
CA GLN A 793 -38.46 -25.01 -15.45
C GLN A 793 -39.40 -23.96 -14.88
N GLU A 794 -39.33 -23.71 -13.56
CA GLU A 794 -40.11 -22.65 -12.95
C GLU A 794 -39.67 -21.27 -13.44
N GLN A 795 -38.36 -21.06 -13.55
CA GLN A 795 -37.85 -19.80 -14.07
C GLN A 795 -38.16 -19.63 -15.55
N CYS A 796 -38.08 -20.72 -16.32
CA CYS A 796 -38.47 -20.66 -17.73
C CYS A 796 -39.94 -20.31 -17.89
N GLU A 797 -40.79 -20.90 -17.05
CA GLU A 797 -42.23 -20.60 -17.06
C GLU A 797 -42.49 -19.15 -16.68
N ALA A 798 -41.77 -18.64 -15.68
CA ALA A 798 -41.96 -17.26 -15.24
C ALA A 798 -41.56 -16.26 -16.32
N GLU A 799 -40.39 -16.47 -16.94
CA GLU A 799 -39.94 -15.56 -17.99
C GLU A 799 -40.75 -15.71 -19.27
N ARG A 800 -41.36 -16.87 -19.51
CA ARG A 800 -42.25 -17.04 -20.65
C ARG A 800 -43.58 -16.32 -20.42
N PHE A 801 -44.12 -16.42 -19.20
CA PHE A 801 -45.49 -16.01 -18.96
C PHE A 801 -45.62 -14.56 -18.51
N SER A 802 -44.92 -14.17 -17.45
CA SER A 802 -45.34 -13.01 -16.66
C SER A 802 -44.40 -11.83 -16.80
N ALA A 803 -43.97 -11.53 -18.03
CA ALA A 803 -43.05 -10.42 -18.32
C ALA A 803 -43.78 -9.18 -18.80
N CYS A 804 -44.95 -8.87 -18.26
CA CYS A 804 -45.76 -7.73 -18.69
C CYS A 804 -46.09 -6.84 -17.51
N LEU A 805 -45.07 -6.51 -16.71
CA LEU A 805 -45.20 -5.53 -15.64
C LEU A 805 -44.35 -4.31 -15.98
N ALA A 806 -44.89 -3.13 -15.71
CA ALA A 806 -44.22 -1.89 -16.10
C ALA A 806 -42.95 -1.67 -15.30
N ALA A 807 -41.91 -1.21 -15.98
CA ALA A 807 -40.57 -1.10 -15.41
C ALA A 807 -40.46 0.17 -14.56
N TYR A 808 -39.24 0.51 -14.19
CA TYR A 808 -38.94 1.78 -13.55
C TYR A 808 -38.09 2.61 -14.50
N ARG A 809 -38.66 3.72 -14.97
CA ARG A 809 -37.95 4.63 -15.86
C ARG A 809 -37.90 6.00 -15.21
N PRO A 810 -36.81 6.35 -14.52
CA PRO A 810 -36.68 7.71 -13.99
C PRO A 810 -36.37 8.73 -15.06
N LYS A 811 -36.02 8.29 -16.27
CA LYS A 811 -35.94 9.13 -17.45
C LYS A 811 -36.86 8.47 -18.46
N PRO A 812 -38.17 8.69 -18.35
CA PRO A 812 -39.12 7.92 -19.16
C PRO A 812 -39.47 8.54 -20.50
N HIS A 813 -39.02 9.77 -20.78
CA HIS A 813 -39.37 10.41 -22.04
C HIS A 813 -38.63 9.79 -23.21
N LEU A 814 -37.41 9.30 -23.00
CA LEU A 814 -36.62 8.66 -24.04
C LEU A 814 -36.51 7.18 -23.70
N LEU A 815 -37.00 6.33 -24.60
CA LEU A 815 -37.04 4.89 -24.37
C LEU A 815 -35.84 4.16 -24.98
N THR A 816 -34.62 4.61 -24.64
CA THR A 816 -33.41 3.88 -25.01
C THR A 816 -32.47 3.70 -23.83
N GLY A 817 -32.81 4.24 -22.65
CA GLY A 817 -31.88 4.28 -21.54
C GLY A 817 -32.23 3.42 -20.35
N ALA A 818 -32.82 4.05 -19.34
CA ALA A 818 -33.12 3.42 -18.06
C ALA A 818 -34.18 2.33 -18.23
N SER A 819 -33.92 1.15 -17.69
CA SER A 819 -34.82 0.01 -17.83
C SER A 819 -34.49 -1.03 -16.77
N VAL A 820 -35.49 -1.39 -15.98
CA VAL A 820 -35.38 -2.49 -15.00
C VAL A 820 -36.52 -3.46 -15.31
N ASP A 821 -36.24 -4.50 -16.07
CA ASP A 821 -37.22 -5.52 -16.35
C ASP A 821 -37.08 -6.65 -15.33
N LEU A 822 -37.70 -7.79 -15.61
CA LEU A 822 -37.64 -8.95 -14.73
C LEU A 822 -36.25 -9.60 -14.65
N GLY A 823 -35.50 -9.61 -15.75
CA GLY A 823 -34.18 -10.22 -15.71
C GLY A 823 -33.11 -9.26 -15.21
N SER A 824 -33.21 -8.00 -15.66
CA SER A 824 -32.24 -7.00 -15.26
C SER A 824 -32.33 -6.68 -13.78
N ALA A 825 -33.51 -6.86 -13.18
CA ALA A 825 -33.64 -6.59 -11.74
C ALA A 825 -32.87 -7.61 -10.92
N ILE A 826 -33.02 -8.89 -11.27
CA ILE A 826 -32.32 -9.92 -10.51
C ILE A 826 -30.84 -9.96 -10.86
N ALA A 827 -30.44 -9.41 -12.00
CA ALA A 827 -29.01 -9.25 -12.27
C ALA A 827 -28.46 -7.90 -11.84
N LEU A 828 -29.30 -7.01 -11.29
CA LEU A 828 -28.89 -5.67 -10.94
C LEU A 828 -28.91 -5.40 -9.44
N VAL A 829 -29.04 -6.44 -8.62
CA VAL A 829 -28.72 -6.32 -7.21
C VAL A 829 -27.40 -7.01 -6.89
N ASN A 830 -27.00 -7.96 -7.72
CA ASN A 830 -25.65 -8.53 -7.66
C ASN A 830 -24.64 -7.68 -8.42
N LYS A 831 -25.09 -6.60 -9.05
CA LYS A 831 -24.21 -5.61 -9.63
C LYS A 831 -24.04 -4.40 -8.74
N TYR A 832 -24.89 -4.24 -7.73
CA TYR A 832 -24.76 -3.18 -6.75
C TYR A 832 -24.04 -3.64 -5.50
N CYS A 833 -24.33 -4.84 -5.01
CA CYS A 833 -23.71 -5.28 -3.77
C CYS A 833 -22.25 -5.67 -3.97
N ALA A 834 -21.88 -6.10 -5.17
CA ALA A 834 -20.47 -6.40 -5.44
C ALA A 834 -19.64 -5.13 -5.52
N ARG A 835 -20.12 -4.12 -6.24
CA ARG A 835 -19.40 -2.85 -6.36
C ARG A 835 -19.68 -2.03 -5.11
N LEU A 836 -18.94 -2.35 -4.06
CA LEU A 836 -19.04 -1.70 -2.77
C LEU A 836 -17.66 -1.69 -2.14
N PRO A 837 -17.43 -0.83 -1.14
CA PRO A 837 -16.17 -0.91 -0.39
C PRO A 837 -16.02 -2.20 0.41
N SER A 838 -15.07 -3.04 -0.01
CA SER A 838 -14.81 -4.31 0.66
C SER A 838 -13.37 -4.72 0.41
N ASP A 839 -12.87 -5.58 1.29
CA ASP A 839 -11.53 -6.12 1.17
C ASP A 839 -11.60 -7.57 0.70
N THR A 840 -10.44 -8.23 0.63
CA THR A 840 -10.38 -9.61 0.19
C THR A 840 -10.92 -10.56 1.25
N PHE A 841 -10.98 -10.14 2.51
CA PHE A 841 -11.62 -10.92 3.57
C PHE A 841 -13.11 -10.64 3.67
N THR A 842 -13.75 -10.21 2.58
CA THR A 842 -15.16 -9.82 2.64
C THR A 842 -15.78 -10.08 1.27
N LYS A 843 -16.75 -10.99 1.24
CA LYS A 843 -17.63 -11.18 0.09
C LYS A 843 -18.99 -10.59 0.44
N LEU A 844 -19.47 -9.68 -0.39
CA LEU A 844 -20.67 -8.92 -0.09
C LEU A 844 -21.86 -9.45 -0.86
N THR A 845 -23.01 -9.52 -0.19
CA THR A 845 -24.17 -10.23 -0.71
C THR A 845 -25.44 -9.71 -0.06
N ALA A 846 -26.58 -9.98 -0.72
CA ALA A 846 -27.89 -9.62 -0.22
C ALA A 846 -28.57 -10.86 0.34
N LEU A 847 -29.18 -10.72 1.52
CA LEU A 847 -29.65 -11.86 2.30
C LEU A 847 -31.13 -12.11 2.03
N TRP A 848 -31.41 -12.79 0.93
CA TRP A 848 -32.78 -13.02 0.51
C TRP A 848 -33.48 -14.06 1.37
N ARG A 849 -34.79 -13.87 1.52
CA ARG A 849 -35.65 -14.81 2.24
C ARG A 849 -36.98 -14.94 1.53
N CYS A 850 -37.38 -16.15 1.20
CA CYS A 850 -38.74 -16.39 0.74
C CYS A 850 -39.60 -16.82 1.92
N THR A 851 -40.90 -16.51 1.85
CA THR A 851 -41.85 -17.04 2.81
C THR A 851 -43.21 -17.21 2.15
N ARG A 852 -44.04 -18.08 2.71
CA ARG A 852 -45.24 -18.54 2.03
C ARG A 852 -46.50 -18.16 2.80
N ASN A 853 -47.58 -18.01 2.05
CA ASN A 853 -48.91 -17.77 2.57
C ASN A 853 -49.90 -18.31 1.54
N GLU A 854 -51.15 -18.48 1.98
CA GLU A 854 -52.23 -18.83 1.06
C GLU A 854 -53.28 -17.74 1.10
N ARG A 855 -53.76 -17.36 -0.08
CA ARG A 855 -54.74 -16.30 -0.23
C ARG A 855 -55.67 -16.66 -1.38
N ALA A 856 -56.98 -16.62 -1.11
CA ALA A 856 -58.04 -16.91 -2.08
C ALA A 856 -57.88 -18.29 -2.72
N GLY A 857 -57.33 -19.24 -1.97
CA GLY A 857 -57.07 -20.56 -2.50
C GLY A 857 -55.89 -20.68 -3.43
N VAL A 858 -54.92 -19.77 -3.38
CA VAL A 858 -53.71 -19.91 -4.16
C VAL A 858 -52.51 -19.67 -3.23
N THR A 859 -51.34 -20.12 -3.65
CA THR A 859 -50.13 -20.00 -2.84
C THR A 859 -49.31 -18.80 -3.29
N LEU A 860 -48.92 -17.97 -2.33
CA LEU A 860 -48.19 -16.74 -2.59
C LEU A 860 -46.91 -16.73 -1.75
N PHE A 861 -45.91 -16.01 -2.25
CA PHE A 861 -44.57 -16.03 -1.65
C PHE A 861 -44.04 -14.61 -1.49
N GLN A 862 -44.08 -14.11 -0.26
CA GLN A 862 -43.44 -12.83 0.04
C GLN A 862 -41.93 -13.00 0.03
N TYR A 863 -41.23 -12.13 -0.68
CA TYR A 863 -39.79 -12.30 -0.92
C TYR A 863 -39.03 -11.15 -0.29
N THR A 864 -38.71 -11.27 0.99
CA THR A 864 -38.01 -10.21 1.71
C THR A 864 -36.55 -10.18 1.28
N LEU A 865 -36.00 -8.98 1.15
CA LEU A 865 -34.57 -8.83 0.94
C LEU A 865 -33.95 -8.08 2.11
N ARG A 866 -32.62 -8.08 2.12
CA ARG A 866 -31.83 -7.22 2.98
C ARG A 866 -30.58 -6.86 2.19
N LEU A 867 -29.98 -5.76 2.57
CA LEU A 867 -28.83 -5.25 1.85
C LEU A 867 -27.59 -5.35 2.73
N PRO A 868 -26.39 -5.34 2.13
CA PRO A 868 -25.17 -5.27 2.93
C PRO A 868 -25.15 -4.04 3.83
N ILE A 869 -24.58 -4.20 5.03
CA ILE A 869 -24.52 -3.07 5.94
C ILE A 869 -23.52 -2.03 5.47
N ASN A 870 -22.68 -2.40 4.50
CA ASN A 870 -21.89 -1.44 3.74
C ASN A 870 -22.79 -0.44 3.00
N SER A 871 -23.95 -0.91 2.51
CA SER A 871 -24.83 -0.10 1.69
C SER A 871 -25.67 0.86 2.55
N PRO A 872 -26.03 2.03 2.01
CA PRO A 872 -26.90 2.95 2.77
C PRO A 872 -28.39 2.72 2.52
N LEU A 873 -28.74 1.60 1.89
CA LEU A 873 -30.13 1.16 1.82
C LEU A 873 -30.36 0.27 3.04
N LYS A 874 -30.54 0.93 4.18
CA LYS A 874 -30.49 0.25 5.46
C LYS A 874 -31.87 -0.22 5.94
N HIS A 875 -32.77 -0.56 5.03
CA HIS A 875 -33.98 -1.25 5.42
C HIS A 875 -34.28 -2.35 4.40
N ASP A 876 -35.04 -3.35 4.87
CA ASP A 876 -35.51 -4.42 4.01
C ASP A 876 -36.46 -3.89 2.96
N ILE A 877 -36.41 -4.47 1.78
CA ILE A 877 -37.40 -4.20 0.74
C ILE A 877 -38.35 -5.38 0.73
N VAL A 878 -39.39 -5.29 1.56
CA VAL A 878 -40.34 -6.39 1.75
C VAL A 878 -41.15 -6.55 0.47
N GLY A 879 -40.89 -7.62 -0.26
CA GLY A 879 -41.50 -7.80 -1.56
C GLY A 879 -42.98 -8.12 -1.48
N LEU A 880 -43.58 -8.08 -2.61
CA LEU A 880 -44.99 -8.31 -2.88
C LEU A 880 -45.21 -9.70 -3.46
N PRO A 881 -46.32 -10.34 -3.09
CA PRO A 881 -46.53 -11.75 -3.45
C PRO A 881 -46.65 -12.02 -4.94
N MET A 882 -46.32 -13.24 -5.31
CA MET A 882 -46.35 -13.79 -6.64
C MET A 882 -46.82 -15.24 -6.53
N PRO A 883 -47.30 -15.84 -7.62
CA PRO A 883 -47.73 -17.24 -7.49
C PRO A 883 -46.58 -18.23 -7.32
N THR A 884 -45.50 -18.06 -8.06
CA THR A 884 -44.33 -18.93 -7.96
C THR A 884 -43.33 -18.31 -7.00
N GLN A 885 -42.13 -18.89 -6.91
CA GLN A 885 -41.08 -18.33 -6.08
C GLN A 885 -40.10 -17.50 -6.90
N THR A 886 -39.81 -17.90 -8.14
CA THR A 886 -38.89 -17.12 -8.96
C THR A 886 -39.53 -15.81 -9.42
N LEU A 887 -40.86 -15.80 -9.61
CA LEU A 887 -41.57 -14.56 -9.88
C LEU A 887 -41.50 -13.62 -8.70
N ALA A 888 -41.60 -14.17 -7.49
CA ALA A 888 -41.40 -13.38 -6.28
C ALA A 888 -39.99 -12.84 -6.22
N ARG A 889 -39.00 -13.64 -6.63
CA ARG A 889 -37.62 -13.20 -6.62
C ARG A 889 -37.39 -12.04 -7.57
N ARG A 890 -37.90 -12.18 -8.80
CA ARG A 890 -37.70 -11.14 -9.81
C ARG A 890 -38.45 -9.86 -9.45
N LEU A 891 -39.64 -9.98 -8.87
CA LEU A 891 -40.36 -8.76 -8.50
C LEU A 891 -39.79 -8.13 -7.25
N ALA A 892 -39.23 -8.92 -6.33
CA ALA A 892 -38.54 -8.32 -5.18
C ALA A 892 -37.26 -7.63 -5.60
N ALA A 893 -36.60 -8.12 -6.65
CA ALA A 893 -35.46 -7.38 -7.17
C ALA A 893 -35.89 -6.13 -7.95
N LEU A 894 -37.07 -6.16 -8.60
CA LEU A 894 -37.68 -4.93 -9.11
C LEU A 894 -37.87 -3.90 -8.02
N GLN A 895 -38.44 -4.33 -6.89
CA GLN A 895 -38.67 -3.43 -5.77
C GLN A 895 -37.36 -2.91 -5.20
N ALA A 896 -36.34 -3.77 -5.15
CA ALA A 896 -35.03 -3.34 -4.67
C ALA A 896 -34.40 -2.30 -5.59
N CYS A 897 -34.49 -2.47 -6.91
CA CYS A 897 -33.95 -1.48 -7.83
C CYS A 897 -34.71 -0.16 -7.74
N VAL A 898 -36.04 -0.22 -7.59
CA VAL A 898 -36.85 0.99 -7.49
C VAL A 898 -36.49 1.78 -6.23
N GLU A 899 -36.42 1.09 -5.09
CA GLU A 899 -36.07 1.75 -3.84
C GLU A 899 -34.62 2.24 -3.85
N LEU A 900 -33.74 1.51 -4.53
CA LEU A 900 -32.35 1.94 -4.71
C LEU A 900 -32.26 3.27 -5.43
N HIS A 901 -32.97 3.41 -6.56
CA HIS A 901 -32.87 4.67 -7.28
C HIS A 901 -33.63 5.80 -6.60
N ARG A 902 -34.77 5.49 -5.97
CA ARG A 902 -35.54 6.51 -5.28
C ARG A 902 -34.77 7.09 -4.09
N ILE A 903 -34.02 6.26 -3.38
CA ILE A 903 -33.16 6.79 -2.32
C ILE A 903 -31.87 7.38 -2.87
N GLY A 904 -31.55 7.17 -4.14
CA GLY A 904 -30.51 7.90 -4.81
C GLY A 904 -29.20 7.19 -5.10
N GLU A 905 -29.09 5.88 -4.82
CA GLU A 905 -27.83 5.20 -5.04
C GLU A 905 -27.58 4.96 -6.52
N LEU A 906 -28.63 4.97 -7.33
CA LEU A 906 -28.47 4.72 -8.75
C LEU A 906 -28.48 6.03 -9.53
N ASP A 907 -27.82 6.01 -10.68
CA ASP A 907 -27.88 7.13 -11.60
C ASP A 907 -28.98 6.88 -12.63
N ASP A 908 -29.00 7.67 -13.70
CA ASP A 908 -29.98 7.54 -14.77
C ASP A 908 -29.78 6.27 -15.59
N GLN A 909 -28.64 5.60 -15.46
CA GLN A 909 -28.41 4.32 -16.10
C GLN A 909 -28.60 3.15 -15.14
N LEU A 910 -29.10 3.43 -13.93
CA LEU A 910 -29.45 2.43 -12.90
C LEU A 910 -28.25 1.58 -12.49
N GLN A 911 -27.10 2.21 -12.43
CA GLN A 911 -25.85 1.65 -11.95
C GLN A 911 -25.48 2.37 -10.67
N PRO A 912 -24.65 1.77 -9.81
CA PRO A 912 -24.15 2.50 -8.64
C PRO A 912 -23.26 3.66 -9.07
N ILE A 913 -23.21 4.67 -8.21
CA ILE A 913 -22.68 5.99 -8.60
C ILE A 913 -21.20 5.91 -8.93
N GLY A 914 -20.43 5.21 -8.10
CA GLY A 914 -19.03 5.00 -8.41
C GLY A 914 -18.13 6.01 -7.73
N LYS A 915 -16.82 5.77 -7.86
CA LYS A 915 -15.84 6.53 -7.08
C LYS A 915 -15.73 7.97 -7.55
N GLU A 916 -15.61 8.18 -8.85
CA GLU A 916 -15.51 9.55 -9.38
C GLU A 916 -16.86 10.24 -9.34
N GLY A 917 -17.91 9.55 -9.77
CA GLY A 917 -19.20 10.13 -10.07
C GLY A 917 -19.98 10.83 -8.97
N PHE A 918 -19.42 10.89 -7.76
CA PHE A 918 -20.05 11.64 -6.69
C PHE A 918 -19.99 13.13 -6.98
N ARG A 919 -21.08 13.83 -6.68
CA ARG A 919 -21.20 15.27 -6.86
C ARG A 919 -21.51 15.92 -5.52
N ALA A 920 -20.77 16.97 -5.19
CA ALA A 920 -20.98 17.65 -3.92
C ALA A 920 -22.28 18.43 -3.93
N LEU A 921 -22.87 18.59 -2.75
CA LEU A 921 -24.14 19.29 -2.60
C LEU A 921 -24.01 20.68 -2.02
N GLU A 922 -23.05 20.92 -1.12
CA GLU A 922 -22.85 22.25 -0.57
C GLU A 922 -22.35 23.21 -1.65
N PRO A 923 -22.86 24.45 -1.68
CA PRO A 923 -22.58 25.33 -2.82
C PRO A 923 -21.15 25.87 -2.87
N ASP A 924 -20.45 25.95 -1.73
CA ASP A 924 -19.06 26.39 -1.74
C ASP A 924 -18.16 25.39 -2.47
N TRP A 925 -18.43 24.09 -2.29
CA TRP A 925 -17.67 23.02 -2.93
C TRP A 925 -18.10 22.87 -4.38
N GLU A 926 -17.76 21.73 -5.00
CA GLU A 926 -17.73 21.48 -6.45
C GLU A 926 -16.89 22.63 -7.05
N CYS A 927 -17.33 23.30 -8.12
CA CYS A 927 -16.67 24.42 -8.78
C CYS A 927 -15.24 24.07 -9.17
N PHE A 928 -14.26 24.44 -8.33
CA PHE A 928 -12.85 24.12 -8.50
C PHE A 928 -12.32 24.71 -9.81
N GLU A 929 -12.84 25.87 -10.19
CA GLU A 929 -12.44 26.57 -11.40
C GLU A 929 -11.35 27.56 -11.04
N LEU A 930 -10.20 27.43 -11.68
CA LEU A 930 -9.07 28.29 -11.42
C LEU A 930 -9.21 29.59 -12.20
N GLU A 931 -8.23 30.47 -12.05
CA GLU A 931 -8.16 31.65 -12.89
C GLU A 931 -7.85 31.23 -14.33
N PRO A 932 -8.22 32.05 -15.32
CA PRO A 932 -7.94 31.68 -16.72
C PRO A 932 -6.46 31.49 -17.04
N GLU A 933 -5.58 32.21 -16.33
CA GLU A 933 -4.15 32.01 -16.50
C GLU A 933 -3.72 30.64 -15.99
N ASP A 934 -4.42 30.10 -14.99
CA ASP A 934 -4.17 28.74 -14.54
C ASP A 934 -5.03 27.74 -15.30
N GLU A 935 -6.22 28.18 -15.74
CA GLU A 935 -7.11 27.30 -16.48
C GLU A 935 -6.53 26.90 -17.83
N GLN A 936 -5.80 27.81 -18.49
CA GLN A 936 -5.21 27.50 -19.79
C GLN A 936 -4.16 26.40 -19.68
N ILE A 937 -3.33 26.42 -18.63
CA ILE A 937 -2.34 25.36 -18.47
C ILE A 937 -3.00 24.06 -18.01
N VAL A 938 -3.96 24.13 -17.08
CA VAL A 938 -4.57 22.90 -16.59
C VAL A 938 -5.50 22.28 -17.64
N GLN A 939 -5.87 23.02 -18.68
CA GLN A 939 -6.66 22.45 -19.77
C GLN A 939 -5.85 22.19 -21.04
N LEU A 940 -4.62 22.71 -21.12
CA LEU A 940 -3.79 22.46 -22.29
C LEU A 940 -2.82 21.29 -22.10
N SER A 941 -2.19 21.22 -20.93
CA SER A 941 -1.26 20.16 -20.52
C SER A 941 -0.05 20.08 -21.46
N ASP A 942 0.71 21.19 -21.50
CA ASP A 942 1.98 21.23 -22.20
C ASP A 942 3.09 21.94 -21.44
N GLU A 943 2.78 22.57 -20.30
CA GLU A 943 3.73 23.32 -19.47
C GLU A 943 4.11 22.48 -18.26
N PRO A 944 5.04 22.94 -17.41
CA PRO A 944 5.10 22.40 -16.05
C PRO A 944 3.78 22.63 -15.33
N ARG A 945 3.36 21.64 -14.55
CA ARG A 945 2.03 21.65 -13.98
C ARG A 945 1.91 22.70 -12.87
N PRO A 946 0.80 23.41 -12.81
CA PRO A 946 0.60 24.36 -11.72
C PRO A 946 0.35 23.65 -10.40
N GLY A 947 0.69 24.33 -9.31
CA GLY A 947 0.67 23.71 -8.00
C GLY A 947 1.91 22.92 -7.67
N THR A 948 2.81 22.72 -8.63
CA THR A 948 4.05 21.98 -8.42
C THR A 948 5.22 22.93 -8.40
N THR A 949 6.35 22.44 -7.88
CA THR A 949 7.58 23.23 -7.82
C THR A 949 8.25 23.32 -9.19
N LYS A 950 7.78 22.56 -10.18
CA LYS A 950 8.37 22.60 -11.52
C LYS A 950 8.08 23.90 -12.25
N ARG A 951 6.93 24.53 -12.00
CA ARG A 951 6.56 25.76 -12.67
C ARG A 951 7.00 26.95 -11.82
N ARG A 952 7.40 28.03 -12.48
CA ARG A 952 7.93 29.22 -11.81
C ARG A 952 7.16 30.45 -12.25
N GLN A 953 6.90 31.37 -11.31
CA GLN A 953 6.28 32.64 -11.64
C GLN A 953 7.00 33.75 -10.90
N TYR A 954 7.16 34.89 -11.58
CA TYR A 954 7.88 36.03 -11.02
C TYR A 954 6.88 37.00 -10.44
N TYR A 955 7.02 37.28 -9.15
CA TYR A 955 6.11 38.15 -8.43
C TYR A 955 6.84 39.39 -7.98
N TYR A 956 6.15 40.52 -8.00
CA TYR A 956 6.75 41.79 -7.59
C TYR A 956 6.92 41.83 -6.08
N LYS A 957 8.09 42.26 -5.62
CA LYS A 957 8.33 42.41 -4.20
C LYS A 957 7.50 43.57 -3.71
N ARG A 958 6.34 43.26 -3.12
CA ARG A 958 5.47 44.29 -2.59
C ARG A 958 6.15 44.96 -1.40
N ILE A 959 6.43 46.25 -1.51
CA ILE A 959 6.97 46.99 -0.38
C ILE A 959 5.81 47.33 0.53
N ALA A 960 6.11 47.78 1.74
CA ALA A 960 5.10 48.00 2.76
C ALA A 960 4.14 49.11 2.37
N SER A 961 2.95 49.08 2.98
CA SER A 961 2.04 50.20 2.85
C SER A 961 2.63 51.46 3.47
N GLU A 962 3.29 51.32 4.61
CA GLU A 962 3.86 52.45 5.33
C GLU A 962 5.13 53.00 4.70
N PHE A 963 5.69 52.32 3.70
CA PHE A 963 6.92 52.76 3.06
C PHE A 963 6.70 53.21 1.62
N CYS A 964 5.46 53.29 1.16
CA CYS A 964 5.16 53.68 -0.20
C CYS A 964 4.47 55.04 -0.19
N ASP A 965 5.03 56.00 -0.92
CA ASP A 965 4.56 57.38 -1.01
C ASP A 965 4.47 58.02 0.38
N CYS A 966 5.64 58.19 0.99
CA CYS A 966 5.73 58.61 2.38
C CYS A 966 6.79 59.68 2.65
N ARG A 967 7.36 60.27 1.61
CA ARG A 967 8.43 61.25 1.82
C ARG A 967 7.86 62.52 2.41
N PRO A 968 8.44 63.03 3.50
CA PRO A 968 7.94 64.28 4.09
C PRO A 968 8.14 65.45 3.15
N VAL A 969 7.15 66.33 3.12
CA VAL A 969 7.17 67.49 2.25
C VAL A 969 7.30 68.72 3.13
N ALA A 970 7.48 69.88 2.51
CA ALA A 970 7.73 71.10 3.25
C ALA A 970 6.45 71.55 3.94
N GLY A 971 6.34 71.24 5.23
CA GLY A 971 5.20 71.63 6.04
C GLY A 971 4.53 70.49 6.78
N ALA A 972 4.50 69.30 6.18
CA ALA A 972 3.82 68.17 6.79
C ALA A 972 4.63 67.63 7.97
N PRO A 973 4.07 67.61 9.18
CA PRO A 973 4.83 67.11 10.34
C PRO A 973 5.02 65.60 10.27
N CYS A 974 6.27 65.17 10.18
CA CYS A 974 6.61 63.78 9.94
C CYS A 974 7.09 63.11 11.21
N TYR A 975 6.82 61.81 11.30
CA TYR A 975 7.27 60.98 12.41
C TYR A 975 8.74 60.65 12.30
N LEU A 976 9.42 60.69 13.44
CA LEU A 976 10.85 60.44 13.55
C LEU A 976 11.07 59.17 14.37
N TYR A 977 11.95 58.31 13.87
CA TYR A 977 12.06 56.92 14.34
C TYR A 977 13.54 56.57 14.41
N PHE A 978 14.13 56.73 15.59
CA PHE A 978 15.52 56.36 15.75
C PHE A 978 15.67 54.84 15.72
N ILE A 979 16.77 54.38 15.15
CA ILE A 979 17.06 52.95 15.02
C ILE A 979 17.94 52.58 16.21
N GLN A 980 17.31 52.12 17.29
CA GLN A 980 17.99 51.89 18.55
C GLN A 980 18.60 50.49 18.55
N LEU A 981 19.93 50.43 18.59
CA LEU A 981 20.68 49.19 18.55
C LEU A 981 21.25 48.90 19.94
N THR A 982 21.37 47.62 20.28
CA THR A 982 21.91 47.26 21.58
C THR A 982 22.60 45.90 21.49
N LEU A 983 23.88 45.85 21.90
CA LEU A 983 24.59 44.59 21.95
C LEU A 983 23.98 43.65 22.97
N GLN A 984 23.74 42.40 22.57
CA GLN A 984 23.18 41.40 23.47
C GLN A 984 24.14 40.26 23.75
N CYS A 985 24.73 39.68 22.70
CA CYS A 985 25.76 38.65 22.84
C CYS A 985 27.04 39.14 22.18
N PRO A 986 28.02 39.61 22.96
CA PRO A 986 29.30 40.00 22.37
C PRO A 986 30.03 38.80 21.80
N ILE A 987 30.82 39.05 20.77
CA ILE A 987 31.46 37.96 20.02
C ILE A 987 32.55 37.32 20.87
N PRO A 988 32.55 35.99 21.04
CA PRO A 988 33.61 35.34 21.80
C PRO A 988 34.95 35.44 21.08
N GLU A 989 36.02 35.47 21.88
CA GLU A 989 37.35 35.80 21.39
C GLU A 989 38.00 34.67 20.61
N GLU A 990 37.39 33.48 20.56
CA GLU A 990 37.96 32.38 19.80
C GLU A 990 37.92 32.64 18.30
N GLN A 991 36.96 33.43 17.81
CA GLN A 991 36.98 33.88 16.42
C GLN A 991 37.59 35.27 16.26
N ASN A 992 38.01 35.92 17.35
CA ASN A 992 38.66 37.22 17.23
C ASN A 992 40.09 37.05 16.72
N THR A 993 40.23 36.74 15.43
CA THR A 993 41.54 36.46 14.86
C THR A 993 42.42 37.69 14.79
N ARG A 994 41.84 38.89 14.83
CA ARG A 994 42.62 40.12 14.84
C ARG A 994 42.73 40.74 16.23
N GLY A 995 41.97 40.24 17.19
CA GLY A 995 42.04 40.76 18.56
C GLY A 995 41.57 42.20 18.70
N ARG A 996 40.55 42.58 17.95
CA ARG A 996 40.07 43.95 17.94
C ARG A 996 39.21 44.22 19.17
N LYS A 997 38.96 45.50 19.41
CA LYS A 997 38.15 45.91 20.54
C LYS A 997 36.67 45.65 20.25
N ILE A 998 35.92 45.38 21.32
CA ILE A 998 34.48 45.21 21.23
C ILE A 998 33.86 46.60 21.22
N TYR A 999 33.09 46.90 20.18
CA TYR A 999 32.53 48.24 19.99
C TYR A 999 31.02 48.20 20.11
N PRO A 1000 30.45 48.46 21.27
CA PRO A 1000 29.01 48.40 21.43
C PRO A 1000 28.35 49.64 20.85
N PRO A 1001 27.37 49.48 19.96
CA PRO A 1001 26.71 50.65 19.37
C PRO A 1001 25.78 51.39 20.31
N GLU A 1002 25.52 50.87 21.51
CA GLU A 1002 24.70 51.59 22.48
C GLU A 1002 25.38 52.86 22.96
N ASP A 1003 26.70 52.84 23.10
CA ASP A 1003 27.44 53.95 23.69
C ASP A 1003 27.80 54.98 22.62
N ALA A 1004 27.66 54.62 21.34
CA ALA A 1004 28.05 55.47 20.24
C ALA A 1004 27.20 56.74 20.17
N GLN A 1005 27.87 57.88 19.95
CA GLN A 1005 27.20 59.17 20.10
C GLN A 1005 26.27 59.48 18.93
N GLN A 1006 26.62 59.04 17.73
CA GLN A 1006 25.84 59.34 16.55
C GLN A 1006 25.07 58.10 16.12
N GLY A 1007 23.78 58.28 15.86
CA GLY A 1007 22.92 57.18 15.44
C GLY A 1007 22.27 57.41 14.10
N PHE A 1008 21.14 56.75 13.85
CA PHE A 1008 20.42 56.88 12.60
C PHE A 1008 18.93 56.90 12.89
N GLY A 1009 18.17 57.46 11.95
CA GLY A 1009 16.74 57.58 12.16
C GLY A 1009 15.98 57.59 10.86
N ILE A 1010 14.67 57.45 10.99
CA ILE A 1010 13.73 57.35 9.89
C ILE A 1010 12.76 58.51 10.00
N LEU A 1011 12.58 59.24 8.91
CA LEU A 1011 11.55 60.27 8.81
C LEU A 1011 10.51 59.79 7.81
N THR A 1012 9.26 59.67 8.28
CA THR A 1012 8.21 59.14 7.42
C THR A 1012 6.89 59.83 7.78
N THR A 1013 5.94 59.80 6.85
CA THR A 1013 4.66 60.46 7.05
C THR A 1013 3.51 59.49 7.30
N LYS A 1014 3.74 58.18 7.26
CA LYS A 1014 2.76 57.19 7.71
C LYS A 1014 3.35 56.44 8.87
N ARG A 1015 2.57 56.30 9.95
CA ARG A 1015 3.09 55.81 11.22
C ARG A 1015 3.42 54.33 11.13
N ILE A 1016 4.62 53.97 11.60
CA ILE A 1016 5.02 52.57 11.68
C ILE A 1016 4.30 51.91 12.85
N PRO A 1017 3.70 50.74 12.69
CA PRO A 1017 3.04 50.07 13.82
C PRO A 1017 4.03 49.49 14.80
N LYS A 1018 3.53 48.88 15.89
CA LYS A 1018 4.42 48.17 16.79
C LYS A 1018 4.98 46.95 16.08
N LEU A 1019 6.31 46.78 16.15
CA LEU A 1019 6.97 45.70 15.43
C LEU A 1019 7.94 44.97 16.35
N SER A 1020 8.27 43.74 15.94
CA SER A 1020 9.05 42.84 16.79
C SER A 1020 10.53 43.17 16.69
N ALA A 1021 11.18 43.28 17.85
CA ALA A 1021 12.59 43.67 17.91
C ALA A 1021 13.46 42.50 17.47
N PHE A 1022 13.93 42.54 16.23
CA PHE A 1022 14.80 41.49 15.72
C PHE A 1022 16.26 41.80 16.07
N SER A 1023 17.16 40.94 15.60
CA SER A 1023 18.57 41.07 15.89
C SER A 1023 19.41 40.68 14.68
N ILE A 1024 20.50 41.40 14.48
CA ILE A 1024 21.44 41.11 13.41
C ILE A 1024 22.79 40.76 14.01
N PHE A 1025 23.56 39.99 13.27
CA PHE A 1025 24.83 39.46 13.74
C PHE A 1025 25.95 40.10 12.94
N THR A 1026 26.68 41.00 13.59
CA THR A 1026 27.72 41.79 12.97
C THR A 1026 29.06 41.44 13.60
N ARG A 1027 30.09 42.22 13.25
CA ARG A 1027 31.44 41.95 13.68
C ARG A 1027 31.67 42.22 15.17
N SER A 1028 30.70 42.82 15.85
CA SER A 1028 30.76 42.91 17.31
C SER A 1028 29.79 41.96 17.99
N GLY A 1029 29.21 41.01 17.26
CA GLY A 1029 28.36 40.00 17.86
C GLY A 1029 26.89 40.16 17.52
N GLU A 1030 26.01 39.71 18.41
CA GLU A 1030 24.58 39.88 18.22
C GLU A 1030 24.15 41.25 18.72
N VAL A 1031 23.45 42.00 17.87
CA VAL A 1031 22.91 43.30 18.27
C VAL A 1031 21.42 43.32 17.96
N LYS A 1032 20.61 43.59 18.98
CA LYS A 1032 19.17 43.70 18.86
C LYS A 1032 18.81 45.07 18.30
N VAL A 1033 17.90 45.09 17.33
CA VAL A 1033 17.53 46.28 16.57
C VAL A 1033 16.08 46.61 16.88
N SER A 1034 15.81 47.82 17.34
CA SER A 1034 14.46 48.29 17.56
C SER A 1034 14.29 49.65 16.86
N LEU A 1035 13.05 50.11 16.80
CA LEU A 1035 12.73 51.44 16.30
C LEU A 1035 11.96 52.19 17.38
N GLU A 1036 12.43 53.38 17.75
CA GLU A 1036 11.82 54.14 18.83
C GLU A 1036 11.41 55.51 18.33
N LEU A 1037 10.22 55.95 18.75
CA LEU A 1037 9.62 57.19 18.31
C LEU A 1037 10.26 58.40 18.99
N ALA A 1038 10.23 59.52 18.28
CA ALA A 1038 10.54 60.80 18.91
C ALA A 1038 9.26 61.37 19.51
N LYS A 1039 9.31 61.73 20.79
CA LYS A 1039 8.12 62.19 21.50
C LYS A 1039 7.66 63.58 21.09
N GLU A 1040 8.46 64.30 20.30
CA GLU A 1040 8.01 65.52 19.65
C GLU A 1040 8.07 65.33 18.13
N ARG A 1041 7.01 65.75 17.45
CA ARG A 1041 6.99 65.64 16.00
C ARG A 1041 7.91 66.69 15.38
N VAL A 1042 8.39 66.38 14.18
CA VAL A 1042 9.37 67.20 13.49
C VAL A 1042 8.72 67.82 12.28
N ILE A 1043 8.71 69.15 12.21
CA ILE A 1043 8.19 69.90 11.07
C ILE A 1043 9.37 70.31 10.22
N LEU A 1044 9.36 69.88 8.96
CA LEU A 1044 10.56 69.87 8.13
C LEU A 1044 10.40 70.89 7.03
N THR A 1045 11.35 71.82 6.93
CA THR A 1045 11.27 72.95 6.01
C THR A 1045 11.64 72.57 4.59
N SER A 1046 11.85 73.56 3.71
CA SER A 1046 12.08 73.27 2.31
C SER A 1046 13.56 73.17 1.95
N GLU A 1047 14.42 73.93 2.62
CA GLU A 1047 15.86 73.79 2.42
C GLU A 1047 16.36 72.48 3.01
N GLN A 1048 15.79 72.07 4.15
CA GLN A 1048 16.15 70.79 4.73
C GLN A 1048 15.72 69.61 3.88
N ILE A 1049 14.74 69.80 2.98
CA ILE A 1049 14.36 68.74 2.04
C ILE A 1049 15.53 68.41 1.12
N VAL A 1050 16.17 69.43 0.56
CA VAL A 1050 17.32 69.13 -0.30
C VAL A 1050 18.55 68.79 0.53
N CYS A 1051 18.57 69.17 1.81
CA CYS A 1051 19.62 68.68 2.71
C CYS A 1051 19.55 67.17 2.89
N ILE A 1052 18.36 66.64 3.24
CA ILE A 1052 18.19 65.19 3.36
C ILE A 1052 18.36 64.51 2.01
N ASN A 1053 17.97 65.17 0.91
CA ASN A 1053 18.16 64.61 -0.41
C ASN A 1053 19.63 64.49 -0.80
N GLY A 1054 20.47 65.41 -0.35
CA GLY A 1054 21.91 65.23 -0.51
C GLY A 1054 22.44 64.10 0.35
N PHE A 1055 21.94 64.03 1.59
CA PHE A 1055 22.45 63.05 2.54
C PHE A 1055 22.14 61.62 2.13
N LEU A 1056 20.94 61.35 1.61
CA LEU A 1056 20.58 60.01 1.17
C LEU A 1056 21.45 59.55 0.01
N ASN A 1057 21.70 60.45 -0.94
CA ASN A 1057 22.54 60.13 -2.07
C ASN A 1057 23.97 59.83 -1.61
N TYR A 1058 24.46 60.59 -0.64
CA TYR A 1058 25.79 60.34 -0.10
C TYR A 1058 25.89 59.01 0.63
N THR A 1059 24.95 58.73 1.53
CA THR A 1059 24.99 57.53 2.37
C THR A 1059 24.80 56.27 1.53
N PHE A 1060 23.85 56.26 0.61
CA PHE A 1060 23.59 55.01 -0.08
C PHE A 1060 24.24 54.97 -1.46
N THR A 1061 25.05 55.97 -1.81
CA THR A 1061 25.71 55.94 -3.11
C THR A 1061 27.22 55.97 -2.95
N ASN A 1062 27.70 56.77 -2.00
CA ASN A 1062 29.14 56.90 -1.81
C ASN A 1062 29.64 56.11 -0.61
N VAL A 1063 28.95 56.20 0.53
CA VAL A 1063 29.43 55.56 1.75
C VAL A 1063 29.32 54.05 1.67
N LEU A 1064 28.16 53.53 1.32
CA LEU A 1064 27.97 52.09 1.24
C LEU A 1064 27.96 51.56 -0.18
N ARG A 1065 27.81 52.42 -1.18
CA ARG A 1065 27.89 52.11 -2.60
C ARG A 1065 26.91 51.04 -3.08
N LEU A 1066 25.62 51.16 -2.76
CA LEU A 1066 24.65 50.18 -3.20
C LEU A 1066 23.94 50.60 -4.48
N GLN A 1067 24.25 51.78 -5.01
CA GLN A 1067 23.53 52.28 -6.18
C GLN A 1067 24.00 51.54 -7.42
N LYS A 1068 23.08 50.86 -8.08
CA LYS A 1068 23.38 50.20 -9.33
C LYS A 1068 23.22 51.17 -10.49
N PHE A 1069 23.62 50.72 -11.68
CA PHE A 1069 23.45 51.54 -12.87
C PHE A 1069 21.98 51.63 -13.26
N LEU A 1070 21.24 50.54 -13.10
CA LEU A 1070 19.81 50.52 -13.38
C LEU A 1070 19.02 51.01 -12.17
N MET A 1071 19.45 52.11 -11.58
CA MET A 1071 18.84 52.65 -10.37
C MET A 1071 19.38 54.06 -10.24
N LEU A 1072 18.52 54.98 -9.85
CA LEU A 1072 18.89 56.39 -9.78
C LEU A 1072 18.12 57.03 -8.64
N PHE A 1073 18.67 58.12 -8.13
CA PHE A 1073 18.05 58.83 -7.03
C PHE A 1073 16.90 59.67 -7.56
N ASP A 1074 15.69 59.35 -7.11
CA ASP A 1074 14.51 60.11 -7.51
C ASP A 1074 13.95 60.80 -6.28
N PRO A 1075 14.20 62.10 -6.08
CA PRO A 1075 13.73 62.77 -4.87
C PRO A 1075 12.23 63.02 -4.85
N ASP A 1076 11.51 62.77 -5.95
CA ASP A 1076 10.05 62.78 -5.97
C ASP A 1076 9.61 61.41 -6.48
N SER A 1077 9.53 60.45 -5.57
CA SER A 1077 9.33 59.06 -5.91
C SER A 1077 8.07 58.51 -5.26
N THR A 1078 7.70 57.31 -5.68
CA THR A 1078 6.53 56.62 -5.16
C THR A 1078 6.89 55.38 -4.35
N GLU A 1079 7.80 54.55 -4.86
CA GLU A 1079 8.20 53.32 -4.20
C GLU A 1079 9.48 53.56 -3.41
N ASN A 1080 9.56 52.93 -2.24
CA ASN A 1080 10.65 53.07 -1.27
C ASN A 1080 10.86 54.54 -0.91
N CYS A 1081 9.85 55.11 -0.25
CA CYS A 1081 9.74 56.55 -0.26
C CYS A 1081 9.83 57.07 1.18
N VAL A 1082 10.87 56.65 1.91
CA VAL A 1082 11.05 57.04 3.30
C VAL A 1082 12.40 57.76 3.42
N PHE A 1083 12.47 58.73 4.33
CA PHE A 1083 13.67 59.51 4.54
C PHE A 1083 14.52 58.92 5.66
N ILE A 1084 15.83 59.09 5.55
CA ILE A 1084 16.79 58.61 6.56
C ILE A 1084 17.63 59.78 7.04
N VAL A 1085 17.74 59.94 8.35
CA VAL A 1085 18.40 61.11 8.93
C VAL A 1085 19.55 60.67 9.83
N PRO A 1086 20.65 61.41 9.88
CA PRO A 1086 21.70 61.11 10.86
C PRO A 1086 21.41 61.80 12.18
N THR A 1087 21.33 61.02 13.25
CA THR A 1087 20.95 61.55 14.53
C THR A 1087 22.17 61.69 15.42
N VAL A 1088 21.96 62.24 16.61
CA VAL A 1088 23.02 62.42 17.59
C VAL A 1088 22.41 62.47 18.98
N LYS A 1089 23.14 61.95 19.95
CA LYS A 1089 22.72 62.03 21.34
C LYS A 1089 22.90 63.46 21.84
N ALA A 1090 21.87 64.00 22.46
CA ALA A 1090 22.00 65.32 23.06
C ALA A 1090 22.89 65.22 24.30
N PRO A 1091 23.79 66.20 24.50
CA PRO A 1091 24.68 66.15 25.67
C PRO A 1091 23.94 66.23 27.00
N ALA A 1092 22.81 66.92 27.06
CA ALA A 1092 22.01 66.99 28.27
C ALA A 1092 21.09 65.79 28.45
N GLY A 1093 21.04 64.89 27.46
CA GLY A 1093 20.17 63.73 27.53
C GLY A 1093 19.21 63.67 26.37
N GLY A 1094 18.93 62.46 25.88
CA GLY A 1094 18.05 62.28 24.76
C GLY A 1094 18.78 62.33 23.42
N LYS A 1095 18.02 62.07 22.36
CA LYS A 1095 18.54 62.01 21.01
C LYS A 1095 17.74 62.95 20.13
N HIS A 1096 18.41 63.53 19.14
CA HIS A 1096 17.74 64.41 18.18
C HIS A 1096 18.45 64.28 16.85
N ILE A 1097 18.04 65.10 15.90
CA ILE A 1097 18.59 65.03 14.54
C ILE A 1097 19.78 65.96 14.42
N ASP A 1098 20.87 65.47 13.82
CA ASP A 1098 22.14 66.17 13.73
C ASP A 1098 22.15 67.12 12.55
N TRP A 1099 21.54 68.30 12.73
CA TRP A 1099 21.48 69.30 11.66
C TRP A 1099 22.84 69.84 11.27
N GLN A 1100 23.71 70.05 12.25
CA GLN A 1100 25.07 70.53 11.96
C GLN A 1100 25.84 69.49 11.16
N PHE A 1101 25.60 68.20 11.43
CA PHE A 1101 26.26 67.17 10.65
C PHE A 1101 25.73 67.10 9.23
N LEU A 1102 24.44 67.33 9.01
CA LEU A 1102 23.96 67.36 7.63
C LEU A 1102 24.47 68.59 6.89
N GLU A 1103 24.61 69.72 7.57
CA GLU A 1103 25.22 70.89 6.94
C GLU A 1103 26.68 70.64 6.60
N LEU A 1104 27.40 69.95 7.50
CA LEU A 1104 28.79 69.59 7.24
C LEU A 1104 28.89 68.61 6.09
N ILE A 1105 27.97 67.65 6.02
CA ILE A 1105 27.94 66.66 4.95
C ILE A 1105 27.62 67.35 3.61
N GLN A 1106 26.69 68.30 3.63
CA GLN A 1106 26.30 69.02 2.43
C GLN A 1106 27.41 69.94 1.95
N ALA A 1107 28.25 70.40 2.88
CA ALA A 1107 29.33 71.34 2.56
C ALA A 1107 30.33 70.76 1.58
N ASN A 1108 30.70 69.50 1.74
CA ASN A 1108 31.59 68.82 0.80
C ASN A 1108 30.87 67.59 0.24
N GLY A 1109 30.64 67.61 -1.07
CA GLY A 1109 29.93 66.51 -1.69
C GLY A 1109 30.82 65.33 -1.97
N ASN A 1110 30.73 64.76 -3.17
CA ASN A 1110 31.62 63.68 -3.59
C ASN A 1110 33.00 64.28 -3.86
N THR A 1111 33.74 64.48 -2.77
CA THR A 1111 34.98 65.23 -2.81
C THR A 1111 36.14 64.30 -3.15
N MET A 1112 36.94 64.70 -4.13
CA MET A 1112 38.18 64.03 -4.42
C MET A 1112 39.11 64.20 -3.24
N PRO A 1113 39.65 63.12 -2.65
CA PRO A 1113 40.63 63.27 -1.57
C PRO A 1113 41.87 64.00 -2.06
N ARG A 1114 42.36 64.92 -1.23
CA ARG A 1114 43.33 65.92 -1.66
C ARG A 1114 44.74 65.39 -1.46
N ALA A 1115 45.48 65.27 -2.57
CA ALA A 1115 46.88 64.85 -2.55
C ALA A 1115 47.69 66.04 -2.04
N VAL A 1116 47.81 66.11 -0.72
CA VAL A 1116 48.37 67.28 -0.03
C VAL A 1116 49.88 67.36 -0.27
N PRO A 1117 50.45 68.54 -0.39
CA PRO A 1117 51.90 68.68 -0.54
C PRO A 1117 52.60 68.53 0.81
N ASP A 1118 53.92 68.69 0.77
CA ASP A 1118 54.79 68.41 1.91
C ASP A 1118 54.58 69.40 3.05
N GLU A 1119 54.16 70.62 2.73
CA GLU A 1119 54.08 71.69 3.71
C GLU A 1119 52.90 71.50 4.65
N GLU A 1120 51.79 70.93 4.15
CA GLU A 1120 50.63 70.70 5.00
C GLU A 1120 50.93 69.65 6.06
N ARG A 1121 51.60 68.58 5.67
CA ARG A 1121 52.03 67.59 6.65
C ARG A 1121 53.13 68.13 7.57
N GLN A 1122 53.96 69.04 7.08
CA GLN A 1122 54.94 69.67 7.96
C GLN A 1122 54.32 70.70 8.90
N ALA A 1123 53.07 71.12 8.66
CA ALA A 1123 52.46 72.19 9.44
C ALA A 1123 52.16 71.78 10.89
N GLN A 1124 51.28 70.80 11.09
CA GLN A 1124 50.88 70.47 12.45
C GLN A 1124 51.36 69.08 12.83
N PRO A 1125 51.57 68.83 14.14
CA PRO A 1125 51.92 67.47 14.58
C PRO A 1125 50.71 66.57 14.70
N PHE A 1126 50.93 65.36 15.22
CA PHE A 1126 49.85 64.39 15.40
C PHE A 1126 48.92 64.82 16.52
N ASP A 1127 47.62 64.53 16.33
CA ASP A 1127 46.62 64.74 17.36
C ASP A 1127 46.08 63.40 17.82
N PRO A 1128 46.18 63.05 19.11
CA PRO A 1128 45.47 61.86 19.60
C PRO A 1128 44.04 62.16 20.00
N GLN A 1129 43.34 62.94 19.19
CA GLN A 1129 41.90 63.13 19.30
C GLN A 1129 41.19 63.15 17.96
N ARG A 1130 41.88 63.46 16.86
CA ARG A 1130 41.27 63.38 15.55
C ARG A 1130 41.00 61.93 15.15
N PHE A 1131 41.90 61.03 15.49
CA PHE A 1131 41.86 59.66 14.99
C PHE A 1131 41.18 58.70 15.96
N GLN A 1132 40.55 59.21 17.01
CA GLN A 1132 39.65 58.42 17.82
C GLN A 1132 38.28 58.43 17.15
N ASP A 1133 37.76 57.22 16.85
CA ASP A 1133 36.54 57.01 16.06
C ASP A 1133 36.65 57.70 14.69
N ALA A 1134 37.58 57.22 13.88
CA ALA A 1134 37.85 57.80 12.58
C ALA A 1134 37.86 56.71 11.51
N VAL A 1135 37.81 57.14 10.26
CA VAL A 1135 37.98 56.25 9.11
C VAL A 1135 39.06 56.85 8.24
N VAL A 1136 40.06 56.04 7.91
CA VAL A 1136 41.40 56.54 7.60
C VAL A 1136 41.82 56.23 6.16
N MET A 1137 40.91 56.45 5.21
CA MET A 1137 41.17 56.17 3.80
C MET A 1137 42.44 56.87 3.32
N PRO A 1138 43.27 56.20 2.52
CA PRO A 1138 44.53 56.81 2.07
C PRO A 1138 44.39 57.52 0.74
N TRP A 1139 45.06 58.66 0.64
CA TRP A 1139 44.91 59.51 -0.54
C TRP A 1139 45.92 59.21 -1.64
N TYR A 1140 46.94 58.39 -1.37
CA TYR A 1140 47.97 58.13 -2.36
C TYR A 1140 47.64 56.96 -3.29
N ARG A 1141 46.63 56.16 -2.96
CA ARG A 1141 46.16 55.09 -3.83
C ARG A 1141 44.64 55.05 -3.77
N ASN A 1142 44.05 54.47 -4.83
CA ASN A 1142 42.60 54.35 -5.02
C ASN A 1142 41.94 55.73 -4.97
N GLN A 1143 42.28 56.53 -5.98
CA GLN A 1143 41.98 57.96 -5.93
C GLN A 1143 40.48 58.23 -6.10
N ASP A 1144 39.83 57.54 -7.04
CA ASP A 1144 38.44 57.88 -7.36
C ASP A 1144 37.47 57.37 -6.30
N GLN A 1145 37.74 56.21 -5.71
CA GLN A 1145 36.92 55.69 -4.63
C GLN A 1145 37.81 54.83 -3.75
N PRO A 1146 38.32 55.39 -2.66
CA PRO A 1146 39.28 54.66 -1.83
C PRO A 1146 38.59 53.61 -0.98
N GLN A 1147 39.37 52.57 -0.65
CA GLN A 1147 38.95 51.63 0.37
C GLN A 1147 39.00 52.32 1.72
N TYR A 1148 38.01 52.05 2.55
CA TYR A 1148 37.90 52.69 3.83
C TYR A 1148 38.41 51.76 4.91
N PHE A 1149 39.36 52.22 5.70
CA PHE A 1149 39.92 51.44 6.80
C PHE A 1149 39.41 52.02 8.10
N TYR A 1150 39.19 51.16 9.08
CA TYR A 1150 38.84 51.63 10.41
C TYR A 1150 40.10 52.13 11.12
N VAL A 1151 39.93 52.69 12.30
CA VAL A 1151 41.02 52.83 13.25
C VAL A 1151 40.82 51.80 14.35
N ALA A 1152 41.82 50.95 14.55
CA ALA A 1152 41.72 49.92 15.56
C ALA A 1152 42.64 50.20 16.73
N GLU A 1153 43.93 50.39 16.49
CA GLU A 1153 44.82 50.79 17.57
C GLU A 1153 45.70 51.94 17.10
N ILE A 1154 45.89 52.92 17.98
CA ILE A 1154 46.93 53.92 17.82
C ILE A 1154 48.18 53.40 18.51
N CYS A 1155 49.31 53.44 17.80
CA CYS A 1155 50.52 52.76 18.25
C CYS A 1155 51.62 53.76 18.55
N PRO A 1156 51.87 54.12 19.81
CA PRO A 1156 53.04 54.94 20.14
C PRO A 1156 54.33 54.15 20.16
N HIS A 1157 54.28 52.82 20.17
CA HIS A 1157 55.46 51.98 20.17
C HIS A 1157 55.96 51.68 18.76
N LEU A 1158 55.29 52.21 17.74
CA LEU A 1158 55.78 52.15 16.36
C LEU A 1158 56.04 53.55 15.86
N SER A 1159 56.94 53.65 14.89
CA SER A 1159 57.36 54.92 14.32
C SER A 1159 57.48 54.76 12.81
N PRO A 1160 57.45 55.85 12.05
CA PRO A 1160 57.80 55.75 10.63
C PRO A 1160 59.24 55.33 10.38
N LEU A 1161 60.13 55.50 11.35
CA LEU A 1161 61.49 54.96 11.27
C LEU A 1161 61.63 53.62 11.96
N SER A 1162 60.54 53.01 12.43
CA SER A 1162 60.63 51.73 13.09
C SER A 1162 60.75 50.61 12.06
N CYS A 1163 60.84 49.38 12.57
CA CYS A 1163 61.25 48.25 11.75
C CYS A 1163 60.16 47.83 10.76
N PHE A 1164 60.60 47.47 9.56
CA PHE A 1164 59.68 46.95 8.56
C PHE A 1164 59.26 45.52 8.90
N PRO A 1165 58.05 45.11 8.50
CA PRO A 1165 57.68 43.70 8.60
C PRO A 1165 58.55 42.77 7.77
N GLY A 1166 58.65 43.04 6.48
CA GLY A 1166 59.46 42.24 5.59
C GLY A 1166 60.92 42.63 5.62
N ASP A 1167 61.71 41.95 4.79
CA ASP A 1167 63.12 42.25 4.65
C ASP A 1167 63.44 43.03 3.39
N ASN A 1168 62.52 43.06 2.41
CA ASN A 1168 62.77 43.72 1.14
C ASN A 1168 62.89 45.24 1.27
N TYR A 1169 62.29 45.81 2.32
CA TYR A 1169 62.35 47.25 2.52
C TYR A 1169 62.86 47.56 3.91
N ARG A 1170 63.39 48.77 4.04
CA ARG A 1170 63.74 49.38 5.32
C ARG A 1170 62.49 49.97 5.96
N THR A 1171 62.69 50.89 6.90
CA THR A 1171 61.67 51.51 7.73
C THR A 1171 60.47 52.09 6.99
N PHE A 1172 59.39 52.37 7.74
CA PHE A 1172 58.11 52.78 7.15
C PHE A 1172 58.24 54.06 6.37
N LYS A 1173 58.99 55.04 6.89
CA LYS A 1173 59.28 56.25 6.14
C LYS A 1173 60.05 55.92 4.87
N HIS A 1174 61.06 55.04 4.99
CA HIS A 1174 61.86 54.62 3.83
C HIS A 1174 61.01 53.86 2.85
N TYR A 1175 60.09 53.03 3.36
CA TYR A 1175 59.14 52.30 2.53
C TYR A 1175 58.29 53.27 1.72
N TYR A 1176 57.82 54.34 2.37
CA TYR A 1176 56.93 55.27 1.68
C TYR A 1176 57.67 56.12 0.67
N LEU A 1177 58.97 56.42 0.89
CA LEU A 1177 59.64 57.12 -0.22
C LEU A 1177 59.98 56.17 -1.36
N VAL A 1178 60.32 54.91 -1.06
CA VAL A 1178 60.77 54.06 -2.17
C VAL A 1178 59.58 53.53 -2.99
N LYS A 1179 58.40 53.39 -2.38
CA LYS A 1179 57.30 52.80 -3.14
C LYS A 1179 56.61 53.82 -4.03
N TYR A 1180 56.23 54.97 -3.45
CA TYR A 1180 55.55 56.02 -4.20
C TYR A 1180 56.40 57.27 -4.32
N GLY A 1181 56.81 57.85 -3.20
CA GLY A 1181 57.51 59.12 -3.20
C GLY A 1181 57.01 60.10 -2.16
N LEU A 1182 56.15 59.63 -1.25
CA LEU A 1182 55.67 60.44 -0.16
C LEU A 1182 56.68 60.41 0.98
N THR A 1183 57.46 61.48 1.10
CA THR A 1183 58.29 61.71 2.27
C THR A 1183 57.38 62.03 3.45
N ILE A 1184 57.72 61.50 4.62
CA ILE A 1184 56.96 61.77 5.83
C ILE A 1184 57.70 62.82 6.65
N GLN A 1185 57.05 63.95 6.92
CA GLN A 1185 57.74 65.06 7.56
C GLN A 1185 57.68 64.99 9.07
N ASN A 1186 56.92 64.05 9.61
CA ASN A 1186 56.92 63.79 11.05
C ASN A 1186 57.49 62.40 11.28
N THR A 1187 58.54 62.33 12.09
CA THR A 1187 59.16 61.08 12.49
C THR A 1187 58.73 60.63 13.88
N SER A 1188 58.39 61.58 14.75
CA SER A 1188 57.92 61.29 16.09
C SER A 1188 56.44 60.95 16.14
N GLN A 1189 55.79 60.82 14.98
CA GLN A 1189 54.37 60.49 14.94
C GLN A 1189 54.14 59.04 15.32
N PRO A 1190 53.00 58.73 15.94
CA PRO A 1190 52.62 57.34 16.16
C PRO A 1190 52.10 56.68 14.89
N LEU A 1191 51.64 55.43 14.98
CA LEU A 1191 51.15 54.72 13.80
C LEU A 1191 49.70 54.30 14.02
N LEU A 1192 49.07 53.76 12.97
CA LEU A 1192 47.68 53.32 13.05
C LEU A 1192 47.57 51.88 12.57
N ASP A 1193 47.24 50.97 13.49
CA ASP A 1193 46.84 49.62 13.14
C ASP A 1193 45.37 49.63 12.76
N VAL A 1194 45.07 49.18 11.54
CA VAL A 1194 43.75 49.29 10.96
C VAL A 1194 43.22 47.92 10.55
N ASP A 1195 41.92 47.88 10.27
CA ASP A 1195 41.30 46.72 9.65
C ASP A 1195 40.21 47.22 8.70
N HIS A 1196 39.87 46.39 7.72
CA HIS A 1196 39.02 46.80 6.62
C HIS A 1196 37.56 46.99 7.07
N THR A 1197 36.79 47.61 6.19
CA THR A 1197 35.36 47.80 6.37
C THR A 1197 34.59 46.64 5.75
N SER A 1198 33.31 46.56 6.07
CA SER A 1198 32.47 45.45 5.63
C SER A 1198 32.14 45.58 4.16
N ALA A 1199 32.16 44.46 3.45
CA ALA A 1199 31.72 44.40 2.07
C ALA A 1199 30.62 43.40 1.84
N ARG A 1200 30.45 42.43 2.73
CA ARG A 1200 29.28 41.55 2.75
C ARG A 1200 28.34 42.16 3.80
N LEU A 1201 27.42 42.98 3.33
CA LEU A 1201 26.56 43.81 4.15
C LEU A 1201 25.47 43.02 4.86
N ASN A 1202 25.21 41.79 4.43
CA ASN A 1202 24.16 40.95 5.00
C ASN A 1202 24.54 40.46 6.38
N PHE A 1203 24.06 41.12 7.42
CA PHE A 1203 24.38 40.72 8.78
C PHE A 1203 23.23 39.97 9.43
N LEU A 1204 22.37 39.33 8.64
CA LEU A 1204 21.19 38.69 9.19
C LEU A 1204 21.52 37.37 9.88
N THR A 1205 22.37 36.57 9.27
CA THR A 1205 22.68 35.24 9.79
C THR A 1205 23.81 35.31 10.81
N PRO A 1206 23.85 34.39 11.78
CA PRO A 1206 25.02 34.31 12.65
C PRO A 1206 26.23 33.89 11.86
N ARG A 1207 27.38 34.48 12.20
CA ARG A 1207 28.57 34.33 11.39
C ARG A 1207 29.32 33.06 11.70
N TYR A 1208 29.13 32.51 12.90
CA TYR A 1208 30.02 31.48 13.43
C TYR A 1208 29.26 30.30 14.06
N VAL A 1209 27.95 30.23 13.92
CA VAL A 1209 27.11 29.20 14.51
C VAL A 1209 26.20 28.68 13.39
N ASN A 1210 25.84 27.40 13.46
CA ASN A 1210 24.81 26.84 12.60
C ASN A 1210 23.41 27.22 13.07
N ARG A 1211 22.39 26.59 12.49
CA ARG A 1211 21.05 26.79 13.00
C ARG A 1211 20.57 25.66 13.88
N LYS A 1212 21.28 24.53 13.87
CA LYS A 1212 21.11 23.53 14.90
C LYS A 1212 21.56 24.04 16.27
N GLY A 1213 22.56 24.91 16.30
CA GLY A 1213 23.07 25.49 17.52
C GLY A 1213 24.53 25.23 17.78
N VAL A 1214 25.06 24.10 17.32
CA VAL A 1214 26.44 23.71 17.61
C VAL A 1214 27.37 24.54 16.74
N ALA A 1215 28.34 25.20 17.38
CA ALA A 1215 29.13 26.24 16.72
C ALA A 1215 30.10 25.66 15.70
N LEU A 1216 30.36 26.45 14.66
CA LEU A 1216 31.36 26.12 13.67
C LEU A 1216 32.76 26.33 14.26
N PRO A 1217 33.80 25.71 13.66
CA PRO A 1217 35.16 25.88 14.20
C PRO A 1217 35.65 27.32 14.13
N THR A 1218 36.36 27.71 15.18
CA THR A 1218 36.99 29.02 15.26
C THR A 1218 38.45 28.89 14.87
N SER A 1219 39.20 29.98 14.97
CA SER A 1219 40.57 30.01 14.48
C SER A 1219 41.51 29.26 15.43
N SER A 1220 42.60 28.75 14.88
CA SER A 1220 43.62 28.12 15.69
C SER A 1220 44.38 29.16 16.51
N GLU A 1221 45.00 28.71 17.60
CA GLU A 1221 45.73 29.63 18.47
C GLU A 1221 47.01 30.13 17.80
N GLU A 1222 47.59 29.33 16.90
CA GLU A 1222 48.81 29.73 16.22
C GLU A 1222 48.56 30.91 15.28
N THR A 1223 47.54 30.80 14.43
CA THR A 1223 47.24 31.87 13.48
C THR A 1223 46.69 33.10 14.18
N LYS A 1224 45.90 32.91 15.25
CA LYS A 1224 45.37 34.04 16.01
C LYS A 1224 46.50 34.79 16.74
N ARG A 1225 47.43 34.04 17.34
CA ARG A 1225 48.58 34.69 17.99
C ARG A 1225 49.50 35.35 16.97
N ALA A 1226 49.63 34.76 15.78
CA ALA A 1226 50.45 35.38 14.73
C ALA A 1226 49.82 36.68 14.25
N LYS A 1227 48.51 36.65 13.96
CA LYS A 1227 47.82 37.84 13.47
C LYS A 1227 47.66 38.90 14.55
N ARG A 1228 47.76 38.52 15.82
CA ARG A 1228 47.77 39.50 16.90
C ARG A 1228 49.17 39.95 17.30
N GLU A 1229 50.22 39.24 16.86
CA GLU A 1229 51.58 39.58 17.23
C GLU A 1229 52.48 39.89 16.04
N ASN A 1230 52.53 39.01 15.04
CA ASN A 1230 53.49 39.15 13.96
C ASN A 1230 53.12 40.31 13.03
N LEU A 1231 54.14 41.03 12.58
CA LEU A 1231 53.95 42.23 11.78
C LEU A 1231 53.81 41.95 10.30
N GLU A 1232 54.05 40.70 9.85
CA GLU A 1232 53.83 40.38 8.44
C GLU A 1232 52.34 40.35 8.12
N GLN A 1233 51.51 40.04 9.10
CA GLN A 1233 50.07 40.26 9.00
C GLN A 1233 49.77 41.73 9.32
N LYS A 1234 48.49 42.04 9.55
CA LYS A 1234 47.99 43.37 9.91
C LYS A 1234 48.20 44.43 8.83
N GLN A 1235 47.57 45.58 9.02
CA GLN A 1235 47.67 46.70 8.08
C GLN A 1235 47.96 47.97 8.87
N ILE A 1236 48.92 48.74 8.38
CA ILE A 1236 49.55 49.82 9.13
C ILE A 1236 49.54 51.08 8.28
N LEU A 1237 49.02 52.17 8.82
CA LEU A 1237 49.01 53.44 8.11
C LEU A 1237 49.54 54.57 8.98
N VAL A 1238 50.31 55.45 8.34
CA VAL A 1238 50.79 56.68 8.95
C VAL A 1238 49.67 57.72 8.99
N PRO A 1239 49.47 58.42 10.11
CA PRO A 1239 48.32 59.31 10.22
C PRO A 1239 48.47 60.62 9.47
N GLU A 1240 49.66 60.97 9.01
CA GLU A 1240 49.85 62.21 8.28
C GLU A 1240 49.67 62.02 6.78
N LEU A 1241 49.49 60.80 6.31
CA LEU A 1241 49.28 60.51 4.90
C LEU A 1241 47.96 59.78 4.67
N CYS A 1242 46.94 60.13 5.43
CA CYS A 1242 45.60 59.61 5.26
C CYS A 1242 44.59 60.69 5.60
N THR A 1243 43.41 60.61 4.97
CA THR A 1243 42.36 61.61 5.13
C THR A 1243 41.25 61.02 5.98
N VAL A 1244 40.88 61.73 7.04
CA VAL A 1244 39.80 61.28 7.90
C VAL A 1244 38.47 61.54 7.20
N HIS A 1245 37.68 60.48 7.02
CA HIS A 1245 36.35 60.60 6.44
C HIS A 1245 35.43 61.32 7.43
N PRO A 1246 34.44 62.09 6.93
CA PRO A 1246 33.51 62.78 7.84
C PRO A 1246 32.70 61.86 8.73
N PHE A 1247 32.37 60.66 8.26
CA PHE A 1247 31.66 59.70 9.09
C PHE A 1247 32.59 59.13 10.15
N PRO A 1248 32.24 59.21 11.44
CA PRO A 1248 32.99 58.47 12.45
C PRO A 1248 32.80 56.97 12.28
N ALA A 1249 33.73 56.20 12.86
CA ALA A 1249 33.73 54.75 12.69
C ALA A 1249 32.50 54.11 13.32
N SER A 1250 31.99 54.67 14.42
CA SER A 1250 30.75 54.19 15.01
C SER A 1250 29.57 54.42 14.07
N LEU A 1251 29.51 55.61 13.47
CA LEU A 1251 28.48 55.87 12.49
C LEU A 1251 28.71 55.09 11.21
N TRP A 1252 29.95 54.75 10.86
CA TRP A 1252 30.15 53.88 9.72
C TRP A 1252 29.66 52.47 10.00
N ARG A 1253 29.81 51.99 11.23
CA ARG A 1253 29.31 50.66 11.55
C ARG A 1253 27.79 50.62 11.56
N THR A 1254 27.14 51.66 12.10
CA THR A 1254 25.68 51.72 12.02
C THR A 1254 25.22 51.85 10.57
N ALA A 1255 25.92 52.65 9.77
CA ALA A 1255 25.57 52.80 8.36
C ALA A 1255 25.75 51.51 7.59
N VAL A 1256 26.75 50.70 7.95
CA VAL A 1256 26.99 49.49 7.18
C VAL A 1256 26.05 48.38 7.64
N CYS A 1257 25.46 48.50 8.83
CA CYS A 1257 24.40 47.59 9.25
C CYS A 1257 23.00 48.11 8.98
N LEU A 1258 22.85 49.27 8.35
CA LEU A 1258 21.53 49.75 7.95
C LEU A 1258 20.73 48.85 7.00
N PRO A 1259 21.27 48.35 5.87
CA PRO A 1259 20.39 47.64 4.91
C PRO A 1259 19.72 46.37 5.43
N CYS A 1260 20.35 45.64 6.35
CA CYS A 1260 19.65 44.50 6.94
C CYS A 1260 18.53 44.96 7.85
N ILE A 1261 18.70 46.09 8.54
CA ILE A 1261 17.63 46.64 9.36
C ILE A 1261 16.44 47.02 8.50
N LEU A 1262 16.70 47.64 7.36
CA LEU A 1262 15.58 48.07 6.52
C LEU A 1262 14.92 46.90 5.80
N TYR A 1263 15.70 45.90 5.38
CA TYR A 1263 15.10 44.72 4.75
C TYR A 1263 14.24 43.93 5.73
N ARG A 1264 14.72 43.75 6.97
CA ARG A 1264 13.90 43.04 7.94
C ARG A 1264 12.70 43.88 8.38
N ILE A 1265 12.83 45.21 8.37
CA ILE A 1265 11.69 46.01 8.79
C ILE A 1265 10.61 46.01 7.69
N ASN A 1266 11.02 45.92 6.42
CA ASN A 1266 10.06 45.78 5.33
C ASN A 1266 9.39 44.41 5.37
N GLY A 1267 10.15 43.36 5.67
CA GLY A 1267 9.55 42.03 5.77
C GLY A 1267 8.54 41.92 6.91
N LEU A 1268 8.89 42.48 8.08
CA LEU A 1268 7.95 42.50 9.19
C LEU A 1268 6.72 43.33 8.87
N LEU A 1269 6.88 44.42 8.12
CA LEU A 1269 5.72 45.20 7.71
C LEU A 1269 4.86 44.47 6.69
N LEU A 1270 5.45 43.63 5.82
CA LEU A 1270 4.65 42.81 4.93
C LEU A 1270 3.82 41.78 5.71
N ALA A 1271 4.42 41.16 6.72
CA ALA A 1271 3.66 40.22 7.54
C ALA A 1271 2.56 40.93 8.32
N ASP A 1272 2.84 42.13 8.81
CA ASP A 1272 1.80 42.95 9.43
C ASP A 1272 0.72 43.32 8.44
N ASP A 1273 1.08 43.48 7.15
CA ASP A 1273 0.09 43.77 6.12
C ASP A 1273 -0.85 42.60 5.89
N ILE A 1274 -0.32 41.37 5.85
CA ILE A 1274 -1.18 40.19 5.72
C ILE A 1274 -2.10 40.06 6.93
N ARG A 1275 -1.56 40.26 8.12
CA ARG A 1275 -2.38 40.20 9.33
C ARG A 1275 -3.47 41.28 9.31
N LYS A 1276 -3.12 42.49 8.84
CA LYS A 1276 -4.10 43.57 8.70
C LYS A 1276 -5.19 43.20 7.71
N GLN A 1277 -4.80 42.57 6.59
CA GLN A 1277 -5.77 42.22 5.56
C GLN A 1277 -6.79 41.19 6.06
N VAL A 1278 -6.31 40.14 6.74
CA VAL A 1278 -7.24 39.15 7.26
C VAL A 1278 -8.06 39.72 8.42
N SER A 1279 -7.47 40.61 9.24
CA SER A 1279 -8.24 41.21 10.33
C SER A 1279 -9.28 42.20 9.81
N ALA A 1280 -9.04 42.78 8.64
CA ALA A 1280 -10.06 43.61 8.00
C ALA A 1280 -11.17 42.75 7.42
N ASP A 1281 -10.80 41.63 6.80
CA ASP A 1281 -11.79 40.81 6.10
C ASP A 1281 -12.66 40.05 7.09
N LEU A 1282 -12.07 39.15 7.86
CA LEU A 1282 -12.85 38.15 8.57
C LEU A 1282 -12.83 38.33 10.08
N GLY A 1283 -12.52 39.52 10.57
CA GLY A 1283 -12.52 39.78 12.00
C GLY A 1283 -11.47 39.02 12.75
N LEU A 1284 -10.36 38.69 12.08
CA LEU A 1284 -9.33 37.78 12.60
C LEU A 1284 -8.14 38.61 13.06
N GLY A 1285 -8.20 39.10 14.28
CA GLY A 1285 -7.15 39.90 14.86
C GLY A 1285 -7.49 41.38 14.87
N ARG A 1286 -6.62 42.14 15.52
CA ARG A 1286 -6.77 43.59 15.56
C ARG A 1286 -6.33 44.21 14.24
N GLN A 1287 -6.84 45.40 13.97
CA GLN A 1287 -6.54 46.11 12.73
C GLN A 1287 -5.35 47.06 12.88
N GLN A 1288 -5.30 47.82 13.97
CA GLN A 1288 -4.25 48.80 14.18
C GLN A 1288 -4.07 49.03 15.67
N ILE A 1289 -2.86 49.40 16.06
CA ILE A 1289 -2.57 49.81 17.43
C ILE A 1289 -1.38 50.76 17.42
N PHE A 1294 1.89 47.39 24.57
CA PHE A 1294 1.91 46.14 23.82
C PHE A 1294 2.96 46.19 22.73
N GLU A 1295 3.92 45.27 22.80
CA GLU A 1295 4.87 45.06 21.71
C GLU A 1295 4.99 43.56 21.46
N TRP A 1296 5.34 43.22 20.22
CA TRP A 1296 5.37 41.84 19.82
C TRP A 1296 6.54 41.10 20.46
N PRO A 1297 6.42 39.78 20.65
CA PRO A 1297 7.60 38.98 21.01
C PRO A 1297 8.64 39.02 19.90
N MET A 1298 9.90 38.96 20.32
CA MET A 1298 11.03 39.21 19.44
C MET A 1298 11.20 38.13 18.39
N LEU A 1299 11.66 38.53 17.20
CA LEU A 1299 12.01 37.56 16.17
C LEU A 1299 13.30 36.86 16.58
N ASP A 1300 13.16 35.70 17.21
CA ASP A 1300 14.31 34.87 17.55
C ASP A 1300 14.47 33.77 16.50
N PHE A 1301 15.71 33.37 16.27
CA PHE A 1301 15.98 32.39 15.24
C PHE A 1301 15.71 30.96 15.68
N GLY A 1302 15.52 30.72 16.97
CA GLY A 1302 15.18 29.39 17.45
C GLY A 1302 16.13 28.84 18.50
N TRP A 1303 17.42 29.11 18.35
CA TRP A 1303 18.42 28.56 19.26
C TRP A 1303 19.11 29.67 20.05
N ARG A 1525 16.67 -22.54 19.78
CA ARG A 1525 16.52 -21.13 20.16
C ARG A 1525 15.05 -20.75 20.21
N GLN A 1526 14.78 -19.45 20.28
CA GLN A 1526 13.42 -18.95 20.19
C GLN A 1526 12.85 -19.15 18.79
N LYS A 1527 13.67 -19.01 17.75
CA LYS A 1527 13.20 -19.13 16.37
C LYS A 1527 12.68 -20.54 16.08
N GLN A 1528 13.36 -21.57 16.60
CA GLN A 1528 12.81 -22.92 16.55
C GLN A 1528 11.48 -22.99 17.28
N LEU A 1529 11.41 -22.36 18.47
CA LEU A 1529 10.16 -22.23 19.20
C LEU A 1529 9.16 -21.38 18.43
N SER A 1530 9.62 -20.56 17.49
CA SER A 1530 8.74 -19.90 16.54
C SER A 1530 8.01 -20.91 15.67
N ILE A 1531 8.76 -21.82 15.06
CA ILE A 1531 8.28 -22.68 13.97
C ILE A 1531 7.14 -23.56 14.48
N ILE A 1532 7.27 -24.00 15.75
CA ILE A 1532 6.27 -24.84 16.40
C ILE A 1532 4.90 -24.17 16.35
N GLN A 1533 4.83 -22.87 16.71
CA GLN A 1533 3.56 -22.16 16.68
C GLN A 1533 3.02 -22.09 15.25
N ALA A 1534 3.89 -21.79 14.28
CA ALA A 1534 3.47 -21.81 12.88
C ALA A 1534 3.06 -23.21 12.46
N THR A 1535 3.80 -24.22 12.94
CA THR A 1535 3.46 -25.61 12.63
C THR A 1535 2.10 -25.97 13.19
N ASN A 1536 1.76 -25.38 14.35
CA ASN A 1536 0.45 -25.60 14.98
C ASN A 1536 -0.67 -25.19 14.04
N ALA A 1537 -0.51 -24.03 13.38
CA ALA A 1537 -1.51 -23.59 12.42
C ALA A 1537 -1.60 -24.57 11.25
N ASN A 1538 -0.43 -24.95 10.72
CA ASN A 1538 -0.42 -25.89 9.61
C ASN A 1538 -0.86 -27.28 10.02
N GLU A 1539 -0.84 -27.56 11.34
CA GLU A 1539 -1.34 -28.83 11.85
C GLU A 1539 -2.79 -29.03 11.46
N ARG A 1540 -3.60 -27.98 11.56
CA ARG A 1540 -5.01 -28.13 11.22
C ARG A 1540 -5.25 -28.27 9.72
N GLN A 1541 -4.25 -27.99 8.89
CA GLN A 1541 -4.37 -28.41 7.52
C GLN A 1541 -3.83 -29.82 7.34
N TYR A 1542 -2.71 -30.12 8.01
CA TYR A 1542 -1.80 -31.20 7.61
C TYR A 1542 -2.51 -32.55 7.66
N GLN A 1543 -2.90 -32.99 8.87
CA GLN A 1543 -3.62 -34.24 9.06
C GLN A 1543 -4.91 -34.27 8.26
N GLN A 1544 -5.53 -33.09 8.09
CA GLN A 1544 -6.79 -32.97 7.36
C GLN A 1544 -6.64 -33.51 5.96
N THR A 1545 -5.51 -33.18 5.30
CA THR A 1545 -5.27 -33.67 3.95
C THR A 1545 -5.25 -35.19 3.93
N LYS A 1546 -4.50 -35.78 4.87
CA LYS A 1546 -4.49 -37.23 5.00
C LYS A 1546 -5.86 -37.74 5.43
N ASN A 1547 -6.53 -37.00 6.32
CA ASN A 1547 -7.83 -37.42 6.80
C ASN A 1547 -8.89 -37.34 5.71
N LEU A 1548 -8.62 -36.60 4.63
CA LEU A 1548 -9.56 -36.55 3.52
C LEU A 1548 -8.97 -37.20 2.28
N LEU A 1549 -8.06 -38.17 2.46
CA LEU A 1549 -7.47 -38.84 1.33
C LEU A 1549 -7.65 -40.35 1.33
N ILE A 1550 -7.61 -41.00 2.49
CA ILE A 1550 -7.52 -42.45 2.58
C ILE A 1550 -8.61 -43.05 3.47
N GLY A 1551 -8.75 -42.56 4.70
CA GLY A 1551 -9.52 -43.28 5.68
C GLY A 1551 -11.03 -43.30 5.49
N PHE A 1552 -11.68 -42.16 5.80
CA PHE A 1552 -13.14 -41.95 5.82
C PHE A 1552 -13.93 -43.17 6.33
N ASN A 1553 -13.48 -43.69 7.47
CA ASN A 1553 -13.83 -45.03 7.92
C ASN A 1553 -14.91 -45.01 9.01
N PHE A 1554 -15.07 -46.18 9.64
CA PHE A 1554 -15.84 -46.40 10.86
C PHE A 1554 -17.34 -46.10 10.77
N LYS A 1555 -18.09 -46.91 10.01
CA LYS A 1555 -19.54 -46.90 10.06
C LYS A 1555 -20.01 -47.34 11.44
N HIS A 1556 -21.25 -46.96 11.76
CA HIS A 1556 -21.70 -47.04 13.14
C HIS A 1556 -22.06 -48.47 13.56
N GLU A 1557 -23.05 -49.06 12.93
CA GLU A 1557 -23.48 -50.41 13.29
C GLU A 1557 -24.01 -51.18 12.08
N ARG A 1566 -36.43 -49.52 -0.40
CA ARG A 1566 -36.55 -48.07 -0.53
C ARG A 1566 -35.33 -47.49 -1.21
N TYR A 1567 -34.13 -47.89 -0.74
CA TYR A 1567 -32.90 -47.41 -1.34
C TYR A 1567 -32.65 -48.09 -2.69
N GLU A 1568 -32.89 -49.40 -2.78
CA GLU A 1568 -32.59 -50.14 -4.00
C GLU A 1568 -33.54 -49.75 -5.12
N GLU A 1569 -34.79 -49.46 -4.78
CA GLU A 1569 -35.76 -49.02 -5.79
C GLU A 1569 -35.37 -47.66 -6.37
N SER A 1570 -34.90 -46.75 -5.51
CA SER A 1570 -34.43 -45.45 -5.99
C SER A 1570 -33.14 -45.59 -6.80
N ILE A 1571 -32.27 -46.53 -6.43
CA ILE A 1571 -31.07 -46.82 -7.21
C ILE A 1571 -31.46 -47.33 -8.60
N ALA A 1572 -32.45 -48.21 -8.67
CA ALA A 1572 -32.91 -48.73 -9.96
C ALA A 1572 -33.59 -47.65 -10.79
N LYS A 1573 -34.37 -46.77 -10.14
CA LYS A 1573 -34.99 -45.65 -10.85
C LYS A 1573 -33.93 -44.70 -11.42
N LEU A 1574 -32.91 -44.38 -10.63
CA LEU A 1574 -31.84 -43.53 -11.11
C LEU A 1574 -31.01 -44.22 -12.18
N LYS A 1575 -30.91 -45.55 -12.11
CA LYS A 1575 -30.23 -46.31 -13.16
C LYS A 1575 -30.98 -46.24 -14.47
N THR A 1576 -32.31 -46.39 -14.42
CA THR A 1576 -33.11 -46.27 -15.64
C THR A 1576 -33.09 -44.84 -16.18
N GLU A 1577 -33.07 -43.85 -15.28
CA GLU A 1577 -32.98 -42.45 -15.69
C GLU A 1577 -31.64 -42.14 -16.34
N ILE A 1578 -30.55 -42.68 -15.77
CA ILE A 1578 -29.22 -42.40 -16.31
C ILE A 1578 -28.94 -43.21 -17.58
N GLU A 1579 -29.61 -44.35 -17.77
CA GLU A 1579 -29.39 -45.14 -18.98
C GLU A 1579 -30.29 -44.73 -20.12
N SER A 1580 -31.50 -44.25 -19.82
CA SER A 1580 -32.46 -43.90 -20.86
C SER A 1580 -32.49 -42.40 -21.17
N GLY A 1581 -32.03 -41.56 -20.26
CA GLY A 1581 -32.08 -40.13 -20.45
C GLY A 1581 -30.95 -39.54 -21.24
N GLY A 1582 -30.13 -40.37 -21.88
CA GLY A 1582 -29.00 -39.89 -22.66
C GLY A 1582 -27.81 -39.47 -21.82
N MET A 1583 -27.88 -39.60 -20.50
CA MET A 1583 -26.77 -39.20 -19.64
C MET A 1583 -25.70 -40.28 -19.61
N LEU A 1584 -26.07 -41.53 -19.84
CA LEU A 1584 -25.11 -42.55 -20.26
C LEU A 1584 -25.02 -42.47 -21.77
N VAL A 1585 -23.86 -42.05 -22.27
CA VAL A 1585 -23.62 -42.23 -23.71
C VAL A 1585 -23.20 -43.68 -23.95
N PRO A 1586 -23.91 -44.43 -24.78
CA PRO A 1586 -23.46 -45.77 -25.13
C PRO A 1586 -22.21 -45.73 -26.01
N HIS A 1587 -21.66 -46.91 -26.25
CA HIS A 1587 -20.26 -46.98 -26.70
C HIS A 1587 -20.10 -46.87 -28.21
N ASP A 1588 -21.11 -46.45 -28.97
CA ASP A 1588 -20.96 -46.38 -30.42
C ASP A 1588 -21.68 -45.16 -31.01
N GLN A 1589 -21.88 -44.09 -30.25
CA GLN A 1589 -22.40 -42.84 -30.77
C GLN A 1589 -21.60 -41.66 -30.23
N GLN A 1590 -21.92 -40.48 -30.76
CA GLN A 1590 -21.17 -39.26 -30.50
C GLN A 1590 -21.84 -38.44 -29.41
N LEU A 1591 -21.03 -37.61 -28.73
CA LEU A 1591 -21.53 -36.73 -27.70
C LEU A 1591 -22.33 -35.57 -28.29
N VAL A 1592 -22.98 -34.81 -27.42
CA VAL A 1592 -23.77 -33.66 -27.83
C VAL A 1592 -23.29 -32.39 -27.14
N VAL A 1606 -52.22 -14.98 -24.71
CA VAL A 1606 -53.02 -14.90 -23.49
C VAL A 1606 -53.42 -13.44 -23.25
N SER A 1607 -54.71 -13.23 -22.99
CA SER A 1607 -55.23 -11.89 -22.76
C SER A 1607 -54.66 -11.30 -21.48
N MET A 1608 -54.53 -9.97 -21.47
CA MET A 1608 -53.91 -9.28 -20.36
C MET A 1608 -54.78 -9.39 -19.10
N MET A 1609 -56.10 -9.35 -19.28
CA MET A 1609 -57.00 -9.48 -18.14
C MET A 1609 -56.89 -10.84 -17.48
N GLU A 1610 -56.87 -11.92 -18.27
CA GLU A 1610 -56.77 -13.25 -17.67
C GLU A 1610 -55.36 -13.57 -17.20
N LEU A 1611 -54.34 -13.04 -17.87
CA LEU A 1611 -52.97 -13.23 -17.38
C LEU A 1611 -52.73 -12.48 -16.08
N LEU A 1612 -53.33 -11.30 -15.94
CA LEU A 1612 -53.30 -10.58 -14.67
C LEU A 1612 -54.12 -11.30 -13.62
N LYS A 1613 -55.23 -11.93 -14.03
CA LYS A 1613 -56.07 -12.68 -13.10
C LYS A 1613 -55.33 -13.88 -12.53
N GLN A 1614 -54.64 -14.64 -13.38
CA GLN A 1614 -53.84 -15.75 -12.89
C GLN A 1614 -52.53 -15.28 -12.27
N LEU A 1615 -52.09 -14.06 -12.57
CA LEU A 1615 -50.85 -13.55 -12.00
C LEU A 1615 -51.03 -13.17 -10.55
N LEU A 1616 -52.15 -12.56 -10.20
CA LEU A 1616 -52.46 -12.22 -8.81
C LEU A 1616 -53.91 -12.58 -8.51
N PRO A 1617 -54.21 -13.87 -8.34
CA PRO A 1617 -55.59 -14.29 -8.07
C PRO A 1617 -56.05 -14.08 -6.65
N TYR A 1618 -55.21 -13.52 -5.78
CA TYR A 1618 -55.58 -13.24 -4.40
C TYR A 1618 -56.62 -12.14 -4.32
N VAL A 1623 -62.42 -5.70 -10.35
CA VAL A 1623 -61.45 -4.94 -9.57
C VAL A 1623 -60.14 -4.82 -10.35
N LEU A 1624 -59.75 -5.91 -11.00
CA LEU A 1624 -58.51 -5.91 -11.77
C LEU A 1624 -58.65 -5.09 -13.05
N ALA A 1625 -59.85 -5.02 -13.62
CA ALA A 1625 -60.06 -4.24 -14.83
C ALA A 1625 -59.98 -2.74 -14.57
N LYS A 1626 -60.39 -2.30 -13.37
CA LYS A 1626 -60.26 -0.89 -13.03
C LYS A 1626 -58.81 -0.48 -12.88
N LYS A 1627 -58.00 -1.32 -12.22
CA LYS A 1627 -56.59 -1.01 -12.05
C LYS A 1627 -55.83 -1.11 -13.37
N LEU A 1628 -56.19 -2.10 -14.20
CA LEU A 1628 -55.63 -2.16 -15.54
C LEU A 1628 -56.12 -0.98 -16.39
N GLY A 1629 -57.43 -0.75 -16.40
CA GLY A 1629 -57.98 0.36 -17.16
C GLY A 1629 -57.84 0.16 -18.65
N ASP A 1630 -57.30 1.18 -19.31
CA ASP A 1630 -57.14 1.16 -20.76
C ASP A 1630 -55.72 0.86 -21.20
N ARG A 1631 -54.73 1.04 -20.32
CA ARG A 1631 -53.34 0.85 -20.68
C ARG A 1631 -53.01 -0.64 -20.76
N ARG A 1632 -51.75 -0.94 -21.06
CA ARG A 1632 -51.33 -2.32 -21.30
C ARG A 1632 -50.86 -2.99 -20.00
N GLU A 1633 -49.89 -2.41 -19.33
CA GLU A 1633 -49.26 -3.06 -18.19
C GLU A 1633 -49.84 -2.54 -16.88
N LEU A 1634 -49.25 -2.98 -15.77
CA LEU A 1634 -49.64 -2.55 -14.44
C LEU A 1634 -48.48 -1.84 -13.77
N LEU A 1635 -48.81 -0.84 -12.96
CA LEU A 1635 -47.81 -0.10 -12.21
C LEU A 1635 -47.61 -0.76 -10.86
N LEU A 1636 -46.39 -0.61 -10.32
CA LEU A 1636 -46.05 -1.29 -9.06
C LEU A 1636 -46.75 -0.65 -7.88
N SER A 1637 -46.95 0.67 -7.94
CA SER A 1637 -47.71 1.38 -6.93
C SER A 1637 -49.17 0.90 -6.91
N ASP A 1638 -49.71 0.58 -8.08
CA ASP A 1638 -51.03 -0.03 -8.13
C ASP A 1638 -51.03 -1.40 -7.45
N LEU A 1639 -49.94 -2.17 -7.62
CA LEU A 1639 -49.86 -3.51 -7.02
C LEU A 1639 -49.85 -3.44 -5.50
N VAL A 1640 -49.04 -2.53 -4.93
CA VAL A 1640 -49.05 -2.41 -3.48
C VAL A 1640 -50.35 -1.75 -3.01
N GLU A 1641 -51.03 -0.98 -3.87
CA GLU A 1641 -52.35 -0.47 -3.53
C GLU A 1641 -53.38 -1.58 -3.38
N LEU A 1642 -53.40 -2.55 -4.32
CA LEU A 1642 -54.37 -3.64 -4.16
C LEU A 1642 -54.01 -4.53 -2.97
N ASN A 1643 -52.71 -4.70 -2.69
CA ASN A 1643 -52.36 -5.48 -1.52
C ASN A 1643 -52.71 -4.77 -0.22
N ALA A 1644 -52.59 -3.44 -0.18
CA ALA A 1644 -52.97 -2.69 1.01
C ALA A 1644 -54.47 -2.71 1.22
N ASP A 1645 -55.25 -2.67 0.13
CA ASP A 1645 -56.69 -2.83 0.25
C ASP A 1645 -57.05 -4.24 0.72
N TRP A 1646 -56.31 -5.26 0.25
CA TRP A 1646 -56.53 -6.61 0.73
C TRP A 1646 -56.14 -6.76 2.20
N VAL A 1647 -55.16 -5.98 2.64
CA VAL A 1647 -54.78 -5.97 4.05
C VAL A 1647 -55.90 -5.35 4.89
N ALA A 1648 -56.44 -4.22 4.43
CA ALA A 1648 -57.51 -3.54 5.16
C ALA A 1648 -58.81 -4.35 5.14
N ARG A 1649 -59.04 -5.13 4.09
CA ARG A 1649 -60.21 -5.99 4.02
C ARG A 1649 -60.06 -7.22 4.90
N HIS A 1650 -59.06 -8.04 4.61
CA HIS A 1650 -58.90 -9.35 5.23
C HIS A 1650 -57.85 -9.26 6.34
N GLU A 1651 -58.23 -9.70 7.53
CA GLU A 1651 -57.44 -9.46 8.72
C GLU A 1651 -56.22 -10.37 8.74
N GLN A 1652 -55.04 -9.76 8.70
CA GLN A 1652 -53.71 -10.37 8.87
C GLN A 1652 -53.33 -11.38 7.81
N GLU A 1653 -52.04 -11.68 7.74
CA GLU A 1653 -51.47 -12.55 6.72
C GLU A 1653 -50.48 -13.51 7.38
N THR A 1654 -50.94 -14.21 8.43
CA THR A 1654 -50.08 -14.99 9.32
C THR A 1654 -49.27 -16.04 8.56
N TYR A 1655 -47.97 -16.02 8.82
CA TYR A 1655 -46.93 -16.31 7.83
C TYR A 1655 -46.15 -17.59 8.14
N ASN A 1656 -45.81 -18.33 7.10
CA ASN A 1656 -45.00 -19.53 7.19
C ASN A 1656 -43.71 -19.30 6.40
N VAL A 1657 -42.58 -19.33 7.09
CA VAL A 1657 -41.29 -18.93 6.51
C VAL A 1657 -40.65 -20.17 5.89
N MET A 1658 -40.84 -20.35 4.59
CA MET A 1658 -40.18 -21.40 3.86
C MET A 1658 -38.68 -21.12 3.77
N GLY A 1659 -37.88 -22.16 3.95
CA GLY A 1659 -36.43 -22.02 3.93
C GLY A 1659 -35.87 -21.67 2.57
N ASP A 1662 -34.75 -16.66 7.91
CA ASP A 1662 -33.53 -16.67 8.70
C ASP A 1662 -33.78 -16.02 10.05
N SER A 1663 -33.03 -16.47 11.05
CA SER A 1663 -33.04 -15.86 12.37
C SER A 1663 -31.68 -15.29 12.76
N PHE A 1664 -30.79 -15.12 11.78
CA PHE A 1664 -29.43 -14.65 12.06
C PHE A 1664 -29.42 -13.20 12.52
N ASP A 1665 -30.10 -12.31 11.80
CA ASP A 1665 -30.08 -10.88 12.11
C ASP A 1665 -31.34 -10.40 12.82
N ASN A 1666 -32.52 -10.82 12.34
CA ASN A 1666 -33.81 -10.69 13.02
C ASN A 1666 -34.19 -9.23 13.25
N TYR A 1667 -35.25 -9.01 14.04
CA TYR A 1667 -35.57 -7.75 14.72
C TYR A 1667 -35.97 -6.59 13.80
N ASN A 1668 -35.83 -6.77 12.49
CA ASN A 1668 -36.19 -5.75 11.51
C ASN A 1668 -37.25 -6.25 10.55
N ASP A 1669 -37.01 -7.37 9.88
CA ASP A 1669 -38.02 -8.06 9.11
C ASP A 1669 -38.81 -9.06 9.94
N HIS A 1670 -38.42 -9.27 11.18
CA HIS A 1670 -39.04 -10.20 12.12
C HIS A 1670 -39.58 -9.42 13.31
N HIS A 1671 -39.94 -10.15 14.36
CA HIS A 1671 -40.56 -9.67 15.59
C HIS A 1671 -41.92 -9.02 15.28
N ALA A 1705 -2.33 21.87 31.78
CA ALA A 1705 -1.76 22.62 30.67
C ALA A 1705 -0.57 21.87 30.07
N GLY A 1706 -0.71 20.57 29.92
CA GLY A 1706 0.34 19.77 29.32
C GLY A 1706 0.18 19.62 27.83
N PHE A 1707 0.15 20.75 27.12
CA PHE A 1707 0.05 20.84 25.66
C PHE A 1707 -1.23 20.16 25.15
N SER A 1708 -2.35 20.77 25.47
CA SER A 1708 -3.61 20.39 24.85
C SER A 1708 -3.58 20.70 23.37
N PHE A 1709 -4.07 19.77 22.55
CA PHE A 1709 -3.93 19.88 21.11
C PHE A 1709 -4.94 20.81 20.47
N ASP A 1710 -6.03 21.11 21.17
CA ASP A 1710 -7.09 21.96 20.65
C ASP A 1710 -7.20 23.24 21.46
N ARG A 1711 -6.06 23.84 21.78
CA ARG A 1711 -6.05 25.06 22.58
C ARG A 1711 -6.52 26.22 21.72
N GLN A 1712 -7.63 26.84 22.11
CA GLN A 1712 -8.18 27.96 21.39
C GLN A 1712 -8.06 29.23 22.22
N PRO A 1713 -7.29 30.22 21.77
CA PRO A 1713 -7.33 31.52 22.42
C PRO A 1713 -8.61 32.26 22.05
N ASP A 1714 -8.91 33.29 22.84
CA ASP A 1714 -10.07 34.13 22.58
C ASP A 1714 -9.85 34.90 21.28
N LEU A 1715 -10.55 34.49 20.23
CA LEU A 1715 -10.43 35.20 18.95
C LEU A 1715 -11.09 36.57 19.00
N VAL A 1716 -12.07 36.77 19.87
CA VAL A 1716 -12.62 38.11 20.08
C VAL A 1716 -11.61 38.95 20.85
N GLY A 1717 -11.32 40.14 20.32
CA GLY A 1717 -10.31 40.99 20.91
C GLY A 1717 -8.92 40.43 20.82
N HIS A 1718 -8.60 39.79 19.73
CA HIS A 1718 -7.26 39.22 19.64
C HIS A 1718 -6.34 40.13 18.85
N PRO A 1719 -5.04 40.13 19.17
CA PRO A 1719 -4.07 40.80 18.30
C PRO A 1719 -3.74 40.01 17.05
N GLY A 1720 -4.29 38.81 16.88
CA GLY A 1720 -3.95 37.96 15.79
C GLY A 1720 -2.59 37.34 16.00
N PRO A 1721 -2.05 36.72 14.96
CA PRO A 1721 -0.69 36.18 15.04
C PRO A 1721 0.36 37.27 15.00
N SER A 1722 1.51 36.98 15.60
CA SER A 1722 2.61 37.93 15.56
C SER A 1722 3.21 37.99 14.16
N PRO A 1723 3.63 39.17 13.69
CA PRO A 1723 4.24 39.26 12.35
C PRO A 1723 5.60 38.58 12.25
N SER A 1724 6.24 38.22 13.36
CA SER A 1724 7.47 37.45 13.29
C SER A 1724 7.21 36.07 12.72
N ILE A 1725 6.17 35.39 13.20
CA ILE A 1725 5.91 34.03 12.74
C ILE A 1725 5.13 34.01 11.43
N ILE A 1726 4.36 35.05 11.12
CA ILE A 1726 3.89 35.23 9.75
C ILE A 1726 5.06 35.48 8.80
N LEU A 1727 6.10 36.19 9.25
CA LEU A 1727 7.29 36.33 8.42
C LEU A 1727 7.97 34.99 8.22
N GLN A 1728 8.06 34.21 9.30
CA GLN A 1728 8.67 32.87 9.22
C GLN A 1728 7.90 31.97 8.27
N ALA A 1729 6.57 32.02 8.33
CA ALA A 1729 5.74 31.27 7.40
C ALA A 1729 5.83 31.82 5.98
N LEU A 1730 6.11 33.11 5.83
CA LEU A 1730 6.34 33.68 4.51
C LEU A 1730 7.78 33.49 4.06
N THR A 1731 8.68 33.09 4.94
CA THR A 1731 10.08 32.91 4.59
C THR A 1731 10.27 31.54 3.96
N MET A 1732 10.67 31.51 2.69
CA MET A 1732 10.95 30.23 2.07
C MET A 1732 12.25 29.66 2.61
N SER A 1733 12.49 28.39 2.30
CA SER A 1733 13.72 27.74 2.71
C SER A 1733 14.93 28.19 1.91
N ASN A 1734 14.72 28.76 0.74
CA ASN A 1734 15.80 29.30 -0.08
C ASN A 1734 16.33 30.63 0.45
N ALA A 1735 15.74 31.17 1.50
CA ALA A 1735 16.16 32.45 2.03
C ALA A 1735 17.49 32.39 2.75
N ASN A 1736 17.92 31.19 3.17
CA ASN A 1736 19.12 30.95 3.98
C ASN A 1736 19.13 31.81 5.23
N ASP A 1737 17.98 31.93 5.87
CA ASP A 1737 17.83 32.77 7.03
C ASP A 1737 17.72 31.90 8.27
N GLY A 1738 17.61 32.55 9.42
CA GLY A 1738 17.42 31.83 10.65
C GLY A 1738 16.01 31.42 10.94
N ILE A 1739 15.08 31.76 10.05
CA ILE A 1739 13.67 31.39 10.17
C ILE A 1739 13.28 30.67 8.88
N ASN A 1740 12.42 29.68 9.03
CA ASN A 1740 11.97 28.90 7.88
C ASN A 1740 10.54 28.41 8.12
N LEU A 1741 9.82 28.27 7.01
CA LEU A 1741 8.44 27.81 7.02
C LEU A 1741 8.31 26.30 7.13
N GLU A 1742 9.40 25.54 6.96
CA GLU A 1742 9.28 24.11 6.67
C GLU A 1742 8.85 23.31 7.88
N ARG A 1743 9.06 23.82 9.08
CA ARG A 1743 8.48 23.19 10.24
C ARG A 1743 7.06 23.66 10.52
N LEU A 1744 6.62 24.74 9.87
CA LEU A 1744 5.24 25.19 9.96
C LEU A 1744 4.38 24.66 8.83
N GLU A 1745 4.99 24.19 7.75
CA GLU A 1745 4.22 23.62 6.67
C GLU A 1745 3.72 22.22 7.01
N THR A 1746 4.52 21.43 7.72
CA THR A 1746 4.14 20.05 8.01
C THR A 1746 3.13 19.92 9.14
N ILE A 1747 2.92 20.98 9.92
CA ILE A 1747 1.82 21.02 10.88
C ILE A 1747 0.59 21.66 10.25
N GLY A 1748 0.79 22.61 9.35
CA GLY A 1748 -0.32 23.21 8.65
C GLY A 1748 -0.97 22.26 7.66
N ASP A 1749 -0.17 21.46 6.97
CA ASP A 1749 -0.72 20.48 6.04
C ASP A 1749 -1.53 19.42 6.76
N SER A 1750 -1.05 18.97 7.91
CA SER A 1750 -1.76 17.95 8.63
C SER A 1750 -3.05 18.48 9.23
N PHE A 1751 -3.07 19.74 9.66
CA PHE A 1751 -4.32 20.34 10.12
C PHE A 1751 -5.29 20.55 8.98
N LEU A 1752 -4.77 20.90 7.79
CA LEU A 1752 -5.62 21.01 6.60
C LEU A 1752 -6.31 19.69 6.30
N LYS A 1753 -5.53 18.60 6.25
CA LYS A 1753 -6.07 17.28 5.94
C LYS A 1753 -7.04 16.82 7.03
N TYR A 1754 -6.74 17.10 8.30
CA TYR A 1754 -7.63 16.74 9.38
C TYR A 1754 -8.97 17.49 9.32
N ALA A 1755 -8.93 18.80 9.07
CA ALA A 1755 -10.16 19.58 9.11
C ALA A 1755 -11.03 19.29 7.89
N ILE A 1756 -10.41 19.10 6.72
CA ILE A 1756 -11.19 18.73 5.55
C ILE A 1756 -11.79 17.34 5.71
N THR A 1757 -11.06 16.41 6.36
CA THR A 1757 -11.63 15.10 6.64
C THR A 1757 -12.83 15.18 7.57
N THR A 1758 -12.74 15.99 8.62
CA THR A 1758 -13.88 16.12 9.54
C THR A 1758 -15.09 16.74 8.86
N TYR A 1759 -14.89 17.79 8.04
CA TYR A 1759 -16.04 18.39 7.37
C TYR A 1759 -16.59 17.50 6.27
N LEU A 1760 -15.75 16.69 5.64
CA LEU A 1760 -16.28 15.71 4.70
C LEU A 1760 -17.02 14.60 5.40
N TYR A 1761 -16.73 14.36 6.68
CA TYR A 1761 -17.51 13.39 7.42
C TYR A 1761 -18.85 13.95 7.88
N ILE A 1762 -18.91 15.24 8.22
CA ILE A 1762 -20.14 15.72 8.86
C ILE A 1762 -21.24 15.97 7.84
N THR A 1763 -20.88 16.54 6.69
CA THR A 1763 -21.91 16.89 5.70
C THR A 1763 -22.47 15.66 5.01
N TYR A 1764 -21.62 14.77 4.56
CA TYR A 1764 -22.06 13.68 3.69
C TYR A 1764 -22.21 12.39 4.49
N GLU A 1765 -23.31 12.34 5.23
CA GLU A 1765 -23.57 11.28 6.20
C GLU A 1765 -24.02 9.97 5.55
N ASN A 1766 -24.11 9.90 4.23
CA ASN A 1766 -24.50 8.68 3.56
C ASN A 1766 -23.44 8.13 2.62
N VAL A 1767 -22.49 8.95 2.17
CA VAL A 1767 -21.47 8.53 1.22
C VAL A 1767 -20.42 7.73 1.97
N HIS A 1768 -19.87 6.71 1.31
CA HIS A 1768 -18.75 6.05 1.93
C HIS A 1768 -17.45 6.78 1.58
N GLU A 1769 -16.35 6.28 2.16
CA GLU A 1769 -15.05 6.94 2.09
C GLU A 1769 -14.42 6.92 0.70
N GLY A 1770 -14.90 6.08 -0.21
CA GLY A 1770 -14.24 5.92 -1.48
C GLY A 1770 -14.33 7.13 -2.38
N LYS A 1771 -15.36 7.96 -2.20
CA LYS A 1771 -15.48 9.22 -2.90
C LYS A 1771 -15.21 10.42 -2.00
N LEU A 1772 -15.32 10.26 -0.68
CA LEU A 1772 -14.89 11.31 0.24
C LEU A 1772 -13.39 11.52 0.17
N SER A 1773 -12.63 10.44 -0.03
CA SER A 1773 -11.21 10.59 -0.29
C SER A 1773 -10.97 11.33 -1.60
N HIS A 1774 -11.85 11.14 -2.58
CA HIS A 1774 -11.72 11.88 -3.84
C HIS A 1774 -12.01 13.36 -3.64
N LEU A 1775 -12.99 13.69 -2.80
CA LEU A 1775 -13.28 15.08 -2.50
C LEU A 1775 -12.15 15.73 -1.71
N ARG A 1776 -11.57 15.01 -0.76
CA ARG A 1776 -10.42 15.54 -0.03
C ARG A 1776 -9.22 15.72 -0.94
N SER A 1777 -8.99 14.78 -1.86
CA SER A 1777 -7.90 14.94 -2.81
C SER A 1777 -8.15 16.08 -3.79
N LYS A 1778 -9.41 16.47 -4.00
CA LYS A 1778 -9.69 17.70 -4.72
C LYS A 1778 -9.36 18.92 -3.89
N GLN A 1779 -9.80 18.94 -2.62
CA GLN A 1779 -9.76 20.15 -1.82
C GLN A 1779 -8.46 20.34 -1.04
N VAL A 1780 -7.54 19.39 -1.10
CA VAL A 1780 -6.29 19.44 -0.36
C VAL A 1780 -5.09 19.57 -1.28
N ALA A 1781 -5.23 19.18 -2.55
CA ALA A 1781 -4.17 19.15 -3.54
C ALA A 1781 -3.49 20.51 -3.69
N ASN A 1782 -2.21 20.47 -4.07
CA ASN A 1782 -1.43 21.69 -4.16
C ASN A 1782 -1.83 22.58 -5.33
N LEU A 1783 -2.59 22.04 -6.29
CA LEU A 1783 -3.22 22.89 -7.29
C LEU A 1783 -4.24 23.82 -6.64
N ASN A 1784 -5.06 23.29 -5.74
CA ASN A 1784 -6.08 24.12 -5.08
C ASN A 1784 -5.45 25.15 -4.16
N LEU A 1785 -4.43 24.75 -3.40
CA LEU A 1785 -3.78 25.69 -2.49
C LEU A 1785 -2.99 26.74 -3.25
N TYR A 1786 -2.41 26.35 -4.40
CA TYR A 1786 -1.74 27.33 -5.24
C TYR A 1786 -2.71 28.32 -5.85
N ARG A 1787 -3.87 27.86 -6.33
CA ARG A 1787 -4.80 28.81 -6.94
C ARG A 1787 -5.43 29.71 -5.90
N LEU A 1788 -5.62 29.21 -4.68
CA LEU A 1788 -6.08 30.07 -3.59
C LEU A 1788 -5.03 31.12 -3.23
N GLY A 1789 -3.75 30.73 -3.19
CA GLY A 1789 -2.71 31.67 -2.86
C GLY A 1789 -2.51 32.73 -3.94
N ARG A 1790 -2.56 32.34 -5.19
CA ARG A 1790 -2.47 33.31 -6.28
C ARG A 1790 -3.70 34.20 -6.35
N ARG A 1791 -4.87 33.68 -6.00
CA ARG A 1791 -6.06 34.52 -5.93
C ARG A 1791 -5.94 35.57 -4.84
N LYS A 1792 -5.41 35.19 -3.67
CA LYS A 1792 -5.39 36.09 -2.54
C LYS A 1792 -4.00 36.64 -2.24
N ARG A 1793 -3.20 36.88 -3.29
CA ARG A 1793 -2.01 37.72 -3.27
C ARG A 1793 -0.96 37.21 -2.28
N LEU A 1794 -0.41 36.03 -2.59
CA LEU A 1794 0.62 35.43 -1.76
C LEU A 1794 1.91 35.10 -2.49
N GLY A 1795 1.93 35.17 -3.81
CA GLY A 1795 3.20 35.05 -4.52
C GLY A 1795 4.09 36.25 -4.29
N GLU A 1796 3.49 37.42 -4.06
CA GLU A 1796 4.20 38.69 -3.95
C GLU A 1796 4.53 39.08 -2.51
N TYR A 1797 4.09 38.30 -1.53
CA TYR A 1797 4.36 38.64 -0.14
C TYR A 1797 5.48 37.82 0.47
N MET A 1798 6.14 36.96 -0.29
CA MET A 1798 7.14 36.08 0.29
C MET A 1798 8.56 36.51 0.02
N ILE A 1799 9.47 35.97 0.84
CA ILE A 1799 10.90 36.08 0.67
C ILE A 1799 11.41 34.77 0.12
N ALA A 1800 12.24 34.84 -0.92
CA ALA A 1800 12.69 33.61 -1.54
C ALA A 1800 14.16 33.65 -1.96
N THR A 1801 14.95 34.58 -1.43
CA THR A 1801 16.35 34.66 -1.80
C THR A 1801 17.16 35.11 -0.59
N LYS A 1802 18.41 34.64 -0.52
CA LYS A 1802 19.40 35.22 0.37
C LYS A 1802 19.56 36.70 0.05
N PHE A 1803 19.54 37.52 1.09
CA PHE A 1803 19.47 38.96 0.89
C PHE A 1803 20.91 39.41 0.68
N GLU A 1804 21.28 39.71 -0.55
CA GLU A 1804 22.58 40.31 -0.82
C GLU A 1804 22.34 41.75 -1.23
N PRO A 1805 22.68 42.73 -0.39
CA PRO A 1805 22.26 44.12 -0.63
C PRO A 1805 22.85 44.76 -1.87
N HIS A 1806 23.96 44.27 -2.38
CA HIS A 1806 24.48 44.76 -3.64
C HIS A 1806 23.70 44.24 -4.84
N ASP A 1807 22.74 43.34 -4.64
CA ASP A 1807 21.98 42.77 -5.74
C ASP A 1807 20.48 42.74 -5.54
N ASN A 1808 19.98 42.79 -4.31
CA ASN A 1808 18.59 42.41 -4.02
C ASN A 1808 17.92 43.43 -3.10
N TRP A 1809 18.05 44.72 -3.39
CA TRP A 1809 17.51 45.70 -2.47
C TRP A 1809 17.34 47.06 -3.15
N LEU A 1810 16.17 47.68 -2.96
CA LEU A 1810 15.98 49.10 -3.23
C LEU A 1810 16.22 49.94 -1.99
N PRO A 1811 17.25 50.76 -1.96
CA PRO A 1811 17.43 51.72 -0.88
C PRO A 1811 16.35 52.78 -0.91
N PRO A 1812 16.04 53.41 0.22
CA PRO A 1812 14.97 54.42 0.27
C PRO A 1812 15.24 55.61 -0.64
N CYS A 1813 14.16 56.10 -1.24
CA CYS A 1813 14.14 57.19 -2.23
C CYS A 1813 14.98 56.88 -3.45
N TYR A 1814 15.22 55.61 -3.72
CA TYR A 1814 15.76 55.17 -5.01
C TYR A 1814 14.65 54.48 -5.77
N TYR A 1815 14.75 54.53 -7.09
CA TYR A 1815 13.65 54.04 -7.91
C TYR A 1815 14.21 53.30 -9.11
N VAL A 1816 13.72 52.08 -9.34
CA VAL A 1816 14.09 51.33 -10.55
C VAL A 1816 13.06 51.55 -11.64
N PRO A 1817 13.50 51.81 -12.88
CA PRO A 1817 12.55 52.09 -13.96
C PRO A 1817 11.76 50.88 -14.43
N LYS A 1818 12.16 49.67 -14.01
CA LYS A 1818 11.47 48.41 -14.32
C LYS A 1818 11.42 48.14 -15.82
N GLU A 1819 12.41 48.63 -16.56
CA GLU A 1819 12.45 48.45 -18.00
C GLU A 1819 13.80 48.06 -18.57
N LEU A 1820 14.90 48.19 -17.80
CA LEU A 1820 16.21 47.84 -18.31
C LEU A 1820 16.34 46.33 -18.51
N GLU A 1821 15.62 45.54 -17.72
CA GLU A 1821 15.64 44.09 -17.89
C GLU A 1821 14.99 43.67 -19.20
N LYS A 1822 13.92 44.36 -19.59
CA LYS A 1822 13.29 44.11 -20.87
C LYS A 1822 13.83 44.99 -21.99
N ALA A 1823 14.77 45.89 -21.68
CA ALA A 1823 15.46 46.65 -22.72
C ALA A 1823 16.53 45.82 -23.42
N LEU A 1824 17.00 44.74 -22.80
CA LEU A 1824 18.04 43.90 -23.37
C LEU A 1824 17.55 42.45 -23.49
N LYS A 1835 21.39 63.76 -19.57
CA LYS A 1835 20.70 62.50 -19.79
C LYS A 1835 19.89 62.08 -18.56
N LEU A 1836 20.55 62.12 -17.39
CA LEU A 1836 19.96 61.54 -16.19
C LEU A 1836 18.80 62.37 -15.65
N ALA A 1837 18.86 63.70 -15.79
CA ALA A 1837 17.70 64.52 -15.46
C ALA A 1837 16.58 64.32 -16.47
N ASP A 1838 16.95 64.22 -17.75
CA ASP A 1838 15.98 63.82 -18.78
C ASP A 1838 15.46 62.42 -18.50
N LEU A 1839 16.33 61.52 -18.03
CA LEU A 1839 15.90 60.18 -17.66
C LEU A 1839 14.90 60.20 -16.51
N LEU A 1840 15.12 61.10 -15.54
CA LEU A 1840 14.13 61.32 -14.47
C LEU A 1840 12.79 61.74 -15.04
N ASP A 1841 12.79 62.79 -15.85
CA ASP A 1841 11.55 63.38 -16.35
C ASP A 1841 10.84 62.49 -17.36
N ILE A 1842 11.51 61.48 -17.92
CA ILE A 1842 10.80 60.54 -18.78
C ILE A 1842 10.38 59.30 -17.99
N LYS A 1843 11.19 58.86 -17.01
CA LYS A 1843 10.84 57.74 -16.16
C LYS A 1843 9.70 58.01 -15.20
N ASN A 1844 9.35 59.28 -14.93
CA ASN A 1844 8.03 59.47 -14.34
C ASN A 1844 6.91 59.45 -15.36
N LEU A 1845 7.19 59.76 -16.63
CA LEU A 1845 6.14 59.83 -17.64
C LEU A 1845 5.85 58.46 -18.26
N SER A 1846 6.82 57.89 -18.97
CA SER A 1846 6.59 56.65 -19.72
C SER A 1846 7.94 56.01 -20.04
N SER A 1847 7.91 54.70 -20.27
CA SER A 1847 9.13 53.93 -20.46
C SER A 1847 9.42 53.61 -21.93
N VAL A 1848 8.50 52.90 -22.59
CA VAL A 1848 8.82 52.18 -23.81
C VAL A 1848 9.01 53.13 -24.99
N GLN A 1849 8.17 54.16 -25.12
CA GLN A 1849 8.20 55.01 -26.31
C GLN A 1849 9.43 55.90 -26.34
N ILE A 1850 9.75 56.55 -25.22
CA ILE A 1850 10.94 57.39 -25.15
C ILE A 1850 12.20 56.54 -25.02
N CYS A 1851 12.08 55.30 -24.51
CA CYS A 1851 13.20 54.38 -24.52
C CYS A 1851 13.58 53.99 -25.95
N GLU A 1852 12.59 53.75 -26.80
CA GLU A 1852 12.87 53.45 -28.20
C GLU A 1852 13.25 54.69 -29.00
N MET A 1853 12.73 55.87 -28.63
CA MET A 1853 13.02 57.08 -29.39
C MET A 1853 14.45 57.56 -29.14
N VAL A 1854 14.89 57.57 -27.88
CA VAL A 1854 16.22 58.03 -27.55
C VAL A 1854 17.24 56.91 -27.80
N ASP A 1883 24.13 29.42 -18.96
CA ASP A 1883 24.28 30.83 -19.32
C ASP A 1883 23.64 31.12 -20.68
N PHE A 1884 22.39 30.69 -20.83
CA PHE A 1884 21.62 30.84 -22.06
C PHE A 1884 20.40 31.70 -21.78
N SER A 1885 19.49 31.76 -22.77
CA SER A 1885 18.27 32.57 -22.75
C SER A 1885 18.61 34.05 -22.57
N CYS A 1886 19.21 34.61 -23.64
CA CYS A 1886 19.68 35.99 -23.65
C CYS A 1886 18.57 37.01 -23.39
N PHE A 1887 17.31 36.67 -23.63
CA PHE A 1887 16.21 37.36 -22.98
C PHE A 1887 16.17 36.85 -21.55
N ILE A 1888 16.65 37.66 -20.62
CA ILE A 1888 16.92 37.22 -19.25
C ILE A 1888 15.78 37.72 -18.37
N PRO A 1889 15.18 36.86 -17.52
CA PRO A 1889 14.00 37.27 -16.76
C PRO A 1889 14.28 38.27 -15.65
N TYR A 1890 13.27 38.44 -14.79
CA TYR A 1890 13.02 39.54 -13.85
C TYR A 1890 14.25 40.24 -13.25
N ASN A 1891 14.23 41.56 -13.24
CA ASN A 1891 15.27 42.29 -12.51
C ASN A 1891 15.21 41.96 -11.02
N LEU A 1892 16.37 41.90 -10.40
CA LEU A 1892 16.47 41.29 -9.08
C LEU A 1892 16.00 42.18 -7.97
N VAL A 1893 15.73 43.45 -8.23
CA VAL A 1893 15.59 44.38 -7.14
C VAL A 1893 14.14 44.50 -6.69
N SER A 1894 13.18 44.26 -7.59
CA SER A 1894 11.78 44.43 -7.28
C SER A 1894 10.94 43.18 -7.40
N GLN A 1895 11.50 42.06 -7.85
CA GLN A 1895 10.74 40.82 -8.05
C GLN A 1895 11.52 39.65 -7.48
N HIS A 1896 10.83 38.53 -7.26
CA HIS A 1896 11.54 37.29 -6.92
C HIS A 1896 10.83 36.10 -7.53
N SER A 1897 11.59 35.29 -8.27
CA SER A 1897 11.06 34.07 -8.88
C SER A 1897 10.66 33.07 -7.81
N ILE A 1898 9.44 32.53 -7.93
CA ILE A 1898 8.84 31.73 -6.88
C ILE A 1898 8.04 30.60 -7.53
N PRO A 1899 8.24 29.35 -7.14
CA PRO A 1899 7.45 28.25 -7.71
C PRO A 1899 6.08 28.15 -7.07
N ASP A 1900 5.20 27.42 -7.76
CA ASP A 1900 3.80 27.33 -7.35
C ASP A 1900 3.65 26.58 -6.03
N LYS A 1901 4.30 25.42 -5.91
CA LYS A 1901 4.19 24.61 -4.71
C LYS A 1901 4.76 25.32 -3.51
N SER A 1902 5.66 26.28 -3.69
CA SER A 1902 6.09 27.10 -2.58
C SER A 1902 4.98 28.05 -2.12
N ILE A 1903 4.11 28.48 -3.02
CA ILE A 1903 2.94 29.25 -2.59
C ILE A 1903 1.97 28.36 -1.85
N ALA A 1904 1.85 27.09 -2.29
CA ALA A 1904 1.08 26.13 -1.52
C ALA A 1904 1.69 25.87 -0.15
N ASP A 1905 3.02 25.86 -0.10
CA ASP A 1905 3.74 25.74 1.16
C ASP A 1905 3.43 26.91 2.07
N CYS A 1906 3.33 28.12 1.50
CA CYS A 1906 2.95 29.25 2.32
C CYS A 1906 1.51 29.20 2.76
N VAL A 1907 0.63 28.66 1.91
CA VAL A 1907 -0.76 28.45 2.29
C VAL A 1907 -0.83 27.57 3.52
N GLU A 1908 -0.15 26.42 3.46
CA GLU A 1908 -0.14 25.49 4.58
C GLU A 1908 0.60 26.08 5.77
N ALA A 1909 1.67 26.83 5.51
CA ALA A 1909 2.46 27.43 6.56
C ALA A 1909 1.68 28.51 7.29
N LEU A 1910 0.89 29.28 6.58
CA LEU A 1910 0.06 30.30 7.20
C LEU A 1910 -1.09 29.67 7.96
N ILE A 1911 -1.61 28.53 7.47
CA ILE A 1911 -2.58 27.77 8.25
C ILE A 1911 -1.97 27.31 9.56
N GLY A 1912 -0.73 26.82 9.51
CA GLY A 1912 -0.03 26.41 10.72
C GLY A 1912 0.29 27.58 11.64
N ALA A 1913 0.65 28.72 11.07
CA ALA A 1913 0.98 29.90 11.87
C ALA A 1913 -0.25 30.42 12.59
N TYR A 1914 -1.37 30.54 11.87
CA TYR A 1914 -2.63 30.91 12.49
C TYR A 1914 -3.07 29.87 13.49
N LEU A 1915 -2.77 28.59 13.23
CA LEU A 1915 -3.09 27.53 14.16
C LEU A 1915 -2.35 27.71 15.48
N ILE A 1916 -1.03 27.88 15.41
CA ILE A 1916 -0.19 28.00 16.59
C ILE A 1916 -0.54 29.23 17.40
N GLU A 1917 -0.70 30.39 16.73
CA GLU A 1917 -1.04 31.59 17.48
C GLU A 1917 -2.51 31.62 17.91
N CYS A 1918 -3.44 31.59 16.96
CA CYS A 1918 -4.85 31.83 17.24
C CYS A 1918 -5.72 30.58 17.11
N GLY A 1919 -5.21 29.41 17.48
CA GLY A 1919 -6.05 28.26 17.64
C GLY A 1919 -6.49 27.57 16.36
N PRO A 1920 -7.04 26.37 16.53
CA PRO A 1920 -7.67 25.66 15.41
C PRO A 1920 -8.80 26.42 14.74
N ARG A 1921 -9.62 27.15 15.51
CA ARG A 1921 -10.70 27.93 14.91
C ARG A 1921 -10.14 29.05 14.04
N GLY A 1922 -9.06 29.68 14.50
CA GLY A 1922 -8.39 30.68 13.68
C GLY A 1922 -7.82 30.10 12.41
N ALA A 1923 -7.32 28.87 12.47
CA ALA A 1923 -6.86 28.22 11.25
C ALA A 1923 -8.01 27.91 10.31
N LEU A 1924 -9.15 27.47 10.85
CA LEU A 1924 -10.32 27.17 10.04
C LEU A 1924 -10.86 28.42 9.35
N LEU A 1925 -10.92 29.52 10.09
CA LEU A 1925 -11.35 30.78 9.50
C LEU A 1925 -10.33 31.30 8.51
N PHE A 1926 -9.04 30.99 8.67
CA PHE A 1926 -8.08 31.34 7.63
C PHE A 1926 -8.32 30.55 6.35
N MET A 1927 -8.62 29.25 6.46
CA MET A 1927 -8.90 28.52 5.22
C MET A 1927 -10.19 28.98 4.56
N ALA A 1928 -11.19 29.37 5.35
CA ALA A 1928 -12.37 30.00 4.78
C ALA A 1928 -12.04 31.33 4.13
N TRP A 1929 -11.12 32.09 4.72
CA TRP A 1929 -10.63 33.32 4.12
C TRP A 1929 -9.91 33.07 2.80
N LEU A 1930 -9.16 31.99 2.72
CA LEU A 1930 -8.41 31.74 1.50
C LEU A 1930 -9.32 31.22 0.39
N GLY A 1931 -10.31 30.41 0.72
CA GLY A 1931 -11.24 29.93 -0.28
C GLY A 1931 -11.75 28.52 -0.10
N VAL A 1932 -11.04 27.69 0.67
CA VAL A 1932 -11.55 26.38 1.03
C VAL A 1932 -12.56 26.62 2.16
N ARG A 1933 -13.84 26.56 1.84
CA ARG A 1933 -14.86 26.86 2.82
C ARG A 1933 -15.22 25.57 3.55
N VAL A 1934 -15.00 25.55 4.86
CA VAL A 1934 -14.97 24.31 5.61
C VAL A 1934 -15.81 24.45 6.88
N LEU A 1935 -16.58 25.52 6.96
CA LEU A 1935 -17.42 25.80 8.12
C LEU A 1935 -18.82 26.18 7.66
N PRO A 1936 -19.83 26.02 8.51
CA PRO A 1936 -21.19 26.41 8.12
C PRO A 1936 -21.42 27.92 8.14
N ILE A 1937 -22.41 28.34 7.36
CA ILE A 1937 -22.73 29.74 7.12
C ILE A 1937 -24.10 30.05 7.72
N THR A 1938 -24.17 31.06 8.58
CA THR A 1938 -25.44 31.55 9.14
C THR A 1938 -25.56 33.03 8.80
N ARG A 1939 -26.11 33.35 7.64
CA ARG A 1939 -26.20 34.74 7.17
C ARG A 1939 -27.21 35.50 8.03
N GLN A 1940 -26.70 36.34 8.93
CA GLN A 1940 -27.54 37.12 9.82
C GLN A 1940 -27.41 38.61 9.48
N LEU A 1941 -28.43 39.37 9.86
CA LEU A 1941 -28.46 40.80 9.58
C LEU A 1941 -27.45 41.55 10.45
N ASP A 1942 -26.82 42.56 9.86
CA ASP A 1942 -25.87 43.38 10.60
C ASP A 1942 -26.61 44.22 11.64
N GLY A 1943 -26.15 44.15 12.88
CA GLY A 1943 -26.88 44.75 13.98
C GLY A 1943 -26.52 46.19 14.26
N GLY A 1944 -26.46 47.02 13.22
CA GLY A 1944 -26.25 48.44 13.43
C GLY A 1944 -24.87 48.80 13.92
N ASN A 1945 -23.86 48.71 13.03
CA ASN A 1945 -22.44 48.92 13.34
C ASN A 1945 -21.97 47.93 14.42
N GLN A 1946 -21.90 46.67 13.98
CA GLN A 1946 -21.70 45.45 14.77
C GLN A 1946 -20.63 45.54 15.86
N GLU A 1947 -19.61 46.38 15.65
CA GLU A 1947 -18.67 46.82 16.69
C GLU A 1947 -17.81 45.70 17.23
N GLN A 1948 -18.43 44.70 17.87
CA GLN A 1948 -17.69 43.56 18.38
C GLN A 1948 -17.05 42.77 17.26
N ARG A 1949 -17.78 42.58 16.14
CA ARG A 1949 -17.33 41.85 14.96
C ARG A 1949 -16.90 40.43 15.35
N ILE A 1950 -17.91 39.64 15.71
CA ILE A 1950 -17.76 38.23 16.08
C ILE A 1950 -17.07 37.54 14.90
N PRO A 1951 -15.91 36.91 15.12
CA PRO A 1951 -14.97 36.68 14.01
C PRO A 1951 -15.44 35.62 13.04
N GLY A 1952 -14.79 35.61 11.89
CA GLY A 1952 -15.25 34.82 10.78
C GLY A 1952 -16.58 35.36 10.30
N SER A 1953 -16.59 36.63 9.89
CA SER A 1953 -17.82 37.30 9.49
C SER A 1953 -17.43 38.38 8.49
N THR A 1954 -17.67 38.12 7.21
CA THR A 1954 -17.16 38.98 6.14
C THR A 1954 -17.84 40.34 6.15
N LYS A 1955 -17.26 41.26 5.39
CA LYS A 1955 -17.79 42.61 5.31
C LYS A 1955 -19.15 42.61 4.62
N PRO A 1956 -20.08 43.45 5.05
CA PRO A 1956 -21.44 43.40 4.49
C PRO A 1956 -21.47 43.88 3.04
N ASN A 1957 -22.31 43.21 2.26
CA ASN A 1957 -22.62 43.62 0.89
C ASN A 1957 -23.66 44.73 0.89
N ALA A 1958 -24.32 44.94 -0.25
CA ALA A 1958 -25.24 46.06 -0.45
C ALA A 1958 -26.37 46.11 0.57
N GLU A 1959 -26.77 44.97 1.13
CA GLU A 1959 -27.64 44.94 2.29
C GLU A 1959 -26.81 44.62 3.53
N ASN A 1960 -27.27 45.10 4.68
CA ASN A 1960 -26.56 44.89 5.93
C ASN A 1960 -26.70 43.46 6.44
N VAL A 1961 -26.11 42.50 5.73
CA VAL A 1961 -26.14 41.09 6.12
C VAL A 1961 -24.70 40.56 6.17
N VAL A 1962 -24.30 40.07 7.35
CA VAL A 1962 -23.00 39.44 7.51
C VAL A 1962 -23.17 37.94 7.30
N THR A 1963 -22.07 37.21 7.15
CA THR A 1963 -22.11 35.78 6.83
C THR A 1963 -21.36 34.98 7.88
N VAL A 1964 -21.73 35.18 9.15
CA VAL A 1964 -20.96 34.68 10.30
C VAL A 1964 -20.80 33.16 10.25
N TYR A 1965 -19.55 32.71 10.30
CA TYR A 1965 -19.24 31.29 10.32
C TYR A 1965 -19.45 30.73 11.72
N GLY A 1966 -20.11 29.58 11.80
CA GLY A 1966 -20.36 28.92 13.06
C GLY A 1966 -19.53 27.66 13.23
N ALA A 1967 -19.68 27.05 14.40
CA ALA A 1967 -18.88 25.89 14.74
C ALA A 1967 -19.38 24.65 13.99
N TRP A 1968 -18.59 23.59 14.07
CA TRP A 1968 -18.88 22.35 13.38
C TRP A 1968 -20.13 21.68 13.95
N PRO A 1969 -20.97 21.09 13.11
CA PRO A 1969 -22.22 20.51 13.60
C PRO A 1969 -22.00 19.13 14.21
N THR A 1970 -22.81 18.80 15.19
CA THR A 1970 -22.82 17.46 15.73
C THR A 1970 -23.45 16.52 14.70
N PRO A 1971 -22.79 15.46 14.29
CA PRO A 1971 -23.31 14.61 13.20
C PRO A 1971 -24.40 13.67 13.69
N ARG A 1972 -24.85 12.83 12.77
CA ARG A 1972 -25.91 11.87 13.05
C ARG A 1972 -25.31 10.58 13.59
N SER A 1973 -25.72 10.19 14.79
CA SER A 1973 -25.32 8.89 15.32
C SER A 1973 -26.00 7.80 14.51
N PRO A 1974 -25.26 6.82 13.99
CA PRO A 1974 -25.85 5.88 13.05
C PRO A 1974 -26.57 4.72 13.71
N LEU A 1975 -27.34 4.98 14.76
CA LEU A 1975 -28.21 3.98 15.36
C LEU A 1975 -29.50 4.01 14.56
N LEU A 1976 -29.49 3.28 13.45
CA LEU A 1976 -30.55 3.34 12.46
C LEU A 1976 -31.80 2.66 13.01
N HIS A 1977 -32.82 3.44 13.33
CA HIS A 1977 -33.97 2.94 14.07
C HIS A 1977 -34.99 2.24 13.17
N PHE A 1978 -34.52 1.27 12.38
CA PHE A 1978 -35.42 0.45 11.58
C PHE A 1978 -35.88 -0.79 12.33
N ALA A 1979 -35.42 -0.96 13.56
CA ALA A 1979 -35.86 -1.99 14.48
C ALA A 1979 -36.60 -1.34 15.64
N PRO A 1980 -37.67 -1.96 16.14
CA PRO A 1980 -38.47 -1.31 17.20
C PRO A 1980 -37.77 -1.23 18.55
N ASN A 1981 -36.70 -1.98 18.77
CA ASN A 1981 -35.97 -1.93 20.03
C ASN A 1981 -34.47 -1.89 19.75
N ALA A 1982 -34.05 -0.96 18.88
CA ALA A 1982 -32.65 -0.88 18.46
C ALA A 1982 -31.69 -0.53 19.59
N THR A 1983 -32.15 0.12 20.66
CA THR A 1983 -31.26 0.36 21.80
C THR A 1983 -30.97 -0.93 22.56
N GLU A 1984 -31.99 -1.78 22.75
CA GLU A 1984 -31.76 -3.07 23.39
C GLU A 1984 -30.99 -4.01 22.47
N GLU A 1985 -31.17 -3.87 21.15
CA GLU A 1985 -30.37 -4.65 20.22
C GLU A 1985 -28.91 -4.22 20.24
N LEU A 1986 -28.65 -2.92 20.41
CA LEU A 1986 -27.27 -2.44 20.55
C LEU A 1986 -26.65 -2.97 21.84
N ASP A 1987 -27.40 -2.95 22.94
CA ASP A 1987 -26.88 -3.51 24.19
C ASP A 1987 -26.67 -5.02 24.11
N GLN A 1988 -27.49 -5.72 23.34
CA GLN A 1988 -27.33 -7.16 23.20
C GLN A 1988 -26.14 -7.50 22.30
N LEU A 1989 -25.95 -6.76 21.21
CA LEU A 1989 -24.86 -7.06 20.29
C LEU A 1989 -23.53 -6.50 20.78
N LEU A 1990 -23.55 -5.62 21.78
CA LEU A 1990 -22.35 -5.07 22.40
C LEU A 1990 -22.05 -5.73 23.74
N SER A 1991 -22.28 -7.03 23.87
CA SER A 1991 -22.16 -7.67 25.18
C SER A 1991 -20.70 -7.86 25.54
N GLY A 1992 -20.34 -7.44 26.76
CA GLY A 1992 -19.03 -7.73 27.29
C GLY A 1992 -17.90 -6.87 26.76
N PHE A 1993 -18.19 -5.70 26.21
CA PHE A 1993 -17.13 -4.80 25.77
C PHE A 1993 -16.60 -3.93 26.89
N GLU A 1994 -17.11 -4.10 28.11
CA GLU A 1994 -16.64 -3.29 29.23
C GLU A 1994 -15.19 -3.61 29.60
N GLU A 1995 -14.74 -4.84 29.29
CA GLU A 1995 -13.32 -5.15 29.38
C GLU A 1995 -12.53 -4.30 28.39
N PHE A 1996 -13.07 -4.07 27.19
CA PHE A 1996 -12.40 -3.21 26.23
C PHE A 1996 -12.41 -1.74 26.66
N GLU A 1997 -13.50 -1.30 27.29
CA GLU A 1997 -13.57 0.05 27.83
C GLU A 1997 -12.55 0.25 28.94
N GLU A 1998 -12.39 -0.74 29.81
CA GLU A 1998 -11.33 -0.66 30.80
C GLU A 1998 -9.95 -0.81 30.18
N SER A 1999 -9.86 -1.45 29.02
CA SER A 1999 -8.59 -1.53 28.31
C SER A 1999 -8.29 -0.25 27.55
N LEU A 2000 -9.24 0.68 27.49
CA LEU A 2000 -9.00 1.95 26.81
C LEU A 2000 -9.13 3.17 27.71
N GLY A 2001 -10.02 3.11 28.70
CA GLY A 2001 -10.18 4.23 29.62
C GLY A 2001 -11.40 5.07 29.36
N TYR A 2002 -11.70 5.37 28.09
CA TYR A 2002 -12.81 6.25 27.73
C TYR A 2002 -14.08 5.41 27.70
N LYS A 2003 -14.98 5.69 28.64
CA LYS A 2003 -16.32 5.13 28.60
C LYS A 2003 -17.14 5.88 27.57
N PHE A 2004 -17.60 5.17 26.54
CA PHE A 2004 -18.37 5.78 25.47
C PHE A 2004 -19.73 6.24 25.98
N ARG A 2005 -20.15 7.42 25.53
CA ARG A 2005 -21.49 7.91 25.84
C ARG A 2005 -22.51 7.54 24.77
N ASP A 2006 -22.06 7.25 23.55
CA ASP A 2006 -22.93 6.78 22.47
C ASP A 2006 -22.22 5.59 21.84
N ARG A 2007 -22.51 4.39 22.35
CA ARG A 2007 -21.75 3.19 22.03
C ARG A 2007 -21.97 2.69 20.61
N SER A 2008 -22.94 3.25 19.88
CA SER A 2008 -23.13 2.92 18.48
C SER A 2008 -21.92 3.29 17.65
N TYR A 2009 -21.19 4.32 18.07
CA TYR A 2009 -19.91 4.64 17.43
C TYR A 2009 -18.88 3.54 17.64
N LEU A 2010 -18.86 2.95 18.84
CA LEU A 2010 -17.93 1.86 19.11
C LEU A 2010 -18.26 0.65 18.26
N LEU A 2011 -19.55 0.33 18.18
CA LEU A 2011 -19.97 -0.81 17.35
C LEU A 2011 -19.70 -0.54 15.88
N GLN A 2012 -19.88 0.71 15.43
CA GLN A 2012 -19.57 1.06 14.06
C GLN A 2012 -18.08 0.97 13.79
N ALA A 2013 -17.25 1.23 14.80
CA ALA A 2013 -15.81 1.10 14.64
C ALA A 2013 -15.39 -0.37 14.56
N MET A 2014 -15.99 -1.23 15.38
CA MET A 2014 -15.60 -2.63 15.38
C MET A 2014 -16.12 -3.41 14.18
N THR A 2015 -17.32 -3.08 13.72
CA THR A 2015 -18.01 -3.95 12.76
C THR A 2015 -17.31 -3.98 11.42
N HIS A 2016 -16.97 -5.18 10.97
CA HIS A 2016 -16.39 -5.38 9.66
C HIS A 2016 -17.45 -5.14 8.58
N ALA A 2017 -17.01 -5.05 7.33
CA ALA A 2017 -17.93 -4.94 6.21
C ALA A 2017 -18.72 -6.23 5.95
N SER A 2018 -18.32 -7.35 6.55
CA SER A 2018 -18.95 -8.64 6.35
C SER A 2018 -19.64 -9.17 7.60
N TYR A 2019 -19.77 -8.37 8.65
CA TYR A 2019 -20.49 -8.81 9.84
C TYR A 2019 -21.97 -8.56 9.62
N THR A 2020 -22.59 -9.43 8.82
CA THR A 2020 -23.96 -9.26 8.36
C THR A 2020 -25.07 -9.21 9.42
N PRO A 2021 -24.96 -9.75 10.65
CA PRO A 2021 -26.05 -9.53 11.61
C PRO A 2021 -26.08 -8.14 12.24
N ASN A 2022 -25.38 -7.15 11.69
CA ASN A 2022 -25.42 -5.79 12.23
C ASN A 2022 -26.50 -5.00 11.50
N ARG A 2023 -27.73 -5.12 12.00
CA ARG A 2023 -28.85 -4.34 11.51
C ARG A 2023 -28.99 -3.01 12.24
N LEU A 2024 -27.91 -2.50 12.84
CA LEU A 2024 -27.97 -1.29 13.64
C LEU A 2024 -27.18 -0.13 13.06
N THR A 2025 -25.92 -0.35 12.66
CA THR A 2025 -25.12 0.75 12.12
C THR A 2025 -24.54 0.42 10.75
N ASP A 2026 -23.64 1.28 10.31
CA ASP A 2026 -22.85 1.09 9.09
C ASP A 2026 -21.61 0.28 9.44
N CYS A 2027 -20.74 0.08 8.45
CA CYS A 2027 -19.45 -0.57 8.68
C CYS A 2027 -18.45 0.46 9.18
N TYR A 2028 -17.17 0.10 9.13
CA TYR A 2028 -16.11 0.87 9.78
C TYR A 2028 -15.18 1.60 8.82
N GLN A 2029 -15.41 1.54 7.52
CA GLN A 2029 -14.46 2.08 6.55
C GLN A 2029 -14.44 3.61 6.59
N ARG A 2030 -15.62 4.23 6.51
CA ARG A 2030 -15.68 5.68 6.46
C ARG A 2030 -15.42 6.33 7.80
N LEU A 2031 -15.36 5.55 8.88
CA LEU A 2031 -14.99 6.10 10.17
C LEU A 2031 -13.48 5.93 10.40
N GLU A 2032 -12.89 4.87 9.86
CA GLU A 2032 -11.44 4.78 9.75
C GLU A 2032 -10.88 5.93 8.93
N PHE A 2033 -11.64 6.34 7.91
CA PHE A 2033 -11.32 7.55 7.13
C PHE A 2033 -11.14 8.78 8.02
N LEU A 2034 -11.99 8.94 9.04
CA LEU A 2034 -11.81 10.04 9.97
C LEU A 2034 -10.64 9.79 10.92
N GLY A 2035 -10.54 8.57 11.42
CA GLY A 2035 -9.56 8.27 12.46
C GLY A 2035 -8.13 8.35 12.01
N ASP A 2036 -7.88 8.05 10.74
CA ASP A 2036 -6.54 8.16 10.19
C ASP A 2036 -6.06 9.61 10.20
N ALA A 2037 -6.93 10.54 9.81
CA ALA A 2037 -6.58 11.95 9.81
C ALA A 2037 -6.42 12.49 11.23
N VAL A 2038 -7.27 12.05 12.14
CA VAL A 2038 -7.11 12.42 13.55
C VAL A 2038 -5.75 11.96 14.07
N LEU A 2039 -5.35 10.73 13.75
CA LEU A 2039 -4.10 10.20 14.26
C LEU A 2039 -2.89 10.86 13.59
N ASP A 2040 -2.98 11.17 12.30
CA ASP A 2040 -1.90 11.88 11.62
C ASP A 2040 -1.68 13.26 12.21
N TYR A 2041 -2.76 13.99 12.50
CA TYR A 2041 -2.57 15.30 13.12
C TYR A 2041 -2.05 15.18 14.54
N LEU A 2042 -2.52 14.17 15.29
CA LEU A 2042 -2.06 14.00 16.67
C LEU A 2042 -0.57 13.70 16.70
N ILE A 2043 -0.11 12.82 15.80
CA ILE A 2043 1.31 12.46 15.75
C ILE A 2043 2.15 13.65 15.29
N THR A 2044 1.74 14.34 14.23
CA THR A 2044 2.60 15.40 13.71
C THR A 2044 2.60 16.64 14.60
N ARG A 2045 1.51 16.91 15.32
CA ARG A 2045 1.51 18.02 16.26
C ARG A 2045 2.25 17.69 17.55
N HIS A 2046 2.21 16.43 18.00
CA HIS A 2046 3.03 16.07 19.14
C HIS A 2046 4.51 16.11 18.80
N LEU A 2047 4.87 15.55 17.65
CA LEU A 2047 6.27 15.50 17.27
C LEU A 2047 6.82 16.84 16.82
N TYR A 2048 5.95 17.77 16.39
CA TYR A 2048 6.40 19.14 16.14
C TYR A 2048 6.79 19.82 17.45
N GLU A 2049 6.12 19.49 18.55
CA GLU A 2049 6.37 20.07 19.87
C GLU A 2049 7.59 19.48 20.56
N ASP A 2050 8.39 18.67 19.87
CA ASP A 2050 9.62 18.12 20.44
C ASP A 2050 10.63 19.23 20.66
N PRO A 2051 11.27 19.29 21.85
CA PRO A 2051 12.36 20.26 22.04
C PRO A 2051 13.58 19.99 21.18
N ARG A 2052 13.72 18.77 20.63
CA ARG A 2052 14.84 18.47 19.74
C ARG A 2052 14.74 19.20 18.42
N GLN A 2053 13.57 19.72 18.05
CA GLN A 2053 13.34 20.56 16.87
C GLN A 2053 13.74 19.82 15.60
N HIS A 2054 12.93 18.81 15.28
CA HIS A 2054 13.17 17.96 14.13
C HIS A 2054 13.05 18.75 12.82
N SER A 2055 13.64 18.20 11.79
CA SER A 2055 13.54 18.72 10.43
C SER A 2055 12.17 18.34 9.88
N PRO A 2056 11.80 18.82 8.68
CA PRO A 2056 10.66 18.19 7.99
C PRO A 2056 10.84 16.70 7.73
N GLY A 2057 12.07 16.27 7.43
CA GLY A 2057 12.31 14.85 7.22
C GLY A 2057 12.33 14.04 8.50
N ALA A 2058 12.78 14.61 9.61
CA ALA A 2058 12.70 13.91 10.87
C ALA A 2058 11.34 14.09 11.50
N LEU A 2059 10.44 14.84 10.86
CA LEU A 2059 9.05 14.87 11.28
C LEU A 2059 8.21 13.93 10.45
N THR A 2060 8.57 13.74 9.18
CA THR A 2060 7.96 12.69 8.37
C THR A 2060 8.37 11.31 8.85
N ASP A 2061 9.68 11.10 9.03
CA ASP A 2061 10.20 9.77 9.33
C ASP A 2061 9.94 9.32 10.75
N LEU A 2062 9.80 10.25 11.69
CA LEU A 2062 9.30 9.87 13.00
C LEU A 2062 7.80 9.65 12.99
N ARG A 2063 7.10 10.02 11.93
CA ARG A 2063 5.68 9.79 11.79
C ARG A 2063 5.41 8.57 10.92
N SER A 2064 5.98 8.55 9.71
CA SER A 2064 5.76 7.47 8.77
C SER A 2064 6.37 6.15 9.20
N ALA A 2065 7.21 6.14 10.23
CA ALA A 2065 7.62 4.89 10.86
C ALA A 2065 6.81 4.62 12.12
N LEU A 2066 5.84 5.48 12.42
CA LEU A 2066 5.10 5.34 13.66
C LEU A 2066 3.59 5.33 13.42
N VAL A 2067 3.09 5.88 12.31
CA VAL A 2067 1.74 5.54 11.87
C VAL A 2067 1.85 4.65 10.62
N ASN A 2068 1.91 3.34 10.86
CA ASN A 2068 2.11 2.33 9.84
C ASN A 2068 1.12 1.23 10.20
N ASN A 2069 0.73 0.43 9.20
CA ASN A 2069 -0.29 -0.59 9.47
C ASN A 2069 0.25 -1.69 10.36
N THR A 2070 1.56 -1.96 10.27
CA THR A 2070 2.16 -3.01 11.08
C THR A 2070 2.23 -2.61 12.55
N ILE A 2071 2.61 -1.36 12.83
CA ILE A 2071 2.76 -0.95 14.22
C ILE A 2071 1.37 -0.69 14.81
N PHE A 2072 0.43 -0.23 13.97
CA PHE A 2072 -0.96 -0.13 14.37
C PHE A 2072 -1.53 -1.50 14.73
N ALA A 2073 -1.25 -2.50 13.90
CA ALA A 2073 -1.69 -3.85 14.20
C ALA A 2073 -1.03 -4.41 15.45
N SER A 2074 0.22 -4.02 15.70
CA SER A 2074 0.93 -4.52 16.87
C SER A 2074 0.37 -3.94 18.16
N LEU A 2075 0.05 -2.63 18.19
CA LEU A 2075 -0.66 -2.14 19.37
C LEU A 2075 -2.09 -2.64 19.45
N ALA A 2076 -2.71 -2.95 18.31
CA ALA A 2076 -4.04 -3.55 18.33
C ALA A 2076 -4.01 -4.91 19.00
N VAL A 2077 -3.06 -5.76 18.61
CA VAL A 2077 -2.91 -7.07 19.24
C VAL A 2077 -2.45 -6.93 20.68
N ARG A 2078 -1.56 -5.97 20.96
CA ARG A 2078 -0.97 -5.84 22.29
C ARG A 2078 -1.99 -5.37 23.32
N HIS A 2079 -2.84 -4.40 22.95
CA HIS A 2079 -3.75 -3.80 23.91
C HIS A 2079 -5.16 -4.37 23.82
N GLY A 2080 -5.32 -5.53 23.19
CA GLY A 2080 -6.58 -6.24 23.22
C GLY A 2080 -7.63 -5.62 22.34
N PHE A 2081 -7.38 -5.55 21.03
CA PHE A 2081 -8.35 -5.07 20.06
C PHE A 2081 -8.96 -6.20 19.26
N HIS A 2082 -8.16 -7.20 18.87
CA HIS A 2082 -8.67 -8.38 18.18
C HIS A 2082 -9.58 -9.21 19.07
N LYS A 2083 -9.46 -9.08 20.39
CA LYS A 2083 -10.37 -9.72 21.32
C LYS A 2083 -11.75 -9.08 21.34
N PHE A 2084 -11.94 -7.95 20.67
CA PHE A 2084 -13.25 -7.33 20.62
C PHE A 2084 -13.58 -6.84 19.21
N PHE A 2085 -13.00 -7.47 18.21
CA PHE A 2085 -13.24 -7.15 16.82
C PHE A 2085 -14.23 -8.17 16.26
N ARG A 2086 -15.39 -7.69 15.82
CA ARG A 2086 -16.49 -8.55 15.40
C ARG A 2086 -16.47 -8.70 13.89
N HIS A 2087 -16.35 -9.94 13.43
CA HIS A 2087 -16.40 -10.21 11.99
C HIS A 2087 -16.86 -11.64 11.80
N LEU A 2088 -17.34 -11.94 10.59
CA LEU A 2088 -17.81 -13.26 10.21
C LEU A 2088 -17.12 -13.69 8.93
N SER A 2089 -15.81 -13.57 8.89
CA SER A 2089 -15.04 -13.93 7.74
C SER A 2089 -14.02 -15.00 8.09
N PRO A 2090 -13.91 -16.06 7.29
CA PRO A 2090 -12.94 -17.13 7.60
C PRO A 2090 -11.48 -16.72 7.48
N GLY A 2091 -11.11 -16.15 6.33
CA GLY A 2091 -9.70 -15.86 6.07
C GLY A 2091 -9.13 -14.84 7.02
N LEU A 2092 -9.92 -13.84 7.37
CA LEU A 2092 -9.50 -12.86 8.36
C LEU A 2092 -9.35 -13.50 9.74
N ASN A 2093 -10.20 -14.48 10.06
CA ASN A 2093 -10.08 -15.16 11.34
C ASN A 2093 -8.79 -15.96 11.41
N ASP A 2094 -8.44 -16.65 10.33
CA ASP A 2094 -7.18 -17.40 10.28
C ASP A 2094 -5.96 -16.48 10.35
N VAL A 2095 -5.98 -15.37 9.60
CA VAL A 2095 -4.87 -14.43 9.60
C VAL A 2095 -4.71 -13.77 10.97
N ILE A 2096 -5.83 -13.38 11.59
CA ILE A 2096 -5.80 -12.78 12.92
C ILE A 2096 -5.28 -13.78 13.94
N ASP A 2097 -5.69 -15.05 13.83
CA ASP A 2097 -5.21 -16.09 14.74
C ASP A 2097 -3.71 -16.30 14.65
N ARG A 2098 -3.18 -16.46 13.44
CA ARG A 2098 -1.75 -16.71 13.30
C ARG A 2098 -0.92 -15.51 13.73
N PHE A 2099 -1.41 -14.29 13.45
CA PHE A 2099 -0.67 -13.11 13.87
C PHE A 2099 -0.71 -12.93 15.39
N VAL A 2100 -1.84 -13.25 16.03
CA VAL A 2100 -1.86 -13.14 17.48
C VAL A 2100 -1.01 -14.24 18.12
N ARG A 2101 -0.90 -15.41 17.48
CA ARG A 2101 -0.01 -16.45 18.00
C ARG A 2101 1.46 -16.02 17.92
N ILE A 2102 1.90 -15.51 16.76
CA ILE A 2102 3.29 -15.11 16.61
C ILE A 2102 3.58 -13.87 17.46
N GLN A 2103 2.58 -13.04 17.76
CA GLN A 2103 2.80 -11.92 18.66
C GLN A 2103 2.83 -12.33 20.11
N GLN A 2104 2.03 -13.31 20.51
CA GLN A 2104 2.03 -13.75 21.90
C GLN A 2104 3.27 -14.57 22.23
N GLU A 2105 3.89 -15.20 21.24
CA GLU A 2105 5.19 -15.80 21.49
C GLU A 2105 6.32 -14.76 21.54
N ASN A 2106 6.12 -13.58 20.96
CA ASN A 2106 7.15 -12.55 20.93
C ASN A 2106 7.08 -11.62 22.12
N GLY A 2107 6.11 -11.81 23.01
CA GLY A 2107 5.90 -10.86 24.07
C GLY A 2107 5.38 -9.52 23.60
N HIS A 2108 4.72 -9.51 22.43
CA HIS A 2108 4.18 -8.31 21.79
C HIS A 2108 5.26 -7.26 21.54
N CYS A 2109 6.29 -7.68 20.82
CA CYS A 2109 7.36 -6.81 20.37
C CYS A 2109 7.29 -6.64 18.86
N ILE A 2110 7.89 -5.56 18.38
CA ILE A 2110 7.74 -5.17 16.99
C ILE A 2110 8.76 -5.89 16.12
N ASP A 2123 15.47 -21.13 0.68
CA ASP A 2123 14.06 -21.48 0.65
C ASP A 2123 13.22 -20.25 0.33
N ASP A 2124 12.26 -19.94 1.21
CA ASP A 2124 11.41 -18.76 1.07
C ASP A 2124 11.22 -18.13 2.44
N ALA A 2125 11.03 -16.82 2.46
CA ALA A 2125 10.91 -16.08 3.71
C ALA A 2125 9.45 -15.88 4.07
N GLU A 2126 8.81 -16.99 4.42
CA GLU A 2126 7.41 -16.97 4.83
C GLU A 2126 7.32 -16.34 6.21
N ASP A 2127 6.85 -15.10 6.27
CA ASP A 2127 6.57 -14.46 7.54
C ASP A 2127 5.09 -14.21 7.67
N VAL A 2128 4.66 -13.96 8.92
CA VAL A 2128 3.26 -13.87 9.24
C VAL A 2128 2.67 -12.60 8.67
N GLU A 2129 1.52 -12.73 8.00
CA GLU A 2129 0.84 -11.57 7.43
C GLU A 2129 0.22 -10.73 8.54
N VAL A 2130 0.00 -9.46 8.24
CA VAL A 2130 -0.55 -8.53 9.21
C VAL A 2130 -2.04 -8.36 8.98
N PRO A 2131 -2.84 -8.31 10.04
CA PRO A 2131 -4.28 -8.06 9.89
C PRO A 2131 -4.55 -6.59 9.62
N LYS A 2132 -4.59 -6.19 8.33
CA LYS A 2132 -4.90 -4.83 7.93
C LYS A 2132 -6.19 -4.31 8.55
N ALA A 2133 -7.15 -5.21 8.73
CA ALA A 2133 -8.39 -4.93 9.44
C ALA A 2133 -8.13 -4.49 10.87
N LEU A 2134 -7.10 -5.05 11.51
CA LEU A 2134 -6.84 -4.65 12.90
C LEU A 2134 -6.16 -3.30 12.99
N GLY A 2135 -5.29 -2.95 12.04
CA GLY A 2135 -4.76 -1.60 12.00
C GLY A 2135 -5.83 -0.58 11.69
N ASP A 2136 -6.76 -0.93 10.81
CA ASP A 2136 -7.88 -0.05 10.53
C ASP A 2136 -8.83 0.05 11.72
N VAL A 2137 -8.92 -0.98 12.55
CA VAL A 2137 -9.66 -0.86 13.81
C VAL A 2137 -8.93 0.08 14.77
N PHE A 2138 -7.60 0.04 14.77
CA PHE A 2138 -6.82 0.98 15.58
C PHE A 2138 -7.04 2.43 15.13
N GLU A 2139 -7.14 2.67 13.82
CA GLU A 2139 -7.49 4.01 13.34
C GLU A 2139 -8.93 4.37 13.68
N SER A 2140 -9.86 3.44 13.48
CA SER A 2140 -11.28 3.76 13.57
C SER A 2140 -11.73 3.97 15.00
N ILE A 2141 -11.07 3.32 15.97
CA ILE A 2141 -11.40 3.58 17.36
C ILE A 2141 -10.97 4.99 17.77
N ALA A 2142 -9.84 5.47 17.22
CA ALA A 2142 -9.46 6.87 17.40
C ALA A 2142 -10.50 7.80 16.81
N GLY A 2143 -10.98 7.46 15.61
CA GLY A 2143 -12.05 8.26 15.01
C GLY A 2143 -13.33 8.29 15.82
N ALA A 2144 -13.72 7.14 16.37
CA ALA A 2144 -14.94 7.07 17.15
C ALA A 2144 -14.80 7.82 18.47
N ILE A 2145 -13.60 7.80 19.05
CA ILE A 2145 -13.37 8.57 20.27
C ILE A 2145 -13.35 10.06 19.96
N PHE A 2146 -12.89 10.45 18.76
CA PHE A 2146 -12.99 11.85 18.34
C PHE A 2146 -14.44 12.29 18.21
N LEU A 2147 -15.25 11.51 17.49
CA LEU A 2147 -16.63 11.92 17.23
C LEU A 2147 -17.49 11.85 18.47
N ASP A 2148 -17.24 10.90 19.37
CA ASP A 2148 -18.09 10.76 20.54
C ASP A 2148 -17.78 11.76 21.64
N SER A 2149 -16.73 12.58 21.50
CA SER A 2149 -16.28 13.43 22.59
C SER A 2149 -16.52 14.91 22.32
N ASN A 2150 -17.57 15.21 21.54
CA ASN A 2150 -17.88 16.56 21.04
C ASN A 2150 -16.69 17.15 20.27
N MET A 2151 -16.00 16.28 19.53
CA MET A 2151 -14.95 16.63 18.57
C MET A 2151 -13.77 17.36 19.22
N SER A 2152 -13.07 16.63 20.08
CA SER A 2152 -11.86 17.17 20.70
C SER A 2152 -10.71 16.19 20.47
N LEU A 2153 -9.53 16.74 20.17
CA LEU A 2153 -8.33 15.94 19.94
C LEU A 2153 -7.59 15.62 21.23
N ASP A 2154 -7.90 16.31 22.33
CA ASP A 2154 -7.25 16.06 23.61
C ASP A 2154 -7.63 14.71 24.18
N VAL A 2155 -8.91 14.32 24.09
CA VAL A 2155 -9.34 13.05 24.62
C VAL A 2155 -8.79 11.89 23.79
N VAL A 2156 -8.72 12.06 22.46
CA VAL A 2156 -8.08 11.07 21.60
C VAL A 2156 -6.62 10.90 21.95
N TRP A 2157 -5.90 12.01 22.15
CA TRP A 2157 -4.49 11.90 22.51
C TRP A 2157 -4.31 11.32 23.91
N HIS A 2158 -5.19 11.65 24.84
CA HIS A 2158 -5.08 11.12 26.19
C HIS A 2158 -5.31 9.62 26.22
N VAL A 2159 -6.25 9.14 25.40
CA VAL A 2159 -6.47 7.69 25.33
C VAL A 2159 -5.33 7.00 24.58
N TYR A 2160 -4.85 7.59 23.48
CA TYR A 2160 -3.84 6.92 22.68
C TYR A 2160 -2.42 7.10 23.19
N SER A 2161 -2.21 7.98 24.17
CA SER A 2161 -0.88 8.13 24.75
C SER A 2161 -0.50 6.90 25.55
N ASN A 2162 -1.44 6.36 26.33
CA ASN A 2162 -1.20 5.16 27.14
C ASN A 2162 -0.83 3.95 26.32
N MET A 2163 -1.17 3.93 25.03
CA MET A 2163 -0.73 2.87 24.14
C MET A 2163 0.56 3.23 23.43
N MET A 2164 0.62 4.45 22.89
CA MET A 2164 1.57 4.72 21.84
C MET A 2164 2.82 5.44 22.34
N SER A 2165 2.73 6.17 23.47
CA SER A 2165 3.71 7.16 23.85
C SER A 2165 5.00 6.60 24.46
N PRO A 2166 4.99 5.53 25.30
CA PRO A 2166 6.28 4.86 25.59
C PRO A 2166 6.96 4.35 24.34
N GLU A 2167 6.17 3.82 23.42
CA GLU A 2167 6.75 3.30 22.20
C GLU A 2167 7.22 4.48 21.37
N ILE A 2168 6.53 5.63 21.52
CA ILE A 2168 6.91 6.88 20.83
C ILE A 2168 8.29 7.36 21.30
N GLU A 2169 8.57 7.32 22.61
CA GLU A 2169 9.92 7.67 23.06
C GLU A 2169 10.95 6.68 22.53
N GLN A 2170 10.56 5.40 22.47
CA GLN A 2170 11.47 4.40 21.92
C GLN A 2170 11.82 4.69 20.45
N PHE A 2171 10.84 5.13 19.63
CA PHE A 2171 11.27 5.57 18.29
C PHE A 2171 12.04 6.88 18.35
N SER A 2172 11.69 7.78 19.26
CA SER A 2172 12.21 9.14 19.25
C SER A 2172 13.67 9.19 19.65
N ASN A 2173 14.16 8.18 20.36
CA ASN A 2173 15.60 8.09 20.61
C ASN A 2173 16.33 7.54 19.39
N SER A 2174 15.99 6.31 18.97
CA SER A 2174 16.71 5.63 17.90
C SER A 2174 16.26 6.08 16.52
N VAL A 2175 16.63 5.32 15.49
CA VAL A 2175 16.27 5.59 14.11
C VAL A 2175 15.59 4.34 13.53
N PRO A 2176 14.26 4.25 13.61
CA PRO A 2176 13.54 3.01 13.25
C PRO A 2176 13.54 2.59 11.78
N LYS A 2177 13.12 3.51 10.91
CA LYS A 2177 12.75 3.24 9.51
C LYS A 2177 11.82 2.05 9.34
N SER A 2178 11.86 1.43 8.16
CA SER A 2178 10.97 0.35 7.78
C SER A 2178 11.75 -0.60 6.89
N PRO A 2179 11.43 -1.92 6.89
CA PRO A 2179 12.34 -2.93 6.31
C PRO A 2179 12.73 -2.73 4.85
N ILE A 2180 11.76 -2.39 4.01
CA ILE A 2180 12.05 -1.96 2.64
C ILE A 2180 12.84 -0.65 2.62
N ARG A 2181 12.55 0.27 3.54
CA ARG A 2181 13.26 1.54 3.56
C ARG A 2181 14.69 1.36 4.06
N GLU A 2182 14.91 0.55 5.12
CA GLU A 2182 16.27 0.24 5.55
C GLU A 2182 17.04 -0.50 4.47
N LEU A 2183 16.40 -1.47 3.81
CA LEU A 2183 17.14 -2.27 2.85
C LEU A 2183 17.46 -1.48 1.59
N LEU A 2184 16.72 -0.41 1.31
CA LEU A 2184 17.16 0.46 0.22
C LEU A 2184 17.94 1.68 0.72
N GLU A 2185 18.07 1.87 2.03
CA GLU A 2185 18.88 2.95 2.60
C GLU A 2185 20.32 2.50 2.82
N LEU A 2186 20.51 1.44 3.62
CA LEU A 2186 21.85 0.87 3.80
C LEU A 2186 22.43 0.31 2.52
N GLU A 2187 21.58 -0.09 1.58
CA GLU A 2187 22.00 -0.44 0.22
C GLU A 2187 21.38 0.59 -0.69
N PRO A 2188 22.04 1.74 -0.90
CA PRO A 2188 21.37 2.88 -1.53
C PRO A 2188 21.10 2.70 -3.01
N GLU A 2189 21.83 1.83 -3.69
CA GLU A 2189 21.55 1.59 -5.10
C GLU A 2189 21.56 0.09 -5.39
N THR A 2190 22.15 -0.73 -4.52
CA THR A 2190 22.48 -2.09 -4.88
C THR A 2190 21.32 -3.08 -4.70
N ALA A 2191 20.15 -2.61 -4.26
CA ALA A 2191 18.96 -3.46 -4.23
C ALA A 2191 18.10 -3.17 -5.45
N LYS A 2192 17.51 -4.22 -6.01
CA LYS A 2192 16.68 -4.08 -7.22
C LYS A 2192 15.55 -5.10 -7.13
N PHE A 2193 14.32 -4.62 -6.98
CA PHE A 2193 13.17 -5.49 -6.78
C PHE A 2193 12.51 -5.81 -8.11
N GLY A 2194 12.05 -7.06 -8.24
CA GLY A 2194 11.66 -7.60 -9.52
C GLY A 2194 10.15 -7.71 -9.72
N LYS A 2195 9.80 -8.11 -10.93
CA LYS A 2195 8.41 -8.30 -11.33
C LYS A 2195 7.78 -9.47 -10.57
N PRO A 2196 6.47 -9.44 -10.36
CA PRO A 2196 5.83 -10.51 -9.59
C PRO A 2196 5.85 -11.86 -10.30
N GLU A 2197 5.92 -12.90 -9.49
CA GLU A 2197 5.66 -14.26 -9.91
C GLU A 2197 4.49 -14.79 -9.10
N LYS A 2198 3.73 -15.71 -9.68
CA LYS A 2198 2.55 -16.26 -9.02
C LYS A 2198 2.82 -17.70 -8.59
N LEU A 2199 2.52 -18.00 -7.33
CA LEU A 2199 2.76 -19.32 -6.77
C LEU A 2199 1.76 -20.34 -7.32
N ALA A 2200 1.88 -21.58 -6.86
CA ALA A 2200 0.96 -22.62 -7.27
C ALA A 2200 -0.39 -22.50 -6.57
N ASP A 2201 -0.39 -21.97 -5.34
CA ASP A 2201 -1.61 -21.93 -4.53
C ASP A 2201 -2.65 -20.98 -5.11
N GLY A 2202 -2.21 -19.86 -5.65
CA GLY A 2202 -3.11 -18.89 -6.23
C GLY A 2202 -3.47 -17.72 -5.34
N ARG A 2203 -3.06 -17.74 -4.08
CA ARG A 2203 -3.22 -16.59 -3.20
C ARG A 2203 -1.91 -16.26 -2.50
N ARG A 2204 -0.80 -16.38 -3.24
CA ARG A 2204 0.53 -16.11 -2.70
C ARG A 2204 1.40 -15.54 -3.81
N VAL A 2205 2.20 -14.52 -3.47
CA VAL A 2205 3.11 -13.85 -4.40
C VAL A 2205 4.52 -13.92 -3.84
N ARG A 2206 5.52 -14.01 -4.73
CA ARG A 2206 6.92 -14.02 -4.34
C ARG A 2206 7.64 -12.87 -5.05
N VAL A 2207 8.78 -12.45 -4.49
CA VAL A 2207 9.29 -11.08 -4.65
C VAL A 2207 10.70 -11.05 -5.24
N THR A 2208 11.65 -11.80 -4.64
CA THR A 2208 13.04 -11.92 -5.08
C THR A 2208 13.78 -10.57 -5.09
N VAL A 2209 14.15 -10.10 -3.89
CA VAL A 2209 15.16 -9.04 -3.75
C VAL A 2209 16.45 -9.46 -4.44
N ASP A 2210 17.14 -8.48 -5.05
CA ASP A 2210 18.45 -8.71 -5.65
C ASP A 2210 19.44 -7.69 -5.09
N VAL A 2211 20.01 -7.98 -3.92
CA VAL A 2211 21.07 -7.17 -3.36
C VAL A 2211 22.34 -7.52 -4.12
N PHE A 2212 22.88 -6.57 -4.88
CA PHE A 2212 23.90 -6.87 -5.87
C PHE A 2212 25.22 -7.27 -5.21
N CYS A 2213 25.75 -8.43 -5.60
CA CYS A 2213 27.01 -9.00 -5.12
C CYS A 2213 27.02 -9.22 -3.61
N LYS A 2214 25.84 -9.40 -3.01
CA LYS A 2214 25.74 -9.75 -1.60
C LYS A 2214 24.73 -10.86 -1.32
N GLY A 2215 23.75 -11.08 -2.20
CA GLY A 2215 22.77 -12.12 -1.96
C GLY A 2215 21.38 -11.84 -2.49
N THR A 2216 20.79 -12.82 -3.16
CA THR A 2216 19.46 -12.73 -3.75
C THR A 2216 18.47 -13.51 -2.90
N PHE A 2217 17.50 -12.82 -2.32
CA PHE A 2217 16.60 -13.43 -1.35
C PHE A 2217 15.16 -13.20 -1.76
N ARG A 2218 14.30 -14.15 -1.41
CA ARG A 2218 12.91 -14.12 -1.83
C ARG A 2218 12.02 -14.47 -0.65
N GLY A 2219 10.81 -13.90 -0.65
CA GLY A 2219 9.85 -14.17 0.39
C GLY A 2219 8.45 -14.17 -0.18
N ILE A 2220 7.53 -14.80 0.57
CA ILE A 2220 6.16 -14.98 0.10
C ILE A 2220 5.20 -14.22 1.00
N GLY A 2221 4.04 -13.91 0.44
CA GLY A 2221 3.00 -13.22 1.17
C GLY A 2221 1.73 -13.18 0.35
N ARG A 2222 0.69 -12.64 0.98
CA ARG A 2222 -0.63 -12.60 0.35
C ARG A 2222 -0.65 -11.64 -0.85
N ASN A 2223 -0.35 -10.37 -0.60
CA ASN A 2223 -0.32 -9.37 -1.66
C ASN A 2223 1.11 -8.92 -1.90
N TYR A 2224 1.30 -7.95 -2.79
CA TYR A 2224 2.63 -7.45 -3.11
C TYR A 2224 3.27 -6.70 -1.96
N ARG A 2225 2.48 -5.96 -1.18
CA ARG A 2225 3.03 -5.11 -0.13
C ARG A 2225 3.66 -5.94 0.99
N ILE A 2226 2.91 -6.92 1.51
CA ILE A 2226 3.40 -7.73 2.63
C ILE A 2226 4.55 -8.63 2.17
N ALA A 2227 4.45 -9.17 0.96
CA ALA A 2227 5.52 -10.04 0.45
C ALA A 2227 6.81 -9.26 0.20
N LYS A 2228 6.70 -8.06 -0.36
CA LYS A 2228 7.88 -7.22 -0.57
C LYS A 2228 8.51 -6.81 0.75
N CYS A 2229 7.66 -6.47 1.73
CA CYS A 2229 8.17 -6.12 3.06
C CYS A 2229 8.91 -7.28 3.71
N THR A 2230 8.38 -8.50 3.61
CA THR A 2230 9.05 -9.62 4.26
C THR A 2230 10.30 -10.07 3.51
N ALA A 2231 10.33 -9.95 2.19
CA ALA A 2231 11.55 -10.32 1.46
C ALA A 2231 12.68 -9.34 1.74
N ALA A 2232 12.39 -8.04 1.76
CA ALA A 2232 13.41 -7.08 2.17
C ALA A 2232 13.77 -7.24 3.65
N LYS A 2233 12.82 -7.67 4.49
CA LYS A 2233 13.11 -7.90 5.90
C LYS A 2233 14.07 -9.07 6.09
N CYS A 2234 13.92 -10.13 5.29
CA CYS A 2234 14.85 -11.25 5.42
C CYS A 2234 16.22 -10.89 4.87
N ALA A 2235 16.27 -10.05 3.83
CA ALA A 2235 17.57 -9.54 3.37
C ALA A 2235 18.27 -8.73 4.45
N LEU A 2236 17.51 -7.87 5.14
CA LEU A 2236 18.08 -7.12 6.25
C LEU A 2236 18.54 -8.02 7.39
N ARG A 2237 17.74 -9.04 7.73
CA ARG A 2237 18.06 -9.95 8.82
C ARG A 2237 19.24 -10.86 8.51
N GLN A 2238 19.51 -11.14 7.24
CA GLN A 2238 20.63 -11.99 6.87
C GLN A 2238 21.92 -11.22 6.60
N LEU A 2239 21.84 -10.01 6.02
CA LEU A 2239 23.07 -9.27 5.73
C LEU A 2239 23.61 -8.49 6.92
N LYS A 2240 23.20 -8.83 8.15
CA LYS A 2240 23.85 -8.32 9.33
C LYS A 2240 24.91 -9.33 9.82
N ALA D 132 49.25 33.71 -16.17
CA ALA D 132 48.33 32.71 -16.67
C ALA D 132 47.63 31.98 -15.52
N MET D 133 48.39 31.67 -14.48
CA MET D 133 47.82 31.04 -13.28
C MET D 133 46.90 32.01 -12.53
N LYS D 134 47.09 33.31 -12.72
CA LYS D 134 46.15 34.28 -12.18
C LYS D 134 44.84 34.26 -12.95
N THR D 135 43.74 34.39 -12.21
CA THR D 135 42.42 34.41 -12.82
C THR D 135 42.21 35.72 -13.58
N PRO D 136 41.33 35.74 -14.60
CA PRO D 136 41.05 37.00 -15.30
C PRO D 136 40.44 38.08 -14.42
N VAL D 137 39.80 37.74 -13.31
CA VAL D 137 39.38 38.75 -12.33
C VAL D 137 40.60 39.44 -11.75
N SER D 138 41.57 38.65 -11.29
CA SER D 138 42.80 39.23 -10.75
C SER D 138 43.68 39.81 -11.86
N ILE D 139 43.57 39.30 -13.08
CA ILE D 139 44.28 39.90 -14.21
C ILE D 139 43.76 41.30 -14.48
N LEU D 140 42.44 41.46 -14.48
CA LEU D 140 41.84 42.78 -14.65
C LEU D 140 42.18 43.70 -13.49
N GLN D 141 42.19 43.16 -12.26
CA GLN D 141 42.55 43.96 -11.09
C GLN D 141 44.01 44.44 -11.17
N GLU D 142 44.92 43.57 -11.60
CA GLU D 142 46.32 43.95 -11.76
C GLU D 142 46.48 44.99 -12.87
N LEU D 143 45.76 44.82 -13.97
CA LEU D 143 45.85 45.77 -15.08
C LEU D 143 45.29 47.13 -14.70
N LEU D 144 44.24 47.15 -13.89
CA LEU D 144 43.62 48.40 -13.44
C LEU D 144 44.31 49.01 -12.22
N SER D 145 45.19 48.27 -11.55
CA SER D 145 45.87 48.80 -10.36
C SER D 145 46.89 49.88 -10.68
N ARG D 146 47.19 50.13 -11.95
CA ARG D 146 48.14 51.16 -12.35
C ARG D 146 47.62 52.58 -12.13
N ARG D 147 46.33 52.75 -11.82
CA ARG D 147 45.76 54.07 -11.54
C ARG D 147 44.82 54.04 -10.35
N GLY D 148 45.03 53.12 -9.41
CA GLY D 148 44.13 52.99 -8.28
C GLY D 148 42.88 52.23 -8.66
N ILE D 149 41.73 52.89 -8.52
CA ILE D 149 40.40 52.49 -8.98
C ILE D 149 39.85 51.28 -8.20
N THR D 150 38.63 51.41 -7.69
CA THR D 150 37.94 50.27 -7.08
C THR D 150 36.82 49.81 -8.02
N PRO D 151 36.93 48.63 -8.63
CA PRO D 151 35.92 48.19 -9.60
C PRO D 151 34.56 47.96 -8.95
N GLY D 152 33.52 48.07 -9.77
CA GLY D 152 32.16 47.81 -9.34
C GLY D 152 31.63 46.53 -9.96
N TYR D 153 31.38 45.55 -9.11
CA TYR D 153 30.77 44.29 -9.52
C TYR D 153 29.36 44.22 -8.94
N GLU D 154 28.38 43.96 -9.80
CA GLU D 154 26.99 43.87 -9.37
C GLU D 154 26.31 42.74 -10.12
N LEU D 155 25.87 41.72 -9.39
CA LEU D 155 25.05 40.66 -9.97
C LEU D 155 23.70 41.27 -10.29
N VAL D 156 23.36 41.32 -11.57
CA VAL D 156 22.15 42.03 -11.99
C VAL D 156 21.07 41.06 -12.41
N GLN D 157 21.41 39.99 -13.11
CA GLN D 157 20.42 39.19 -13.83
C GLN D 157 20.65 37.70 -13.58
N ILE D 158 19.84 37.08 -12.73
CA ILE D 158 19.82 35.64 -12.59
C ILE D 158 18.55 35.11 -13.25
N GLU D 159 18.72 34.09 -14.09
CA GLU D 159 17.60 33.22 -14.45
C GLU D 159 17.61 32.10 -13.42
N GLY D 160 16.77 32.22 -12.41
CA GLY D 160 16.57 31.16 -11.45
C GLY D 160 15.58 30.16 -11.99
N ALA D 161 16.01 29.38 -12.98
CA ALA D 161 15.11 28.52 -13.74
C ALA D 161 14.93 27.19 -13.01
N ILE D 162 14.36 26.21 -13.72
CA ILE D 162 13.87 25.00 -13.07
C ILE D 162 15.00 24.01 -12.74
N HIS D 163 16.09 23.98 -13.53
CA HIS D 163 17.21 23.12 -13.15
C HIS D 163 18.59 23.72 -13.36
N GLU D 164 18.74 24.89 -14.00
CA GLU D 164 20.03 25.55 -14.14
C GLU D 164 19.91 26.98 -13.63
N PRO D 165 20.52 27.29 -12.49
CA PRO D 165 20.51 28.68 -12.01
C PRO D 165 21.61 29.49 -12.68
N THR D 166 21.26 30.37 -13.61
CA THR D 166 22.28 31.08 -14.36
C THR D 166 22.42 32.49 -13.83
N PHE D 167 23.65 32.89 -13.55
CA PHE D 167 23.95 34.19 -12.96
C PHE D 167 24.53 35.11 -14.02
N ARG D 168 24.30 36.42 -13.82
CA ARG D 168 24.81 37.44 -14.72
C ARG D 168 25.19 38.66 -13.90
N PHE D 169 26.48 38.96 -13.90
CA PHE D 169 27.06 40.14 -13.28
C PHE D 169 27.27 41.23 -14.32
N ARG D 170 27.53 42.44 -13.83
CA ARG D 170 27.88 43.54 -14.70
C ARG D 170 29.00 44.34 -14.07
N VAL D 171 30.05 44.60 -14.83
CA VAL D 171 31.25 45.26 -14.34
C VAL D 171 31.27 46.70 -14.83
N SER D 172 31.54 47.62 -13.91
CA SER D 172 31.55 49.03 -14.19
C SER D 172 32.98 49.56 -14.18
N PHE D 173 33.11 50.84 -14.55
CA PHE D 173 34.41 51.53 -14.48
C PHE D 173 34.10 52.99 -14.16
N LYS D 174 34.02 53.29 -12.86
CA LYS D 174 33.76 54.61 -12.26
C LYS D 174 32.41 55.21 -12.64
N ASP D 175 31.94 56.20 -11.90
CA ASP D 175 30.59 56.73 -12.11
C ASP D 175 30.56 58.17 -12.60
N LYS D 176 31.71 58.81 -12.79
CA LYS D 176 31.75 60.23 -13.15
C LYS D 176 32.00 60.46 -14.64
N ASP D 177 33.11 59.95 -15.17
CA ASP D 177 33.47 60.17 -16.56
C ASP D 177 33.80 58.85 -17.25
N THR D 178 33.52 58.80 -18.56
CA THR D 178 33.69 57.62 -19.43
C THR D 178 33.02 56.37 -18.88
N PHE D 180 32.92 53.06 -18.72
CA PHE D 180 33.03 51.73 -19.28
C PHE D 180 32.26 50.73 -18.43
N THR D 181 31.51 49.83 -19.08
CA THR D 181 30.72 48.84 -18.38
C THR D 181 30.47 47.66 -19.31
N ALA D 182 30.80 46.46 -18.84
CA ALA D 182 30.56 45.24 -19.58
C ALA D 182 29.65 44.32 -18.78
N MET D 183 29.23 43.24 -19.42
CA MET D 183 28.35 42.25 -18.80
C MET D 183 29.01 40.88 -18.81
N GLY D 184 28.55 40.01 -17.92
CA GLY D 184 29.11 38.68 -17.83
C GLY D 184 28.13 37.63 -17.38
N ALA D 185 28.07 36.52 -18.12
CA ALA D 185 27.13 35.45 -17.88
C ALA D 185 27.87 34.20 -17.41
N GLY D 186 27.17 33.35 -16.67
CA GLY D 186 27.74 32.08 -16.28
C GLY D 186 26.74 31.23 -15.52
N ARG D 187 27.18 30.01 -15.23
CA ARG D 187 26.39 29.09 -14.42
C ARG D 187 26.69 29.25 -12.92
N SER D 188 27.92 29.58 -12.58
CA SER D 188 28.33 29.83 -11.21
C SER D 188 28.81 31.26 -11.07
N LYS D 189 28.73 31.79 -9.85
CA LYS D 189 29.03 33.20 -9.64
C LYS D 189 30.52 33.50 -9.80
N LYS D 190 31.39 32.56 -9.46
CA LYS D 190 32.81 32.72 -9.75
C LYS D 190 33.07 32.76 -11.25
N GLU D 191 32.40 31.88 -12.01
CA GLU D 191 32.51 31.91 -13.46
C GLU D 191 31.83 33.12 -14.06
N ALA D 192 30.78 33.65 -13.41
CA ALA D 192 30.16 34.88 -13.87
C ALA D 192 31.10 36.06 -13.72
N LYS D 193 31.78 36.16 -12.57
CA LYS D 193 32.79 37.19 -12.38
C LYS D 193 33.94 37.03 -13.37
N HIS D 194 34.34 35.78 -13.63
CA HIS D 194 35.41 35.51 -14.59
C HIS D 194 35.03 35.93 -16.00
N ALA D 195 33.80 35.62 -16.42
CA ALA D 195 33.38 35.97 -17.78
C ALA D 195 33.18 37.47 -17.92
N ALA D 196 32.68 38.13 -16.86
CA ALA D 196 32.57 39.58 -16.87
C ALA D 196 33.94 40.24 -16.95
N ALA D 197 34.93 39.70 -16.22
CA ALA D 197 36.28 40.24 -16.28
C ALA D 197 36.91 39.98 -17.64
N ARG D 198 36.61 38.84 -18.25
CA ARG D 198 37.11 38.56 -19.59
C ARG D 198 36.52 39.52 -20.63
N ALA D 199 35.22 39.80 -20.50
CA ALA D 199 34.57 40.77 -21.39
C ALA D 199 35.14 42.17 -21.20
N LEU D 200 35.37 42.57 -19.94
CA LEU D 200 35.93 43.90 -19.67
C LEU D 200 37.38 44.00 -20.13
N ILE D 201 38.15 42.92 -20.01
CA ILE D 201 39.53 42.90 -20.51
C ILE D 201 39.56 42.99 -22.03
N ASP D 202 38.69 42.24 -22.70
CA ASP D 202 38.65 42.30 -24.16
C ASP D 202 38.08 43.62 -24.66
N LYS D 203 37.26 44.29 -23.84
CA LYS D 203 36.81 45.64 -24.19
C LYS D 203 37.92 46.67 -23.99
N LEU D 204 38.73 46.51 -22.93
CA LEU D 204 39.85 47.42 -22.72
C LEU D 204 40.92 47.24 -23.79
N ILE D 205 41.18 45.99 -24.19
CA ILE D 205 42.16 45.70 -25.22
C ILE D 205 41.62 46.11 -26.58
N THR D 358 13.36 -36.52 -23.11
CA THR D 358 13.92 -35.75 -24.22
C THR D 358 15.35 -36.17 -24.51
N GLN D 359 16.29 -35.72 -23.66
CA GLN D 359 17.69 -36.08 -23.86
C GLN D 359 17.97 -37.54 -23.50
N HIS D 360 17.11 -38.16 -22.68
CA HIS D 360 17.28 -39.57 -22.35
C HIS D 360 16.97 -40.44 -23.56
N SER D 361 16.06 -40.02 -24.43
CA SER D 361 15.86 -40.69 -25.71
C SER D 361 17.06 -40.53 -26.62
N ASN D 362 17.75 -39.38 -26.53
CA ASN D 362 19.00 -39.23 -27.28
C ASN D 362 20.08 -40.14 -26.73
N LYS D 363 20.09 -40.38 -25.41
CA LYS D 363 20.98 -41.38 -24.83
C LYS D 363 20.64 -42.78 -25.32
N VAL D 364 19.34 -43.07 -25.46
CA VAL D 364 18.89 -44.35 -26.03
C VAL D 364 19.39 -44.51 -27.46
N SER D 365 19.26 -43.47 -28.27
CA SER D 365 19.71 -43.53 -29.65
C SER D 365 21.23 -43.65 -29.74
N GLN D 366 21.97 -42.94 -28.88
CA GLN D 366 23.43 -43.08 -28.86
C GLN D 366 23.85 -44.47 -28.42
N PHE D 367 23.08 -45.09 -27.53
CA PHE D 367 23.31 -46.49 -27.20
C PHE D 367 23.06 -47.38 -28.40
N HIS D 368 22.04 -47.06 -29.19
CA HIS D 368 21.77 -47.84 -30.41
C HIS D 368 22.91 -47.72 -31.41
N LYS D 369 23.49 -46.53 -31.58
CA LYS D 369 24.64 -46.46 -32.50
C LYS D 369 25.92 -47.05 -31.91
N THR D 370 26.13 -46.98 -30.59
CA THR D 370 27.35 -47.59 -30.05
C THR D 370 27.20 -49.09 -29.88
N LEU D 371 25.99 -49.62 -30.08
CA LEU D 371 25.84 -51.04 -30.34
C LEU D 371 25.86 -51.34 -31.84
N LYS D 372 25.57 -50.33 -32.66
CA LYS D 372 25.56 -50.51 -34.11
C LYS D 372 26.98 -50.55 -34.68
N ASN D 373 27.93 -49.86 -34.06
CA ASN D 373 29.28 -49.81 -34.62
C ASN D 373 30.01 -51.15 -34.54
N ALA D 374 29.54 -52.07 -33.70
CA ALA D 374 29.97 -53.45 -33.80
C ALA D 374 29.33 -54.06 -35.04
N THR D 375 30.05 -54.03 -36.15
CA THR D 375 29.51 -54.39 -37.46
C THR D 375 29.92 -55.80 -37.91
N GLY D 376 30.01 -56.74 -36.97
CA GLY D 376 30.36 -58.09 -37.32
C GLY D 376 29.24 -58.82 -38.02
N LYS D 377 29.59 -59.98 -38.60
CA LYS D 377 28.62 -60.78 -39.34
C LYS D 377 27.71 -61.61 -38.43
N LYS D 378 28.07 -61.75 -37.15
CA LYS D 378 27.19 -62.47 -36.21
C LYS D 378 25.89 -61.74 -36.00
N LEU D 379 25.92 -60.41 -36.01
CA LEU D 379 24.71 -59.62 -35.82
C LEU D 379 23.77 -59.78 -37.01
N LEU D 380 24.31 -59.77 -38.23
CA LEU D 380 23.51 -60.02 -39.43
C LEU D 380 23.00 -61.45 -39.47
N LYS D 381 23.80 -62.41 -38.98
CA LYS D 381 23.34 -63.79 -38.91
C LYS D 381 22.19 -63.95 -37.93
N LEU D 382 22.26 -63.26 -36.79
CA LEU D 382 21.16 -63.31 -35.84
C LEU D 382 19.92 -62.59 -36.37
N GLN D 383 20.12 -61.55 -37.19
CA GLN D 383 18.96 -60.87 -37.77
C GLN D 383 18.28 -61.71 -38.84
N LYS D 384 19.07 -62.32 -39.74
CA LYS D 384 18.47 -63.01 -40.88
C LYS D 384 17.89 -64.36 -40.50
N THR D 385 18.62 -65.13 -39.70
CA THR D 385 18.17 -66.47 -39.32
C THR D 385 17.11 -66.40 -38.23
N CYS D 386 16.07 -67.20 -38.38
CA CYS D 386 15.08 -67.36 -37.34
C CYS D 386 15.69 -68.09 -36.16
N LEU D 387 15.55 -67.54 -34.96
CA LEU D 387 16.21 -68.06 -33.78
C LEU D 387 15.29 -68.91 -32.91
N LYS D 388 14.41 -69.68 -33.53
CA LYS D 388 13.66 -70.70 -32.79
C LYS D 388 14.57 -71.79 -32.27
N ASN D 389 15.70 -72.03 -32.94
CA ASN D 389 16.62 -73.08 -32.53
C ASN D 389 17.36 -72.69 -31.26
N ASN D 390 17.33 -73.57 -30.27
CA ASN D 390 18.06 -73.40 -29.02
C ASN D 390 19.27 -74.33 -28.95
N LYS D 391 19.64 -74.96 -30.07
CA LYS D 391 20.72 -75.94 -30.07
C LYS D 391 22.10 -75.30 -29.93
N ILE D 392 22.22 -74.01 -30.23
CA ILE D 392 23.51 -73.33 -30.15
C ILE D 392 23.92 -73.17 -28.70
N ASP D 393 25.23 -73.09 -28.47
CA ASP D 393 25.75 -72.77 -27.15
C ASP D 393 25.88 -71.26 -27.04
N TYR D 394 25.01 -70.65 -26.24
CA TYR D 394 24.87 -69.19 -26.24
C TYR D 394 26.03 -68.48 -25.56
N ILE D 395 26.78 -69.16 -24.70
CA ILE D 395 27.81 -68.48 -23.93
C ILE D 395 28.99 -68.06 -24.82
N LYS D 396 29.35 -68.89 -25.79
CA LYS D 396 30.42 -68.51 -26.71
C LYS D 396 29.97 -67.43 -27.68
N LEU D 397 28.69 -67.42 -28.05
CA LEU D 397 28.18 -66.38 -28.94
C LEU D 397 28.09 -65.04 -28.22
N LEU D 398 27.66 -65.03 -26.95
CA LEU D 398 27.63 -63.78 -26.21
C LEU D 398 29.04 -63.30 -25.88
N GLY D 399 29.98 -64.23 -25.66
CA GLY D 399 31.36 -63.84 -25.49
C GLY D 399 31.94 -63.22 -26.75
N GLU D 400 31.61 -63.78 -27.92
CA GLU D 400 32.04 -63.21 -29.19
C GLU D 400 31.44 -61.83 -29.43
N ILE D 401 30.18 -61.63 -29.05
CA ILE D 401 29.55 -60.33 -29.24
C ILE D 401 30.12 -59.30 -28.25
N ALA D 402 30.35 -59.72 -27.01
CA ALA D 402 30.93 -58.83 -26.01
C ALA D 402 32.34 -58.40 -26.38
N THR D 403 33.16 -59.35 -26.86
CA THR D 403 34.47 -58.99 -27.38
C THR D 403 34.39 -58.23 -28.70
N GLU D 404 33.29 -58.36 -29.43
CA GLU D 404 33.12 -57.62 -30.67
C GLU D 404 32.89 -56.14 -30.40
N ASN D 405 32.07 -55.81 -29.39
CA ASN D 405 31.83 -54.43 -29.01
C ASN D 405 32.55 -54.05 -27.72
N GLN D 406 33.66 -54.73 -27.41
CA GLN D 406 34.57 -54.40 -26.31
C GLN D 406 33.88 -54.42 -24.94
N PHE D 407 32.99 -55.37 -24.75
CA PHE D 407 32.29 -55.54 -23.48
C PHE D 407 32.72 -56.85 -22.83
N GLU D 408 32.34 -57.01 -21.56
CA GLU D 408 32.62 -58.22 -20.82
C GLU D 408 31.45 -58.52 -19.90
N VAL D 409 31.14 -59.80 -19.73
CA VAL D 409 29.96 -60.24 -19.00
C VAL D 409 30.37 -60.73 -17.62
N THR D 410 29.39 -60.78 -16.72
CA THR D 410 29.61 -61.25 -15.35
C THR D 410 28.38 -61.98 -14.86
N TYR D 411 28.54 -63.23 -14.44
CA TYR D 411 27.42 -64.04 -13.97
C TYR D 411 27.36 -64.04 -12.45
N VAL D 412 26.18 -63.79 -11.90
CA VAL D 412 25.94 -63.85 -10.46
C VAL D 412 24.74 -64.78 -10.26
N ASP D 413 25.00 -65.98 -9.77
CA ASP D 413 23.93 -66.93 -9.46
C ASP D 413 23.59 -66.80 -7.98
N ILE D 414 22.33 -66.52 -7.68
CA ILE D 414 21.93 -66.33 -6.30
C ILE D 414 21.91 -67.68 -5.60
N GLU D 415 22.63 -67.77 -4.47
CA GLU D 415 22.73 -69.03 -3.74
C GLU D 415 21.44 -69.38 -3.03
N GLU D 416 20.66 -68.38 -2.63
CA GLU D 416 19.41 -68.62 -1.95
C GLU D 416 18.36 -69.15 -2.92
N LYS D 417 17.45 -69.96 -2.40
CA LYS D 417 16.52 -70.74 -3.20
C LYS D 417 15.18 -70.03 -3.32
N THR D 418 14.56 -70.14 -4.48
CA THR D 418 13.24 -69.58 -4.71
C THR D 418 12.18 -70.45 -4.03
N PHE D 419 10.95 -69.92 -3.99
CA PHE D 419 9.82 -70.69 -3.49
C PHE D 419 9.46 -71.84 -4.42
N SER D 420 9.81 -71.75 -5.70
CA SER D 420 9.61 -72.85 -6.63
C SER D 420 10.75 -73.85 -6.61
N GLY D 421 11.77 -73.63 -5.79
CA GLY D 421 12.88 -74.58 -5.67
C GLY D 421 13.75 -74.71 -6.90
N GLN D 422 14.10 -73.58 -7.50
CA GLN D 422 14.95 -73.58 -8.69
C GLN D 422 15.99 -72.48 -8.57
N PHE D 423 17.13 -72.68 -9.24
CA PHE D 423 18.19 -71.69 -9.24
C PHE D 423 17.83 -70.50 -10.13
N GLN D 424 18.37 -69.34 -9.76
CA GLN D 424 18.17 -68.10 -10.49
C GLN D 424 19.49 -67.35 -10.56
N CYS D 425 19.79 -66.79 -11.73
CA CYS D 425 21.03 -66.08 -11.96
C CYS D 425 20.75 -64.81 -12.76
N LEU D 426 21.66 -63.83 -12.58
CA LEU D 426 21.58 -62.54 -13.24
C LEU D 426 22.94 -62.25 -13.86
N VAL D 427 22.94 -61.78 -15.11
CA VAL D 427 24.17 -61.51 -15.85
C VAL D 427 24.29 -60.00 -16.06
N GLN D 428 25.49 -59.47 -15.82
CA GLN D 428 25.74 -58.05 -15.87
C GLN D 428 26.70 -57.73 -17.01
N LEU D 429 26.35 -56.70 -17.78
CA LEU D 429 27.11 -56.22 -18.92
C LEU D 429 27.48 -54.75 -18.69
N SER D 430 28.72 -54.41 -19.04
CA SER D 430 29.27 -53.07 -18.82
C SER D 430 28.86 -52.16 -19.97
N THR D 431 27.58 -51.81 -19.97
CA THR D 431 26.98 -50.96 -20.99
C THR D 431 26.91 -49.51 -20.46
N LEU D 432 26.19 -48.66 -21.20
CA LEU D 432 26.02 -47.25 -20.82
C LEU D 432 24.54 -46.93 -20.70
N PRO D 433 23.98 -47.01 -19.48
CA PRO D 433 24.57 -47.44 -18.21
C PRO D 433 24.62 -48.96 -18.13
N VAL D 434 25.24 -49.55 -17.10
CA VAL D 434 25.43 -50.99 -17.06
C VAL D 434 24.08 -51.69 -16.91
N GLY D 435 23.98 -52.88 -17.50
CA GLY D 435 22.72 -53.57 -17.59
C GLY D 435 22.81 -54.96 -16.99
N VAL D 436 21.67 -55.45 -16.51
CA VAL D 436 21.58 -56.78 -15.94
C VAL D 436 20.40 -57.50 -16.59
N CYS D 437 20.63 -58.72 -17.05
CA CYS D 437 19.61 -59.61 -17.59
C CYS D 437 19.40 -60.78 -16.64
N HIS D 438 18.35 -61.56 -16.93
CA HIS D 438 17.77 -62.51 -15.99
C HIS D 438 17.74 -63.91 -16.58
N GLY D 439 17.83 -64.91 -15.71
CA GLY D 439 17.60 -66.29 -16.12
C GLY D 439 17.37 -67.16 -14.91
N SER D 440 16.59 -68.23 -15.11
CA SER D 440 16.35 -69.16 -14.02
C SER D 440 16.08 -70.54 -14.61
N GLY D 441 16.32 -71.56 -13.78
CA GLY D 441 16.10 -72.93 -14.20
C GLY D 441 16.27 -73.88 -13.04
N PRO D 442 15.90 -75.14 -13.23
CA PRO D 442 16.02 -76.14 -12.15
C PRO D 442 17.46 -76.37 -11.70
N THR D 443 18.42 -76.25 -12.60
CA THR D 443 19.84 -76.29 -12.25
C THR D 443 20.44 -74.90 -12.40
N ALA D 444 21.63 -74.73 -11.84
CA ALA D 444 22.38 -73.50 -12.09
C ALA D 444 22.81 -73.40 -13.54
N ALA D 445 23.11 -74.54 -14.18
CA ALA D 445 23.40 -74.55 -15.60
C ALA D 445 22.18 -74.16 -16.42
N ASP D 446 20.99 -74.61 -16.00
CA ASP D 446 19.76 -74.22 -16.68
C ASP D 446 19.49 -72.73 -16.54
N ALA D 447 19.74 -72.18 -15.34
CA ALA D 447 19.59 -70.74 -15.13
C ALA D 447 20.56 -69.94 -15.97
N GLN D 448 21.82 -70.40 -16.03
CA GLN D 448 22.84 -69.73 -16.82
C GLN D 448 22.52 -69.81 -18.31
N ARG D 449 22.02 -70.95 -18.79
CA ARG D 449 21.64 -71.09 -20.18
C ARG D 449 20.43 -70.23 -20.53
N HIS D 450 19.48 -70.11 -19.60
CA HIS D 450 18.31 -69.26 -19.84
C HIS D 450 18.70 -67.80 -19.91
N ALA D 451 19.58 -67.35 -19.00
CA ALA D 451 20.08 -65.98 -19.06
C ALA D 451 20.91 -65.75 -20.32
N ALA D 452 21.66 -66.75 -20.75
CA ALA D 452 22.46 -66.64 -21.96
C ALA D 452 21.58 -66.54 -23.21
N GLN D 453 20.50 -67.32 -23.27
CA GLN D 453 19.56 -67.22 -24.39
C GLN D 453 18.84 -65.89 -24.38
N ASN D 454 18.53 -65.37 -23.17
CA ASN D 454 17.97 -64.04 -23.04
C ASN D 454 18.93 -62.98 -23.59
N ALA D 455 20.22 -63.11 -23.29
CA ALA D 455 21.23 -62.22 -23.84
C ALA D 455 21.35 -62.34 -25.35
N LEU D 456 21.18 -63.56 -25.89
CA LEU D 456 21.29 -63.77 -27.32
C LEU D 456 20.17 -63.08 -28.08
N GLU D 457 18.92 -63.33 -27.67
CA GLU D 457 17.78 -62.68 -28.33
C GLU D 457 17.74 -61.19 -28.04
N TYR D 458 18.23 -60.79 -26.87
CA TYR D 458 18.45 -59.41 -26.47
C TYR D 458 19.30 -58.65 -27.48
N LEU D 459 20.51 -59.17 -27.73
CA LEU D 459 21.42 -58.55 -28.68
C LEU D 459 20.90 -58.68 -30.10
N LYS D 460 20.10 -59.72 -30.37
CA LYS D 460 19.46 -59.84 -31.67
C LYS D 460 18.49 -58.69 -31.92
N ILE D 461 17.66 -58.36 -30.92
CA ILE D 461 16.61 -57.39 -31.21
C ILE D 461 17.18 -55.96 -31.17
N MET D 462 18.14 -55.66 -30.29
CA MET D 462 18.95 -54.46 -30.50
C MET D 462 20.09 -54.60 -31.48
N THR D 463 20.06 -55.58 -32.38
CA THR D 463 20.70 -55.40 -33.67
C THR D 463 19.68 -55.36 -34.80
N LYS D 464 18.40 -55.22 -34.47
CA LYS D 464 17.35 -54.98 -35.44
C LYS D 464 16.96 -53.52 -35.38
N LYS D 465 16.97 -52.85 -36.54
CA LYS D 465 16.64 -51.44 -36.61
C LYS D 465 15.75 -51.14 -37.80
#